data_7QX0
#
_entry.id   7QX0
#
_cell.length_a   99.921
_cell.length_b   107.627
_cell.length_c   211.637
_cell.angle_alpha   90.000
_cell.angle_beta   90.000
_cell.angle_gamma   90.000
#
_symmetry.space_group_name_H-M   'P 21 21 21'
#
loop_
_entity.id
_entity.type
_entity.pdbx_description
1 polymer 'Aminotransferase TR2'
2 non-polymer "PYRIDOXAL-5'-PHOSPHATE"
#
_entity_poly.entity_id   1
_entity_poly.type   'polypeptide(L)'
_entity_poly.pdbx_seq_one_letter_code
;MSQSQRSTADWQRLDAAHHLHPFTDYGELNTKGSRIITRAEGCYLWDSDGNQILDGMAGLWCVNIGYGRKELAEVAYRQM
QELPYYNNFFQCSHPPAIELSRLLSEVTPKHMNHVFFTGSGSDSNDTILRMVRYYWKLLGKPYKKVVISRENAYHGSTVA
GASLSGMKAMHSHGDLPIPGIEHIEQPYHFGRAPDMDPAEFGRQAAQALERKIDEIGECNVAAFIAEPIQGAGGVIIPPD
SYWPEIKRICAERDILLIVDEVITGFGRLGTWFGSQYYDLQPDLMPIAKGLSSGYMPIGGVMVSDRVAKVVIEEGGEFFH
GYTYSGHPVAAAVAAENIRIMRDEGIIERAGAEIAPYLQARWRELGEHPLVGEARGVGMVAALELVKSKQPLERFEEPGK
VGSLCRDLSVKNGLVMRAVGGTMIISPPLVLSREQVDELIDKARRTLDETHKAIGGALEHHHHHH
;
_entity_poly.pdbx_strand_id   A,B,C,D
#
# COMPACT_ATOMS: atom_id res chain seq x y z
N ILE A 36 28.57 -12.90 34.83
CA ILE A 36 28.87 -11.95 35.89
C ILE A 36 28.55 -10.53 35.43
N ILE A 37 27.56 -9.91 36.04
CA ILE A 37 27.11 -8.59 35.62
C ILE A 37 27.67 -7.53 36.55
N THR A 38 28.08 -6.40 35.97
CA THR A 38 28.47 -5.23 36.73
C THR A 38 27.26 -4.34 37.01
N ARG A 39 26.62 -3.82 35.95
CA ARG A 39 25.57 -2.84 36.07
C ARG A 39 24.35 -3.24 35.26
N ALA A 40 23.26 -2.50 35.48
CA ALA A 40 21.97 -2.77 34.88
C ALA A 40 21.09 -1.55 35.04
N GLU A 41 20.47 -1.10 33.95
CA GLU A 41 19.64 0.10 34.00
C GLU A 41 18.56 0.00 32.95
N GLY A 42 17.38 0.54 33.28
CA GLY A 42 16.24 0.41 32.41
C GLY A 42 16.00 -1.04 32.06
N CYS A 43 16.11 -1.38 30.77
CA CYS A 43 15.94 -2.76 30.33
C CYS A 43 17.26 -3.45 30.03
N TYR A 44 18.39 -2.83 30.33
CA TYR A 44 19.68 -3.31 29.83
C TYR A 44 20.57 -3.81 30.96
N LEU A 45 21.36 -4.82 30.64
CA LEU A 45 22.38 -5.37 31.53
C LEU A 45 23.74 -5.24 30.85
N TRP A 46 24.79 -5.14 31.66
CA TRP A 46 26.17 -5.09 31.18
C TRP A 46 27.03 -6.01 32.03
N ASP A 47 27.79 -6.90 31.40
CA ASP A 47 28.59 -7.86 32.16
C ASP A 47 30.00 -7.32 32.33
N SER A 48 30.89 -8.13 32.90
CA SER A 48 32.22 -7.66 33.21
C SER A 48 33.02 -7.24 31.98
N ASP A 49 32.69 -7.78 30.80
CA ASP A 49 33.43 -7.47 29.58
C ASP A 49 32.73 -6.43 28.70
N GLY A 50 31.71 -5.75 29.21
CA GLY A 50 31.16 -4.57 28.54
C GLY A 50 29.98 -4.82 27.64
N ASN A 51 29.95 -5.99 27.01
CA ASN A 51 28.74 -6.76 26.80
C ASN A 51 27.43 -6.08 27.19
N GLN A 52 26.75 -5.41 26.25
CA GLN A 52 25.42 -4.89 26.53
C GLN A 52 24.38 -5.97 26.28
N ILE A 53 23.52 -6.19 27.26
CA ILE A 53 22.54 -7.27 27.22
C ILE A 53 21.16 -6.68 27.49
N LEU A 54 20.22 -6.93 26.59
CA LEU A 54 18.82 -6.58 26.84
C LEU A 54 18.18 -7.71 27.63
N ASP A 55 17.82 -7.43 28.86
CA ASP A 55 17.09 -8.38 29.69
C ASP A 55 15.63 -8.37 29.29
N GLY A 56 15.27 -9.24 28.36
CA GLY A 56 13.88 -9.43 27.98
C GLY A 56 13.10 -10.31 28.91
N MET A 57 13.72 -10.68 30.03
CA MET A 57 13.14 -11.58 31.02
C MET A 57 12.84 -10.88 32.33
N ALA A 58 12.93 -9.54 32.35
CA ALA A 58 12.71 -8.75 33.55
C ALA A 58 13.39 -9.41 34.74
N GLY A 59 14.57 -9.96 34.52
CA GLY A 59 15.23 -10.74 35.54
C GLY A 59 14.48 -12.02 35.80
N LEU A 60 13.40 -11.93 36.59
CA LEU A 60 12.61 -13.10 36.97
C LEU A 60 11.13 -12.71 37.01
N TRP A 61 10.64 -12.19 35.87
CA TRP A 61 9.26 -11.83 35.63
C TRP A 61 8.82 -10.56 36.36
N CYS A 62 9.70 -9.95 37.16
CA CYS A 62 9.29 -8.98 38.16
C CYS A 62 9.66 -7.55 37.79
N VAL A 63 10.95 -7.25 37.55
CA VAL A 63 11.36 -5.88 37.34
C VAL A 63 10.52 -5.25 36.24
N ASN A 64 9.35 -4.71 36.62
CA ASN A 64 8.45 -4.10 35.67
C ASN A 64 8.74 -2.63 35.41
N ILE A 65 9.44 -1.95 36.32
CA ILE A 65 9.91 -0.61 36.03
C ILE A 65 11.24 -0.60 35.29
N GLY A 66 11.88 -1.76 35.18
CA GLY A 66 13.26 -1.83 34.76
C GLY A 66 14.22 -1.63 35.92
N TYR A 67 15.48 -1.91 35.67
CA TYR A 67 16.50 -1.75 36.69
C TYR A 67 16.81 -0.27 36.93
N GLY A 68 17.31 0.02 38.12
CA GLY A 68 17.94 1.30 38.38
C GLY A 68 17.04 2.51 38.43
N ARG A 69 15.80 2.36 38.89
CA ARG A 69 14.99 3.52 39.27
C ARG A 69 15.33 3.79 40.73
N LYS A 70 16.23 4.76 40.95
CA LYS A 70 16.75 5.06 42.26
C LYS A 70 15.68 5.60 43.20
N GLU A 71 14.57 6.08 42.65
CA GLU A 71 13.40 6.38 43.44
C GLU A 71 13.09 5.24 44.43
N LEU A 72 13.47 4.00 44.12
CA LEU A 72 13.19 2.90 45.04
C LEU A 72 14.20 2.79 46.18
N ALA A 73 15.50 2.91 45.87
CA ALA A 73 16.50 2.74 46.93
C ALA A 73 16.51 3.94 47.89
N GLU A 74 16.08 5.10 47.42
CA GLU A 74 15.93 6.24 48.31
C GLU A 74 14.84 5.98 49.35
N VAL A 75 13.66 5.54 48.92
CA VAL A 75 12.56 5.34 49.87
C VAL A 75 12.85 4.17 50.78
N ALA A 76 13.62 3.19 50.31
CA ALA A 76 14.00 2.10 51.20
C ALA A 76 15.06 2.56 52.18
N TYR A 77 16.05 3.31 51.69
CA TYR A 77 17.01 3.93 52.60
C TYR A 77 16.29 4.77 53.65
N ARG A 78 15.33 5.59 53.21
CA ARG A 78 14.67 6.54 54.09
C ARG A 78 13.58 5.93 54.97
N GLN A 79 13.02 4.76 54.61
CA GLN A 79 12.05 4.13 55.51
C GLN A 79 12.70 3.22 56.54
N MET A 80 13.86 2.64 56.23
CA MET A 80 14.59 1.86 57.22
C MET A 80 15.10 2.73 58.35
N GLN A 81 14.94 4.05 58.22
CA GLN A 81 15.48 5.03 59.14
C GLN A 81 14.54 5.21 60.32
N GLU A 82 13.32 5.64 60.01
CA GLU A 82 12.29 5.84 61.01
C GLU A 82 12.02 4.49 61.67
N LEU A 83 11.43 3.59 60.90
CA LEU A 83 11.11 2.24 61.36
C LEU A 83 11.78 1.22 60.47
N PRO A 84 12.81 0.52 60.95
CA PRO A 84 13.29 -0.63 60.17
C PRO A 84 12.30 -1.78 60.19
N TYR A 85 11.66 -2.03 61.33
CA TYR A 85 10.66 -3.08 61.47
C TYR A 85 9.81 -2.83 62.70
N TYR A 86 8.51 -3.08 62.58
CA TYR A 86 7.68 -3.38 63.75
C TYR A 86 6.63 -4.41 63.33
N ASN A 87 6.05 -5.05 64.36
CA ASN A 87 5.14 -6.16 64.16
C ASN A 87 4.01 -5.76 63.22
N ASN A 88 3.55 -6.72 62.45
CA ASN A 88 2.65 -6.39 61.37
C ASN A 88 1.21 -6.30 61.80
N PHE A 89 0.85 -6.78 63.00
CA PHE A 89 -0.50 -6.55 63.53
C PHE A 89 -0.81 -7.20 64.85
N PHE A 90 0.04 -8.16 65.26
CA PHE A 90 -0.19 -8.92 66.48
C PHE A 90 -0.72 -8.05 67.63
N GLN A 91 -0.04 -6.91 67.90
CA GLN A 91 -0.61 -5.85 68.71
C GLN A 91 -0.99 -4.63 67.89
N CYS A 92 -0.08 -4.21 67.02
CA CYS A 92 -0.11 -2.89 66.40
C CYS A 92 0.21 -3.00 64.92
N SER A 93 -0.15 -1.96 64.15
CA SER A 93 0.20 -1.82 62.75
C SER A 93 1.17 -0.63 62.58
N HIS A 94 1.63 -0.41 61.34
CA HIS A 94 2.56 0.69 61.06
C HIS A 94 2.28 1.26 59.68
N PRO A 95 2.66 2.51 59.42
CA PRO A 95 2.14 3.23 58.26
C PRO A 95 2.58 2.65 56.93
N PRO A 96 3.86 2.31 56.72
CA PRO A 96 4.24 1.79 55.40
C PRO A 96 3.32 0.68 54.89
N ALA A 97 2.78 -0.14 55.79
CA ALA A 97 1.91 -1.23 55.36
C ALA A 97 0.50 -0.75 55.07
N ILE A 98 -0.05 0.13 55.93
CA ILE A 98 -1.39 0.66 55.65
C ILE A 98 -1.40 1.36 54.29
N GLU A 99 -0.34 2.08 53.96
CA GLU A 99 -0.28 2.77 52.68
C GLU A 99 -0.30 1.78 51.52
N LEU A 100 0.58 0.78 51.55
CA LEU A 100 0.55 -0.25 50.50
C LEU A 100 -0.83 -0.89 50.42
N SER A 101 -1.46 -1.11 51.57
CA SER A 101 -2.77 -1.76 51.59
C SER A 101 -3.79 -0.95 50.80
N ARG A 102 -3.82 0.37 51.02
CA ARG A 102 -4.69 1.24 50.23
C ARG A 102 -4.36 1.13 48.75
N LEU A 103 -3.09 1.31 48.38
CA LEU A 103 -2.70 1.26 46.97
C LEU A 103 -3.22 0.01 46.29
N LEU A 104 -3.12 -1.15 46.94
CA LEU A 104 -3.60 -2.38 46.33
C LEU A 104 -5.12 -2.45 46.38
N SER A 105 -5.72 -1.96 47.47
CA SER A 105 -7.16 -1.73 47.48
C SER A 105 -7.59 -0.84 46.32
N GLU A 106 -6.64 -0.17 45.68
CA GLU A 106 -6.91 0.91 44.73
C GLU A 106 -6.62 0.52 43.29
N VAL A 107 -5.51 -0.15 43.03
CA VAL A 107 -5.29 -0.74 41.72
C VAL A 107 -6.26 -1.89 41.50
N THR A 108 -6.81 -2.43 42.57
CA THR A 108 -7.73 -3.56 42.50
C THR A 108 -8.85 -3.36 43.51
N PRO A 109 -9.62 -2.27 43.38
CA PRO A 109 -10.73 -2.03 44.31
C PRO A 109 -11.89 -2.99 44.05
N LYS A 110 -12.41 -2.92 42.82
CA LYS A 110 -13.48 -3.81 42.35
C LYS A 110 -14.20 -4.49 43.51
N HIS A 111 -13.93 -5.78 43.68
CA HIS A 111 -14.36 -6.53 44.85
C HIS A 111 -13.22 -6.80 45.81
N MET A 112 -12.00 -6.43 45.43
CA MET A 112 -10.81 -6.66 46.23
C MET A 112 -10.54 -5.38 47.00
N ASN A 113 -10.67 -5.45 48.31
CA ASN A 113 -10.32 -4.28 49.11
C ASN A 113 -9.62 -4.69 50.39
N HIS A 114 -9.02 -5.88 50.43
CA HIS A 114 -8.32 -6.34 51.61
C HIS A 114 -7.13 -7.18 51.19
N VAL A 115 -6.06 -7.07 51.98
CA VAL A 115 -4.82 -7.74 51.65
C VAL A 115 -4.17 -8.22 52.94
N PHE A 116 -3.91 -9.52 53.02
CA PHE A 116 -2.99 -10.10 53.98
C PHE A 116 -1.60 -10.06 53.36
N PHE A 117 -0.59 -9.70 54.15
CA PHE A 117 0.75 -9.65 53.59
C PHE A 117 1.56 -10.87 53.99
N THR A 118 2.69 -11.02 53.34
CA THR A 118 3.56 -12.18 53.56
C THR A 118 4.89 -11.91 52.87
N GLY A 119 5.82 -12.84 53.06
CA GLY A 119 7.22 -12.64 52.74
C GLY A 119 7.67 -13.09 51.38
N SER A 120 6.81 -13.77 50.63
CA SER A 120 7.17 -14.30 49.33
C SER A 120 5.87 -14.65 48.62
N GLY A 121 5.98 -15.02 47.35
CA GLY A 121 4.80 -15.41 46.60
C GLY A 121 4.36 -16.83 46.90
N SER A 122 5.31 -17.72 47.14
CA SER A 122 4.97 -19.08 47.58
C SER A 122 4.27 -19.04 48.92
N ASP A 123 4.82 -18.26 49.86
CA ASP A 123 4.18 -18.05 51.16
C ASP A 123 2.81 -17.43 51.04
N SER A 124 2.50 -16.78 49.91
CA SER A 124 1.15 -16.24 49.73
C SER A 124 0.15 -17.35 49.46
N ASN A 125 0.53 -18.34 48.64
CA ASN A 125 -0.39 -19.41 48.32
C ASN A 125 -0.67 -20.29 49.53
N ASP A 126 0.30 -20.44 50.43
CA ASP A 126 0.03 -21.14 51.69
C ASP A 126 -1.10 -20.45 52.44
N THR A 127 -1.05 -19.13 52.53
CA THR A 127 -2.14 -18.36 53.11
C THR A 127 -3.47 -18.67 52.41
N ILE A 128 -3.48 -18.60 51.08
CA ILE A 128 -4.74 -18.79 50.34
C ILE A 128 -5.32 -20.16 50.66
N LEU A 129 -4.49 -21.20 50.59
CA LEU A 129 -4.96 -22.55 50.87
C LEU A 129 -5.57 -22.64 52.27
N ARG A 130 -4.89 -22.10 53.28
CA ARG A 130 -5.41 -22.28 54.63
C ARG A 130 -6.68 -21.47 54.87
N MET A 131 -6.71 -20.22 54.41
CA MET A 131 -7.88 -19.40 54.68
C MET A 131 -9.08 -19.85 53.85
N VAL A 132 -8.84 -20.37 52.64
CA VAL A 132 -9.96 -20.84 51.83
C VAL A 132 -10.64 -22.01 52.52
N ARG A 133 -9.88 -22.79 53.30
CA ARG A 133 -10.48 -23.83 54.13
C ARG A 133 -11.14 -23.23 55.37
N TYR A 134 -10.56 -22.17 55.93
CA TYR A 134 -11.21 -21.46 57.03
C TYR A 134 -12.52 -20.81 56.57
N TYR A 135 -12.55 -20.27 55.35
CA TYR A 135 -13.79 -19.69 54.83
C TYR A 135 -14.92 -20.71 54.84
N TRP A 136 -14.68 -21.88 54.28
CA TRP A 136 -15.73 -22.89 54.23
C TRP A 136 -16.08 -23.40 55.62
N LYS A 137 -15.08 -23.52 56.50
CA LYS A 137 -15.37 -23.95 57.86
C LYS A 137 -16.41 -23.04 58.50
N LEU A 138 -16.18 -21.73 58.43
CA LEU A 138 -17.08 -20.80 59.10
C LEU A 138 -18.47 -20.80 58.49
N LEU A 139 -18.61 -21.14 57.20
CA LEU A 139 -19.94 -21.32 56.63
C LEU A 139 -20.52 -22.69 56.95
N GLY A 140 -19.83 -23.48 57.76
CA GLY A 140 -20.36 -24.76 58.21
C GLY A 140 -20.25 -25.89 57.22
N LYS A 141 -19.15 -25.93 56.45
CA LYS A 141 -18.92 -26.97 55.46
C LYS A 141 -17.45 -27.38 55.52
N PRO A 142 -17.01 -27.89 56.68
CA PRO A 142 -15.59 -28.28 56.82
C PRO A 142 -15.15 -29.34 55.84
N TYR A 143 -16.10 -29.97 55.12
CA TYR A 143 -15.73 -30.98 54.12
C TYR A 143 -15.27 -30.35 52.81
N LYS A 144 -15.71 -29.13 52.51
CA LYS A 144 -15.17 -28.41 51.35
C LYS A 144 -13.74 -28.01 51.66
N LYS A 145 -12.78 -28.86 51.32
CA LYS A 145 -11.39 -28.60 51.66
C LYS A 145 -10.45 -29.02 50.55
N VAL A 146 -10.96 -29.38 49.38
CA VAL A 146 -10.11 -29.75 48.26
C VAL A 146 -10.00 -28.58 47.30
N VAL A 147 -8.76 -28.21 47.01
CA VAL A 147 -8.44 -27.18 46.03
C VAL A 147 -7.88 -27.89 44.80
N ILE A 148 -8.33 -27.47 43.62
CA ILE A 148 -7.97 -28.12 42.37
C ILE A 148 -7.03 -27.19 41.60
N SER A 149 -5.85 -27.72 41.28
CA SER A 149 -4.88 -27.03 40.47
C SER A 149 -4.82 -27.72 39.10
N ARG A 150 -3.74 -27.48 38.37
CA ARG A 150 -3.58 -28.01 37.02
C ARG A 150 -2.18 -28.55 36.86
N GLU A 151 -2.06 -29.63 36.08
CA GLU A 151 -0.74 -30.12 35.72
C GLU A 151 0.05 -28.98 35.08
N ASN A 152 1.31 -28.85 35.48
CA ASN A 152 2.21 -27.85 34.92
C ASN A 152 1.82 -26.43 35.33
N ALA A 153 1.13 -26.30 36.46
CA ALA A 153 0.99 -25.00 37.09
C ALA A 153 2.16 -24.79 38.05
N TYR A 154 2.47 -23.53 38.31
CA TYR A 154 3.45 -23.17 39.33
C TYR A 154 2.78 -22.27 40.34
N HIS A 155 2.86 -22.65 41.61
CA HIS A 155 2.17 -21.93 42.66
C HIS A 155 3.03 -21.78 43.91
N GLY A 156 4.33 -22.02 43.82
CA GLY A 156 5.24 -21.75 44.91
C GLY A 156 6.32 -22.79 45.03
N SER A 157 7.01 -22.73 46.16
CA SER A 157 8.08 -23.66 46.50
C SER A 157 7.88 -24.31 47.86
N THR A 158 7.11 -23.70 48.75
CA THR A 158 6.79 -24.27 50.05
C THR A 158 6.21 -25.66 49.88
N VAL A 159 6.02 -26.38 50.98
CA VAL A 159 5.42 -27.71 50.91
C VAL A 159 4.02 -27.61 50.32
N ALA A 160 3.22 -26.67 50.82
CA ALA A 160 1.92 -26.44 50.21
C ALA A 160 2.08 -26.04 48.75
N GLY A 161 2.80 -24.95 48.50
CA GLY A 161 2.84 -24.36 47.16
C GLY A 161 3.32 -25.33 46.09
N ALA A 162 4.29 -26.18 46.43
CA ALA A 162 4.75 -27.17 45.46
C ALA A 162 3.69 -28.24 45.22
N SER A 163 2.80 -28.48 46.20
CA SER A 163 1.78 -29.50 46.02
C SER A 163 0.64 -29.02 45.12
N LEU A 164 0.26 -27.73 45.22
CA LEU A 164 -0.74 -27.22 44.29
C LEU A 164 -0.19 -27.12 42.88
N SER A 165 1.12 -26.92 42.73
CA SER A 165 1.68 -26.79 41.40
C SER A 165 1.95 -28.16 40.81
N GLY A 166 1.74 -28.27 39.50
CA GLY A 166 1.79 -29.56 38.83
C GLY A 166 3.03 -29.79 38.00
N MET A 167 4.17 -29.21 38.41
CA MET A 167 5.38 -29.39 37.61
C MET A 167 5.86 -30.84 37.64
N LYS A 168 5.53 -31.57 38.70
CA LYS A 168 5.91 -32.97 38.88
C LYS A 168 7.39 -33.10 39.24
N ALA A 169 8.22 -32.13 38.84
CA ALA A 169 9.61 -32.11 39.28
C ALA A 169 9.75 -31.58 40.70
N MET A 170 8.73 -30.87 41.18
CA MET A 170 8.64 -30.47 42.59
C MET A 170 7.76 -31.43 43.38
N HIS A 171 6.88 -32.18 42.71
CA HIS A 171 6.17 -33.29 43.36
C HIS A 171 7.07 -34.49 43.61
N SER A 172 8.17 -34.63 42.86
CA SER A 172 8.85 -35.92 42.77
C SER A 172 9.28 -36.47 44.14
N HIS A 173 9.55 -35.61 45.13
CA HIS A 173 9.94 -36.16 46.42
C HIS A 173 8.76 -36.86 47.11
N GLY A 174 8.38 -38.03 46.64
CA GLY A 174 7.51 -38.91 47.37
C GLY A 174 6.08 -38.48 47.63
N ASP A 175 5.85 -37.70 48.69
CA ASP A 175 4.53 -37.50 49.27
C ASP A 175 3.89 -36.16 48.95
N LEU A 176 4.31 -35.49 47.87
CA LEU A 176 4.05 -34.06 47.86
C LEU A 176 2.56 -33.76 47.77
N PRO A 177 1.87 -33.99 46.61
CA PRO A 177 0.45 -33.62 46.55
C PRO A 177 -0.24 -34.05 47.83
N ILE A 178 -0.06 -33.20 48.84
CA ILE A 178 -0.54 -33.43 50.19
C ILE A 178 -2.03 -33.69 50.05
N PRO A 179 -2.65 -34.45 50.95
CA PRO A 179 -4.10 -34.64 50.87
C PRO A 179 -4.79 -33.29 50.62
N GLY A 180 -5.91 -33.34 49.90
CA GLY A 180 -6.67 -32.15 49.62
C GLY A 180 -6.36 -31.47 48.31
N ILE A 181 -5.38 -31.97 47.56
CA ILE A 181 -5.00 -31.39 46.27
C ILE A 181 -5.27 -32.42 45.20
N GLU A 182 -6.01 -32.01 44.17
CA GLU A 182 -6.12 -32.77 42.94
C GLU A 182 -5.76 -31.85 41.78
N HIS A 183 -5.23 -32.44 40.70
CA HIS A 183 -4.77 -31.67 39.56
C HIS A 183 -5.50 -32.12 38.30
N ILE A 184 -5.53 -31.23 37.30
CA ILE A 184 -6.26 -31.52 36.07
C ILE A 184 -5.52 -31.04 34.83
N GLU A 185 -6.23 -31.06 33.71
CA GLU A 185 -5.64 -30.81 32.40
C GLU A 185 -5.26 -29.35 32.21
N GLN A 186 -4.05 -29.12 31.69
CA GLN A 186 -3.65 -27.76 31.30
C GLN A 186 -4.12 -27.46 29.88
N PRO A 187 -4.55 -26.22 29.59
CA PRO A 187 -4.98 -25.87 28.22
C PRO A 187 -3.82 -25.47 27.32
N TYR A 188 -2.86 -26.39 27.17
CA TYR A 188 -1.71 -26.22 26.27
C TYR A 188 -2.10 -26.74 24.89
N HIS A 189 -2.83 -25.90 24.15
CA HIS A 189 -3.38 -26.34 22.87
C HIS A 189 -2.31 -26.96 21.98
N PHE A 190 -1.07 -26.50 22.09
CA PHE A 190 -0.04 -26.88 21.12
C PHE A 190 0.58 -28.23 21.45
N GLY A 191 0.95 -28.45 22.70
CA GLY A 191 1.66 -29.67 23.06
C GLY A 191 0.80 -30.87 23.35
N ARG A 192 -0.51 -30.67 23.40
CA ARG A 192 -1.46 -31.72 23.76
C ARG A 192 -2.31 -32.16 22.57
N ALA A 193 -2.96 -31.22 21.92
CA ALA A 193 -3.91 -31.50 20.84
C ALA A 193 -3.74 -30.44 19.76
N PRO A 194 -2.62 -30.49 19.02
CA PRO A 194 -2.32 -29.39 18.09
C PRO A 194 -3.37 -29.21 16.99
N ASP A 195 -4.30 -30.14 16.84
CA ASP A 195 -5.27 -30.13 15.75
C ASP A 195 -6.66 -29.72 16.20
N MET A 196 -7.12 -30.23 17.34
CA MET A 196 -8.47 -29.94 17.84
C MET A 196 -8.79 -28.47 17.65
N ASP A 197 -10.05 -28.19 17.32
CA ASP A 197 -10.45 -26.80 17.11
C ASP A 197 -10.06 -26.01 18.36
N PRO A 198 -9.14 -25.04 18.27
CA PRO A 198 -8.72 -24.32 19.48
C PRO A 198 -9.89 -23.96 20.39
N ALA A 199 -11.00 -23.53 19.79
CA ALA A 199 -12.17 -23.17 20.59
C ALA A 199 -12.71 -24.38 21.34
N GLU A 200 -12.89 -25.51 20.65
CA GLU A 200 -13.39 -26.70 21.32
C GLU A 200 -12.36 -27.27 22.28
N PHE A 201 -11.07 -27.14 21.96
CA PHE A 201 -10.05 -27.58 22.91
C PHE A 201 -10.06 -26.75 24.18
N GLY A 202 -10.35 -25.45 24.07
CA GLY A 202 -10.51 -24.64 25.26
C GLY A 202 -11.68 -25.14 26.08
N ARG A 203 -12.84 -25.13 25.42
CA ARG A 203 -14.10 -25.58 26.02
C ARG A 203 -13.97 -26.93 26.69
N GLN A 204 -13.26 -27.88 26.05
CA GLN A 204 -12.99 -29.18 26.63
C GLN A 204 -12.25 -29.07 27.96
N ALA A 205 -10.98 -28.69 27.84
CA ALA A 205 -10.03 -28.64 28.94
C ALA A 205 -10.50 -27.72 30.05
N ALA A 206 -11.50 -26.88 29.78
CA ALA A 206 -12.19 -26.18 30.86
C ALA A 206 -13.17 -27.11 31.55
N GLN A 207 -13.85 -27.98 30.79
CA GLN A 207 -14.75 -28.94 31.42
C GLN A 207 -14.00 -30.06 32.14
N ALA A 208 -12.70 -30.23 31.89
CA ALA A 208 -11.95 -31.15 32.73
C ALA A 208 -11.99 -30.74 34.19
N LEU A 209 -12.47 -29.52 34.48
CA LEU A 209 -12.81 -29.14 35.84
C LEU A 209 -14.19 -29.67 36.22
N GLU A 210 -15.20 -29.39 35.39
CA GLU A 210 -16.52 -29.96 35.65
C GLU A 210 -16.46 -31.47 35.68
N ARG A 211 -15.56 -32.08 34.90
CA ARG A 211 -15.25 -33.49 35.10
C ARG A 211 -14.85 -33.63 36.58
N LYS A 212 -13.58 -33.42 36.92
CA LYS A 212 -13.06 -33.71 38.25
C LYS A 212 -13.91 -33.30 39.46
N ILE A 213 -15.07 -32.70 39.27
CA ILE A 213 -15.91 -32.31 40.41
C ILE A 213 -16.85 -33.43 40.81
N ASP A 214 -17.48 -34.10 39.84
CA ASP A 214 -18.52 -35.10 40.11
C ASP A 214 -17.98 -36.45 40.52
N GLU A 215 -16.72 -36.47 40.95
CA GLU A 215 -15.99 -37.70 41.27
C GLU A 215 -15.12 -37.52 42.50
N ILE A 216 -14.83 -36.27 42.87
CA ILE A 216 -14.53 -35.90 44.23
C ILE A 216 -15.81 -35.57 44.99
N GLY A 217 -16.78 -34.95 44.29
CA GLY A 217 -18.01 -34.45 44.90
C GLY A 217 -18.01 -32.95 45.13
N GLU A 218 -18.95 -32.24 44.49
CA GLU A 218 -18.99 -30.78 44.61
C GLU A 218 -18.79 -30.33 46.06
N CYS A 219 -19.50 -30.95 47.01
CA CYS A 219 -19.45 -30.51 48.39
C CYS A 219 -18.09 -30.72 49.05
N ASN A 220 -17.20 -31.50 48.45
CA ASN A 220 -15.86 -31.66 48.98
C ASN A 220 -14.86 -30.67 48.40
N VAL A 221 -15.23 -29.98 47.34
CA VAL A 221 -14.31 -29.06 46.65
C VAL A 221 -14.46 -27.67 47.23
N ALA A 222 -13.35 -27.09 47.68
CA ALA A 222 -13.34 -25.71 48.15
C ALA A 222 -13.09 -24.72 47.01
N ALA A 223 -12.12 -24.99 46.15
CA ALA A 223 -11.83 -24.04 45.08
C ALA A 223 -10.98 -24.69 43.99
N PHE A 224 -10.90 -23.97 42.87
CA PHE A 224 -10.00 -24.24 41.76
C PHE A 224 -9.05 -23.05 41.66
N ILE A 225 -7.80 -23.32 41.28
CA ILE A 225 -6.77 -22.29 41.29
C ILE A 225 -5.97 -22.37 40.00
N ALA A 226 -5.83 -21.23 39.32
CA ALA A 226 -5.05 -21.16 38.11
C ALA A 226 -4.29 -19.85 38.05
N GLU A 227 -3.18 -19.85 37.34
CA GLU A 227 -2.60 -18.63 36.81
C GLU A 227 -3.42 -18.18 35.61
N PRO A 228 -3.72 -16.88 35.48
CA PRO A 228 -4.40 -16.43 34.25
C PRO A 228 -3.75 -16.99 33.01
N ILE A 229 -2.42 -17.02 33.04
CA ILE A 229 -1.56 -17.56 32.01
C ILE A 229 -0.47 -18.32 32.76
N GLN A 230 -0.28 -19.59 32.45
CA GLN A 230 0.78 -20.32 33.13
C GLN A 230 2.12 -19.75 32.68
N GLY A 231 2.92 -19.29 33.64
CA GLY A 231 4.18 -18.64 33.31
C GLY A 231 5.35 -19.60 33.23
N ALA A 232 5.85 -20.04 34.38
CA ALA A 232 7.04 -20.88 34.41
C ALA A 232 6.84 -22.24 33.74
N GLY A 233 5.59 -22.66 33.51
CA GLY A 233 5.34 -23.90 32.81
C GLY A 233 5.44 -23.82 31.30
N GLY A 234 5.98 -22.73 30.79
CA GLY A 234 5.70 -22.28 29.43
C GLY A 234 4.71 -21.14 29.45
N VAL A 235 4.77 -20.28 28.44
CA VAL A 235 3.84 -19.15 28.40
C VAL A 235 2.54 -19.72 27.87
N ILE A 236 1.82 -20.44 28.72
CA ILE A 236 0.73 -21.32 28.30
C ILE A 236 -0.54 -20.49 28.24
N ILE A 237 -0.90 -20.07 27.04
CA ILE A 237 -2.04 -19.17 26.85
C ILE A 237 -3.25 -20.03 26.55
N PRO A 238 -4.36 -19.85 27.27
CA PRO A 238 -5.55 -20.63 26.96
C PRO A 238 -6.21 -20.14 25.70
N PRO A 239 -6.81 -21.02 24.91
CA PRO A 239 -7.80 -20.57 23.93
C PRO A 239 -8.69 -19.53 24.59
N ASP A 240 -9.14 -18.54 23.82
CA ASP A 240 -10.06 -17.54 24.39
C ASP A 240 -11.32 -18.17 24.92
N SER A 241 -11.53 -19.48 24.70
CA SER A 241 -12.72 -20.21 25.12
C SER A 241 -12.63 -20.73 26.55
N TYR A 242 -11.43 -20.91 27.08
CA TYR A 242 -11.18 -21.55 28.37
C TYR A 242 -11.81 -20.82 29.54
N TRP A 243 -11.30 -19.63 29.84
CA TRP A 243 -11.82 -18.85 30.97
C TRP A 243 -13.30 -18.56 30.89
N PRO A 244 -13.86 -18.15 29.75
CA PRO A 244 -15.33 -17.96 29.70
C PRO A 244 -16.06 -19.20 30.18
N GLU A 245 -15.53 -20.37 29.86
CA GLU A 245 -16.11 -21.61 30.39
C GLU A 245 -15.92 -21.67 31.90
N ILE A 246 -14.68 -21.69 32.37
CA ILE A 246 -14.39 -21.96 33.77
C ILE A 246 -15.22 -21.08 34.70
N LYS A 247 -15.60 -19.88 34.26
CA LYS A 247 -16.47 -19.06 35.10
C LYS A 247 -17.84 -19.69 35.25
N ARG A 248 -18.44 -20.15 34.12
CA ARG A 248 -19.71 -20.85 34.20
C ARG A 248 -19.67 -21.93 35.27
N ILE A 249 -18.55 -22.64 35.34
CA ILE A 249 -18.45 -23.91 36.05
C ILE A 249 -18.37 -23.65 37.55
N CYS A 250 -17.76 -22.55 37.95
CA CYS A 250 -17.76 -22.08 39.32
C CYS A 250 -19.04 -21.36 39.70
N ALA A 251 -19.94 -21.11 38.76
CA ALA A 251 -21.27 -20.62 39.10
C ALA A 251 -22.21 -21.80 39.41
N GLU A 252 -22.43 -22.67 38.40
CA GLU A 252 -23.26 -23.84 38.62
C GLU A 252 -22.89 -24.53 39.93
N ARG A 253 -21.59 -24.60 40.22
CA ARG A 253 -21.07 -25.24 41.42
C ARG A 253 -20.68 -24.18 42.45
N ASP A 254 -20.69 -24.60 43.72
CA ASP A 254 -20.43 -23.68 44.83
C ASP A 254 -18.98 -23.80 45.27
N ILE A 255 -18.07 -23.30 44.42
CA ILE A 255 -16.65 -23.30 44.75
C ILE A 255 -16.04 -21.95 44.39
N LEU A 256 -14.87 -21.69 44.97
CA LEU A 256 -14.19 -20.42 44.82
C LEU A 256 -13.17 -20.45 43.70
N LEU A 257 -12.89 -19.27 43.17
CA LEU A 257 -11.87 -19.06 42.16
C LEU A 257 -10.65 -18.43 42.82
N ILE A 258 -9.47 -18.93 42.47
CA ILE A 258 -8.21 -18.40 42.98
C ILE A 258 -7.33 -18.16 41.77
N VAL A 259 -7.32 -16.94 41.26
CA VAL A 259 -6.46 -16.58 40.14
C VAL A 259 -5.11 -16.19 40.71
N ASP A 260 -4.05 -16.85 40.25
CA ASP A 260 -2.70 -16.61 40.76
C ASP A 260 -2.06 -15.55 39.87
N GLU A 261 -2.12 -14.29 40.32
CA GLU A 261 -1.55 -13.17 39.58
C GLU A 261 -0.12 -12.88 39.97
N VAL A 262 0.62 -13.88 40.47
CA VAL A 262 1.96 -13.62 41.01
C VAL A 262 2.92 -13.20 39.91
N ILE A 263 2.87 -13.86 38.75
CA ILE A 263 3.68 -13.44 37.62
C ILE A 263 2.92 -12.46 36.74
N THR A 264 1.63 -12.70 36.56
CA THR A 264 0.82 -11.93 35.63
C THR A 264 0.49 -10.54 36.14
N GLY A 265 0.78 -10.26 37.41
CA GLY A 265 0.31 -9.05 38.04
C GLY A 265 1.22 -7.87 37.80
N PHE A 266 0.60 -6.68 37.74
CA PHE A 266 1.31 -5.41 37.62
C PHE A 266 1.81 -5.20 36.20
N GLY A 267 0.89 -5.37 35.24
CA GLY A 267 1.09 -4.94 33.87
C GLY A 267 1.50 -6.01 32.90
N ARG A 268 1.77 -7.22 33.37
CA ARG A 268 2.34 -8.24 32.50
C ARG A 268 1.41 -8.54 31.33
N LEU A 269 0.09 -8.49 31.55
CA LEU A 269 -0.89 -8.78 30.50
C LEU A 269 -1.40 -7.49 29.84
N GLY A 270 -0.62 -6.43 29.88
CA GLY A 270 -1.07 -5.15 29.36
C GLY A 270 -1.97 -4.44 30.33
N THR A 271 -2.94 -5.14 30.89
CA THR A 271 -3.74 -4.59 31.97
C THR A 271 -2.99 -4.73 33.29
N TRP A 272 -3.43 -3.98 34.29
CA TRP A 272 -2.77 -4.04 35.59
C TRP A 272 -2.69 -5.47 36.09
N PHE A 273 -3.75 -6.26 35.84
CA PHE A 273 -3.80 -7.66 36.23
C PHE A 273 -4.50 -8.48 35.18
N GLY A 274 -4.11 -9.76 35.09
CA GLY A 274 -4.72 -10.64 34.11
C GLY A 274 -6.22 -10.83 34.32
N SER A 275 -6.67 -10.76 35.58
CA SER A 275 -8.08 -10.99 35.86
C SER A 275 -8.99 -10.14 34.99
N GLN A 276 -8.58 -8.92 34.62
CA GLN A 276 -9.42 -8.08 33.80
C GLN A 276 -9.12 -8.21 32.31
N TYR A 277 -7.97 -8.80 31.93
CA TYR A 277 -7.82 -9.24 30.54
C TYR A 277 -8.78 -10.39 30.26
N TYR A 278 -8.99 -11.26 31.26
CA TYR A 278 -9.83 -12.44 31.11
C TYR A 278 -11.17 -12.30 31.83
N ASP A 279 -11.56 -11.05 32.13
CA ASP A 279 -12.86 -10.74 32.73
C ASP A 279 -13.18 -11.62 33.93
N LEU A 280 -12.17 -11.86 34.75
CA LEU A 280 -12.34 -12.72 35.92
C LEU A 280 -12.54 -11.87 37.18
N GLN A 281 -13.35 -12.41 38.08
CA GLN A 281 -13.68 -11.78 39.36
C GLN A 281 -13.24 -12.76 40.44
N PRO A 282 -11.93 -12.95 40.61
CA PRO A 282 -11.45 -13.97 41.55
C PRO A 282 -12.00 -13.72 42.94
N ASP A 283 -11.95 -14.78 43.74
CA ASP A 283 -12.17 -14.60 45.16
C ASP A 283 -10.86 -14.28 45.86
N LEU A 284 -9.76 -14.99 45.53
CA LEU A 284 -8.45 -14.72 46.15
C LEU A 284 -7.37 -14.58 45.09
N MET A 285 -6.46 -13.61 45.31
CA MET A 285 -5.29 -13.40 44.45
C MET A 285 -4.01 -13.39 45.26
N PRO A 286 -3.10 -14.34 45.06
CA PRO A 286 -1.74 -14.15 45.56
C PRO A 286 -0.99 -13.24 44.62
N ILE A 287 -0.22 -12.32 45.17
CA ILE A 287 0.62 -11.44 44.38
C ILE A 287 2.00 -11.37 45.03
N ALA A 288 2.99 -11.02 44.22
CA ALA A 288 4.37 -10.91 44.66
C ALA A 288 5.20 -10.37 43.51
N LYS A 289 6.49 -10.68 43.50
CA LYS A 289 7.38 -10.30 42.40
C LYS A 289 7.15 -8.84 42.00
N GLY A 290 6.58 -8.60 40.82
CA GLY A 290 6.31 -7.26 40.35
C GLY A 290 5.62 -6.33 41.33
N LEU A 291 5.16 -6.87 42.47
CA LEU A 291 4.65 -6.01 43.53
C LEU A 291 5.71 -4.99 43.95
N SER A 292 6.97 -5.41 44.05
CA SER A 292 8.09 -4.52 44.33
C SER A 292 9.05 -4.44 43.14
N SER A 293 8.57 -4.80 41.94
CA SER A 293 9.41 -5.02 40.77
C SER A 293 10.67 -5.80 41.14
N GLY A 294 10.51 -6.78 42.02
CA GLY A 294 11.59 -7.68 42.38
C GLY A 294 12.64 -7.09 43.27
N TYR A 295 12.53 -5.82 43.63
CA TYR A 295 13.55 -5.17 44.44
C TYR A 295 13.42 -5.48 45.92
N MET A 296 12.34 -6.15 46.36
CA MET A 296 12.14 -6.44 47.78
C MET A 296 11.38 -7.73 48.04
N PRO A 297 11.80 -8.52 49.07
CA PRO A 297 10.98 -9.68 49.46
C PRO A 297 9.62 -9.25 49.97
N ILE A 298 8.56 -9.50 49.21
CA ILE A 298 7.24 -9.10 49.67
C ILE A 298 6.16 -9.70 48.78
N GLY A 299 5.08 -10.15 49.41
CA GLY A 299 3.89 -10.60 48.70
C GLY A 299 2.71 -10.50 49.64
N GLY A 300 1.55 -10.83 49.11
CA GLY A 300 0.34 -10.82 49.89
C GLY A 300 -0.80 -11.34 49.04
N VAL A 301 -1.94 -11.56 49.70
CA VAL A 301 -3.12 -12.05 49.02
C VAL A 301 -4.20 -10.99 49.14
N MET A 302 -4.71 -10.57 47.99
CA MET A 302 -5.92 -9.76 47.97
C MET A 302 -7.12 -10.64 48.28
N VAL A 303 -8.16 -10.05 48.84
CA VAL A 303 -9.32 -10.82 49.30
C VAL A 303 -10.58 -10.16 48.75
N SER A 304 -11.37 -10.95 48.02
CA SER A 304 -12.62 -10.42 47.47
C SER A 304 -13.56 -10.02 48.61
N ASP A 305 -14.44 -9.08 48.31
CA ASP A 305 -15.45 -8.68 49.30
C ASP A 305 -16.37 -9.85 49.65
N ARG A 306 -16.45 -10.86 48.78
CA ARG A 306 -17.17 -12.08 49.11
C ARG A 306 -16.53 -12.72 50.35
N VAL A 307 -15.34 -13.31 50.16
CA VAL A 307 -14.67 -14.03 51.24
C VAL A 307 -14.14 -13.12 52.32
N ALA A 308 -14.08 -11.81 52.09
CA ALA A 308 -13.81 -10.90 53.20
C ALA A 308 -14.94 -11.00 54.23
N LYS A 309 -16.18 -10.72 53.80
CA LYS A 309 -17.31 -10.74 54.71
C LYS A 309 -17.26 -11.91 55.69
N VAL A 310 -17.07 -13.14 55.17
CA VAL A 310 -17.19 -14.30 56.02
C VAL A 310 -16.07 -14.36 57.06
N VAL A 311 -14.92 -13.76 56.75
CA VAL A 311 -13.76 -13.89 57.62
C VAL A 311 -13.82 -12.88 58.77
N ILE A 312 -14.25 -11.64 58.49
CA ILE A 312 -14.33 -10.63 59.54
C ILE A 312 -15.55 -10.87 60.42
N GLU A 313 -16.74 -10.64 59.89
CA GLU A 313 -17.96 -10.93 60.63
C GLU A 313 -18.27 -12.42 60.55
N GLU A 314 -19.07 -12.90 61.49
CA GLU A 314 -19.33 -14.33 61.63
C GLU A 314 -18.05 -15.13 61.80
N GLY A 315 -16.93 -14.45 62.05
CA GLY A 315 -15.63 -15.09 62.08
C GLY A 315 -14.98 -14.93 63.43
N GLY A 316 -13.95 -15.74 63.68
CA GLY A 316 -13.27 -15.71 64.95
C GLY A 316 -11.83 -15.26 64.82
N GLU A 317 -10.95 -15.86 65.61
CA GLU A 317 -9.52 -15.57 65.49
C GLU A 317 -8.98 -16.22 64.22
N PHE A 318 -8.17 -15.47 63.47
CA PHE A 318 -7.44 -16.01 62.32
C PHE A 318 -6.00 -16.22 62.74
N PHE A 319 -5.71 -17.40 63.29
CA PHE A 319 -4.39 -17.66 63.86
C PHE A 319 -3.30 -17.86 62.81
N HIS A 320 -3.58 -17.65 61.54
CA HIS A 320 -2.53 -17.60 60.53
C HIS A 320 -1.90 -16.21 60.53
N GLY A 321 -0.58 -16.18 60.39
CA GLY A 321 0.15 -14.94 60.42
C GLY A 321 1.63 -15.25 60.40
N TYR A 322 2.44 -14.20 60.40
CA TYR A 322 3.73 -14.33 59.74
C TYR A 322 4.60 -13.10 59.90
N THR A 323 5.69 -13.23 60.66
CA THR A 323 6.61 -12.11 60.84
C THR A 323 7.14 -11.67 59.49
N TYR A 324 7.43 -10.38 59.37
CA TYR A 324 7.76 -9.75 58.09
C TYR A 324 6.57 -9.70 57.14
N SER A 325 5.34 -9.84 57.63
CA SER A 325 4.20 -9.88 56.71
C SER A 325 4.17 -8.59 55.92
N GLY A 326 3.72 -7.50 56.55
CA GLY A 326 3.82 -6.19 55.91
C GLY A 326 5.07 -5.42 56.32
N HIS A 327 6.23 -6.09 56.30
CA HIS A 327 7.51 -5.49 56.69
C HIS A 327 7.60 -4.09 56.11
N PRO A 328 7.88 -3.07 56.92
CA PRO A 328 7.68 -1.69 56.45
C PRO A 328 8.60 -1.27 55.32
N VAL A 329 9.85 -1.73 55.31
CA VAL A 329 10.76 -1.33 54.25
C VAL A 329 10.22 -1.75 52.89
N ALA A 330 9.87 -3.03 52.76
CA ALA A 330 9.35 -3.54 51.50
C ALA A 330 8.01 -2.90 51.16
N ALA A 331 7.12 -2.79 52.14
CA ALA A 331 5.86 -2.07 51.93
C ALA A 331 6.13 -0.67 51.39
N ALA A 332 7.09 0.03 52.00
CA ALA A 332 7.53 1.32 51.46
C ALA A 332 7.96 1.17 50.01
N VAL A 333 8.97 0.32 49.75
CA VAL A 333 9.45 0.16 48.37
C VAL A 333 8.30 -0.17 47.44
N ALA A 334 7.44 -1.11 47.84
CA ALA A 334 6.36 -1.53 46.95
C ALA A 334 5.35 -0.41 46.73
N ALA A 335 5.05 0.35 47.79
CA ALA A 335 4.16 1.50 47.62
C ALA A 335 4.71 2.45 46.58
N GLU A 336 6.01 2.72 46.64
CA GLU A 336 6.64 3.61 45.68
C GLU A 336 6.65 3.00 44.29
N ASN A 337 6.81 1.67 44.23
CA ASN A 337 6.84 0.96 42.96
C ASN A 337 5.53 1.09 42.21
N ILE A 338 4.41 0.84 42.89
CA ILE A 338 3.09 1.06 42.30
C ILE A 338 2.90 2.53 42.00
N ARG A 339 3.26 3.37 42.96
CA ARG A 339 3.20 4.83 42.81
C ARG A 339 3.92 5.28 41.55
N ILE A 340 5.13 4.76 41.30
CA ILE A 340 5.82 5.04 40.02
C ILE A 340 4.93 4.63 38.86
N MET A 341 4.36 3.42 38.92
CA MET A 341 3.83 2.78 37.73
C MET A 341 2.57 3.47 37.22
N ARG A 342 1.69 3.89 38.12
CA ARG A 342 0.50 4.58 37.65
C ARG A 342 0.78 6.07 37.41
N ASP A 343 1.58 6.67 38.29
CA ASP A 343 1.94 8.08 38.12
C ASP A 343 2.65 8.30 36.79
N GLU A 344 3.69 7.51 36.51
CA GLU A 344 4.39 7.64 35.24
C GLU A 344 3.66 6.93 34.10
N GLY A 345 2.51 6.32 34.38
CA GLY A 345 1.77 5.60 33.35
C GLY A 345 2.52 4.47 32.70
N ILE A 346 3.27 3.69 33.48
CA ILE A 346 4.18 2.72 32.88
C ILE A 346 3.41 1.54 32.30
N ILE A 347 2.39 1.04 33.02
CA ILE A 347 1.68 -0.13 32.51
C ILE A 347 0.72 0.25 31.38
N GLU A 348 0.16 1.47 31.41
CA GLU A 348 -0.85 1.85 30.43
C GLU A 348 -0.22 2.02 29.06
N ARG A 349 0.97 2.60 29.02
CA ARG A 349 1.78 2.59 27.81
C ARG A 349 2.07 1.16 27.37
N ALA A 350 2.59 0.34 28.28
CA ALA A 350 2.97 -1.03 27.94
C ALA A 350 1.82 -1.80 27.30
N GLY A 351 0.60 -1.59 27.76
CA GLY A 351 -0.53 -2.38 27.30
C GLY A 351 -1.21 -1.87 26.05
N ALA A 352 -1.15 -0.55 25.81
CA ALA A 352 -1.82 0.06 24.69
C ALA A 352 -0.89 0.52 23.58
N GLU A 353 0.39 0.71 23.89
CA GLU A 353 1.39 1.23 22.97
C GLU A 353 2.35 0.14 22.49
N ILE A 354 2.88 -0.62 23.43
CA ILE A 354 3.99 -1.53 23.19
C ILE A 354 3.54 -2.97 23.14
N ALA A 355 2.64 -3.39 24.03
CA ALA A 355 2.11 -4.74 23.94
C ALA A 355 1.60 -5.06 22.54
N PRO A 356 0.70 -4.27 21.93
CA PRO A 356 0.37 -4.52 20.52
C PRO A 356 1.59 -4.71 19.64
N TYR A 357 2.58 -3.81 19.74
CA TYR A 357 3.72 -3.87 18.83
C TYR A 357 4.53 -5.14 19.06
N LEU A 358 4.75 -5.52 20.32
CA LEU A 358 5.53 -6.71 20.60
C LEU A 358 4.82 -7.96 20.13
N GLN A 359 3.54 -8.11 20.49
CA GLN A 359 2.80 -9.29 20.09
C GLN A 359 2.83 -9.45 18.57
N ALA A 360 2.56 -8.36 17.84
CA ALA A 360 2.51 -8.43 16.39
C ALA A 360 3.88 -8.74 15.79
N ARG A 361 4.96 -8.18 16.31
CA ARG A 361 6.26 -8.52 15.77
C ARG A 361 6.66 -9.94 16.16
N TRP A 362 6.23 -10.41 17.34
CA TRP A 362 6.52 -11.78 17.75
C TRP A 362 5.97 -12.77 16.73
N ARG A 363 4.67 -12.64 16.41
CA ARG A 363 4.05 -13.54 15.42
C ARG A 363 4.87 -13.58 14.14
N GLU A 364 5.58 -12.49 13.85
CA GLU A 364 6.44 -12.43 12.67
C GLU A 364 7.49 -13.52 12.69
N LEU A 365 8.01 -13.88 13.87
CA LEU A 365 8.86 -15.06 13.96
C LEU A 365 8.06 -16.35 13.76
N GLY A 366 6.74 -16.26 13.75
CA GLY A 366 5.93 -17.43 13.43
C GLY A 366 6.28 -18.02 12.08
N GLU A 367 6.81 -17.20 11.17
CA GLU A 367 7.15 -17.63 9.83
C GLU A 367 8.58 -18.08 9.70
N HIS A 368 9.16 -18.57 10.79
CA HIS A 368 10.52 -19.07 10.80
C HIS A 368 10.55 -20.60 10.74
N PRO A 369 11.51 -21.16 9.99
CA PRO A 369 11.63 -22.62 9.89
C PRO A 369 11.67 -23.38 11.22
N LEU A 370 12.01 -22.71 12.31
CA LEU A 370 12.20 -23.38 13.59
C LEU A 370 11.03 -23.21 14.53
N VAL A 371 9.98 -22.51 14.12
CA VAL A 371 8.96 -22.01 15.03
C VAL A 371 7.62 -22.54 14.57
N GLY A 372 6.94 -23.27 15.46
CA GLY A 372 5.64 -23.82 15.17
C GLY A 372 4.51 -22.84 15.46
N GLU A 373 4.40 -22.46 16.73
CA GLU A 373 3.41 -21.51 17.22
C GLU A 373 4.16 -20.31 17.78
N ALA A 374 3.55 -19.13 17.67
CA ALA A 374 4.08 -17.93 18.29
C ALA A 374 2.94 -17.33 19.12
N ARG A 375 3.11 -17.38 20.44
CA ARG A 375 2.07 -16.96 21.35
C ARG A 375 2.46 -15.70 22.08
N GLY A 376 1.44 -15.00 22.56
CA GLY A 376 1.64 -13.99 23.56
C GLY A 376 0.41 -13.16 23.79
N VAL A 377 0.19 -12.80 25.04
CA VAL A 377 -0.72 -11.73 25.39
C VAL A 377 0.10 -10.65 26.09
N GLY A 378 -0.29 -9.40 25.90
CA GLY A 378 0.30 -8.29 26.60
C GLY A 378 1.80 -8.20 26.48
N MET A 379 2.48 -8.28 27.62
CA MET A 379 3.93 -8.14 27.70
C MET A 379 4.64 -9.46 27.94
N VAL A 380 4.02 -10.59 27.58
CA VAL A 380 4.65 -11.90 27.69
C VAL A 380 4.38 -12.65 26.40
N ALA A 381 5.30 -13.56 26.06
CA ALA A 381 5.23 -14.24 24.77
C ALA A 381 6.16 -15.44 24.79
N ALA A 382 5.94 -16.35 23.84
CA ALA A 382 6.77 -17.54 23.72
C ALA A 382 6.82 -18.04 22.30
N LEU A 383 7.95 -18.64 21.94
CA LEU A 383 8.13 -19.34 20.69
C LEU A 383 8.26 -20.83 20.97
N GLU A 384 7.80 -21.64 20.04
CA GLU A 384 7.88 -23.09 20.14
C GLU A 384 8.95 -23.59 19.18
N LEU A 385 9.88 -24.39 19.69
CA LEU A 385 10.97 -24.91 18.87
C LEU A 385 10.61 -26.31 18.38
N VAL A 386 10.59 -26.48 17.07
CA VAL A 386 10.07 -27.68 16.43
C VAL A 386 10.97 -28.05 15.26
N LYS A 387 10.93 -29.33 14.91
CA LYS A 387 11.78 -29.86 13.84
C LYS A 387 11.25 -29.47 12.47
N SER A 388 9.94 -29.64 12.24
CA SER A 388 9.32 -29.31 10.97
C SER A 388 7.97 -28.64 11.21
N LYS A 389 7.49 -27.90 10.20
CA LYS A 389 6.25 -27.14 10.30
C LYS A 389 5.08 -27.84 9.62
N GLN A 390 5.20 -28.17 8.31
CA GLN A 390 4.08 -28.78 7.59
C GLN A 390 3.75 -30.18 8.10
N PRO A 391 4.71 -31.11 8.30
CA PRO A 391 4.36 -32.40 8.93
C PRO A 391 4.47 -32.40 10.46
N LEU A 392 5.19 -31.43 11.05
CA LEU A 392 5.21 -31.15 12.49
C LEU A 392 5.65 -32.34 13.34
N GLU A 393 6.96 -32.45 13.58
CA GLU A 393 7.53 -33.47 14.45
C GLU A 393 8.30 -32.78 15.59
N ARG A 394 8.07 -33.25 16.81
CA ARG A 394 8.79 -32.83 18.00
C ARG A 394 10.24 -33.26 17.91
N PHE A 395 11.07 -32.73 18.80
CA PHE A 395 12.40 -33.26 19.00
C PHE A 395 12.31 -34.38 20.04
N GLU A 396 13.13 -35.43 19.88
CA GLU A 396 13.38 -36.33 20.99
C GLU A 396 14.27 -35.57 21.96
N GLU A 397 13.72 -35.18 23.11
CA GLU A 397 14.35 -34.24 24.02
C GLU A 397 14.41 -32.84 23.42
N PRO A 398 13.33 -32.06 23.46
CA PRO A 398 13.41 -30.67 23.01
C PRO A 398 14.17 -29.77 23.98
N GLY A 399 14.41 -30.23 25.21
CA GLY A 399 15.10 -29.42 26.18
C GLY A 399 16.51 -29.06 25.75
N LYS A 400 17.24 -30.04 25.21
CA LYS A 400 18.62 -29.79 24.80
C LYS A 400 18.70 -28.69 23.75
N VAL A 401 17.65 -28.52 22.94
CA VAL A 401 17.67 -27.45 21.94
C VAL A 401 17.42 -26.09 22.59
N GLY A 402 16.29 -25.96 23.30
CA GLY A 402 16.01 -24.72 23.98
C GLY A 402 17.09 -24.34 24.98
N SER A 403 17.56 -25.31 25.76
CA SER A 403 18.67 -25.05 26.67
C SER A 403 19.82 -24.37 25.94
N LEU A 404 20.07 -24.76 24.69
CA LEU A 404 21.04 -24.04 23.88
C LEU A 404 20.51 -22.66 23.50
N CYS A 405 19.37 -22.62 22.78
CA CYS A 405 18.99 -21.40 22.06
C CYS A 405 18.97 -20.17 22.96
N ARG A 406 18.69 -20.34 24.24
CA ARG A 406 18.84 -19.24 25.19
C ARG A 406 20.31 -18.85 25.30
N ASP A 407 21.18 -19.83 25.56
CA ASP A 407 22.60 -19.56 25.73
C ASP A 407 23.19 -18.86 24.52
N LEU A 408 22.52 -18.93 23.37
CA LEU A 408 22.93 -18.19 22.18
C LEU A 408 22.31 -16.80 22.14
N SER A 409 21.13 -16.62 22.74
CA SER A 409 20.54 -15.29 22.82
C SER A 409 21.37 -14.38 23.71
N VAL A 410 21.81 -14.89 24.87
CA VAL A 410 22.72 -14.13 25.71
C VAL A 410 23.98 -13.78 24.94
N LYS A 411 24.58 -14.77 24.27
CA LYS A 411 25.78 -14.52 23.46
C LYS A 411 25.52 -13.57 22.30
N ASN A 412 24.24 -13.31 21.98
CA ASN A 412 23.87 -12.33 20.96
C ASN A 412 23.22 -11.10 21.57
N GLY A 413 23.19 -11.00 22.90
CA GLY A 413 22.75 -9.79 23.55
C GLY A 413 21.30 -9.77 23.93
N LEU A 414 20.72 -10.90 24.32
CA LEU A 414 19.32 -10.96 24.71
C LEU A 414 19.13 -12.08 25.72
N VAL A 415 18.44 -11.77 26.80
CA VAL A 415 18.08 -12.77 27.79
C VAL A 415 16.70 -13.30 27.45
N MET A 416 16.55 -14.62 27.56
CA MET A 416 15.35 -15.30 27.09
C MET A 416 15.29 -16.65 27.78
N ARG A 417 14.25 -16.89 28.57
CA ARG A 417 14.17 -18.15 29.28
C ARG A 417 13.84 -19.28 28.33
N ALA A 418 14.28 -20.48 28.68
CA ALA A 418 13.91 -21.70 27.98
C ALA A 418 13.16 -22.61 28.94
N VAL A 419 11.96 -23.00 28.55
CA VAL A 419 11.20 -24.07 29.20
C VAL A 419 11.16 -25.21 28.20
N GLY A 420 11.87 -26.30 28.52
CA GLY A 420 12.01 -27.39 27.58
C GLY A 420 12.40 -26.87 26.21
N GLY A 421 11.56 -27.11 25.22
CA GLY A 421 11.75 -26.58 23.88
C GLY A 421 11.00 -25.31 23.60
N THR A 422 10.42 -24.68 24.62
CA THR A 422 9.72 -23.41 24.50
C THR A 422 10.66 -22.28 24.89
N MET A 423 10.76 -21.25 24.06
CA MET A 423 11.47 -20.03 24.42
C MET A 423 10.45 -18.96 24.75
N ILE A 424 10.80 -18.09 25.71
CA ILE A 424 9.85 -17.14 26.29
C ILE A 424 10.53 -15.81 26.59
N ILE A 425 9.71 -14.74 26.65
CA ILE A 425 10.16 -13.43 27.09
C ILE A 425 9.11 -12.81 28.00
N SER A 426 9.57 -12.06 29.00
CA SER A 426 8.71 -11.26 29.88
C SER A 426 9.45 -9.98 30.20
N PRO A 427 9.44 -9.01 29.29
CA PRO A 427 10.29 -7.82 29.45
C PRO A 427 9.74 -6.88 30.52
N PRO A 428 10.50 -5.86 30.89
CA PRO A 428 9.94 -4.76 31.68
C PRO A 428 8.97 -3.95 30.86
N LEU A 429 8.06 -3.28 31.55
CA LEU A 429 6.98 -2.57 30.86
C LEU A 429 7.43 -1.21 30.33
N VAL A 430 8.69 -0.86 30.57
CA VAL A 430 9.27 0.36 30.03
C VAL A 430 10.01 0.10 28.72
N LEU A 431 9.94 -1.11 28.20
CA LEU A 431 10.46 -1.35 26.85
C LEU A 431 9.97 -0.21 25.96
N SER A 432 10.75 0.12 24.95
CA SER A 432 10.34 1.14 24.00
C SER A 432 9.99 0.48 22.67
N ARG A 433 9.29 1.23 21.83
CA ARG A 433 8.99 0.74 20.50
C ARG A 433 10.26 0.50 19.70
N GLU A 434 11.39 1.08 20.10
CA GLU A 434 12.66 0.74 19.49
C GLU A 434 13.28 -0.49 20.14
N GLN A 435 13.14 -0.65 21.46
CA GLN A 435 13.71 -1.79 22.16
C GLN A 435 13.01 -3.10 21.82
N VAL A 436 11.81 -3.03 21.22
CA VAL A 436 11.19 -4.21 20.65
C VAL A 436 11.83 -4.55 19.30
N ASP A 437 12.01 -3.55 18.43
CA ASP A 437 12.73 -3.81 17.18
C ASP A 437 14.10 -4.40 17.46
N GLU A 438 14.73 -3.97 18.55
CA GLU A 438 15.96 -4.60 19.02
C GLU A 438 15.73 -6.07 19.36
N LEU A 439 14.65 -6.35 20.10
CA LEU A 439 14.44 -7.68 20.66
C LEU A 439 14.12 -8.70 19.59
N ILE A 440 13.23 -8.31 18.66
CA ILE A 440 12.92 -9.18 17.51
C ILE A 440 14.17 -9.48 16.71
N ASP A 441 14.78 -8.44 16.14
CA ASP A 441 15.95 -8.61 15.29
C ASP A 441 17.01 -9.44 16.00
N LYS A 442 17.19 -9.25 17.31
CA LYS A 442 18.12 -10.10 18.03
C LYS A 442 17.59 -11.52 18.18
N ALA A 443 16.27 -11.67 18.36
CA ALA A 443 15.70 -13.02 18.43
C ALA A 443 15.79 -13.71 17.08
N ARG A 444 15.54 -12.98 15.99
CA ARG A 444 15.58 -13.60 14.65
C ARG A 444 17.00 -14.04 14.30
N ARG A 445 18.02 -13.27 14.69
CA ARG A 445 19.40 -13.75 14.55
C ARG A 445 19.56 -15.06 15.33
N THR A 446 19.16 -15.05 16.60
CA THR A 446 19.36 -16.21 17.46
C THR A 446 18.68 -17.45 16.90
N LEU A 447 17.54 -17.28 16.23
CA LEU A 447 16.87 -18.44 15.63
C LEU A 447 17.61 -18.91 14.38
N ASP A 448 17.91 -17.98 13.48
CA ASP A 448 18.70 -18.32 12.30
C ASP A 448 19.99 -19.03 12.66
N GLU A 449 20.62 -18.66 13.78
CA GLU A 449 21.84 -19.33 14.18
C GLU A 449 21.56 -20.75 14.66
N THR A 450 20.44 -20.94 15.38
CA THR A 450 20.15 -22.24 15.98
C THR A 450 19.87 -23.29 14.90
N HIS A 451 19.10 -22.92 13.89
CA HIS A 451 18.88 -23.79 12.73
C HIS A 451 20.19 -24.36 12.19
N LYS A 452 21.22 -23.52 11.98
CA LYS A 452 22.41 -24.02 11.29
C LYS A 452 23.06 -25.18 12.08
N ALA A 453 23.28 -24.98 13.39
CA ALA A 453 24.01 -25.99 14.16
C ALA A 453 23.32 -27.35 14.14
N ILE A 454 22.02 -27.37 13.86
CA ILE A 454 21.32 -28.64 13.65
C ILE A 454 21.53 -29.15 12.24
N GLY A 455 21.11 -28.37 11.25
CA GLY A 455 21.39 -28.67 9.85
C GLY A 455 22.87 -28.77 9.56
N SER B 7 -12.84 20.31 -12.27
CA SER B 7 -13.49 21.25 -11.37
C SER B 7 -14.43 20.49 -10.44
N THR B 8 -13.94 19.37 -9.89
CA THR B 8 -14.72 18.44 -9.08
C THR B 8 -16.16 18.29 -9.60
N ALA B 9 -17.06 19.19 -9.18
CA ALA B 9 -18.44 19.16 -9.67
C ALA B 9 -18.49 18.95 -11.18
N ASP B 10 -17.58 19.61 -11.91
CA ASP B 10 -17.59 19.49 -13.36
C ASP B 10 -17.25 18.07 -13.80
N TRP B 11 -16.20 17.48 -13.21
CA TRP B 11 -15.92 16.08 -13.50
C TRP B 11 -17.13 15.21 -13.18
N GLN B 12 -17.77 15.46 -12.03
CA GLN B 12 -18.91 14.63 -11.60
C GLN B 12 -20.04 14.70 -12.61
N ARG B 13 -20.30 15.88 -13.16
CA ARG B 13 -21.36 16.01 -14.16
C ARG B 13 -21.02 15.23 -15.43
N LEU B 14 -19.78 15.39 -15.93
CA LEU B 14 -19.39 14.74 -17.17
C LEU B 14 -19.21 13.24 -16.99
N ASP B 15 -18.88 12.80 -15.77
CA ASP B 15 -18.81 11.37 -15.49
C ASP B 15 -20.20 10.74 -15.55
N ALA B 16 -21.16 11.37 -14.90
CA ALA B 16 -22.52 10.83 -14.80
C ALA B 16 -23.38 11.14 -16.01
N ALA B 17 -22.78 11.09 -17.20
CA ALA B 17 -23.45 11.59 -18.39
C ALA B 17 -22.87 10.96 -19.65
N HIS B 18 -21.59 10.58 -19.63
CA HIS B 18 -21.00 9.87 -20.75
C HIS B 18 -20.33 8.57 -20.32
N HIS B 19 -19.88 8.47 -19.07
CA HIS B 19 -19.23 7.27 -18.57
C HIS B 19 -20.21 6.44 -17.75
N LEU B 20 -20.47 5.22 -18.20
CA LEU B 20 -21.18 4.22 -17.42
C LEU B 20 -20.16 3.27 -16.81
N HIS B 21 -20.29 2.98 -15.53
CA HIS B 21 -19.26 2.23 -14.84
C HIS B 21 -19.62 0.76 -14.70
N PRO B 22 -18.62 -0.10 -14.49
CA PRO B 22 -18.92 -1.51 -14.19
C PRO B 22 -19.41 -1.74 -12.77
N PHE B 23 -20.25 -2.77 -12.62
CA PHE B 23 -20.79 -3.21 -11.33
C PHE B 23 -21.36 -2.04 -10.55
N THR B 24 -22.56 -1.59 -10.92
CA THR B 24 -23.14 -0.39 -10.34
C THR B 24 -24.65 -0.44 -10.53
N ASP B 25 -25.33 0.55 -9.95
CA ASP B 25 -26.63 1.00 -10.42
C ASP B 25 -26.41 2.38 -11.04
N TYR B 26 -26.66 2.50 -12.32
CA TYR B 26 -26.37 3.77 -12.96
C TYR B 26 -27.46 4.81 -12.71
N GLY B 27 -28.46 4.49 -11.88
CA GLY B 27 -29.42 5.49 -11.43
C GLY B 27 -29.02 6.19 -10.14
N GLU B 28 -28.39 5.46 -9.21
CA GLU B 28 -28.03 6.07 -7.93
C GLU B 28 -26.78 6.93 -8.02
N LEU B 29 -25.83 6.57 -8.88
CA LEU B 29 -24.54 7.24 -8.89
C LEU B 29 -24.67 8.69 -9.34
N ASN B 30 -25.36 8.91 -10.46
CA ASN B 30 -25.37 10.23 -11.09
C ASN B 30 -26.02 11.27 -10.20
N THR B 31 -26.94 10.86 -9.33
CA THR B 31 -27.70 11.79 -8.51
C THR B 31 -27.08 12.02 -7.15
N LYS B 32 -26.25 11.11 -6.65
CA LYS B 32 -25.46 11.38 -5.46
C LYS B 32 -24.14 12.06 -5.79
N GLY B 33 -23.48 11.62 -6.86
CA GLY B 33 -22.19 12.17 -7.23
C GLY B 33 -21.06 11.19 -7.01
N SER B 34 -20.29 10.92 -8.05
CA SER B 34 -19.20 9.95 -7.98
C SER B 34 -17.94 10.58 -7.42
N ARG B 35 -17.15 9.76 -6.70
CA ARG B 35 -15.85 10.19 -6.21
C ARG B 35 -14.81 10.06 -7.32
N ILE B 36 -13.88 11.00 -7.37
CA ILE B 36 -12.89 11.05 -8.43
C ILE B 36 -11.50 10.99 -7.83
N ILE B 37 -10.75 9.96 -8.21
CA ILE B 37 -9.38 9.77 -7.75
C ILE B 37 -8.43 10.28 -8.82
N THR B 38 -7.58 11.25 -8.45
CA THR B 38 -6.68 11.90 -9.39
C THR B 38 -5.24 11.41 -9.29
N ARG B 39 -4.66 11.35 -8.08
CA ARG B 39 -3.27 10.89 -7.92
C ARG B 39 -3.16 9.82 -6.85
N ALA B 40 -1.92 9.30 -6.71
CA ALA B 40 -1.59 8.14 -5.89
C ALA B 40 -0.08 7.91 -5.87
N GLU B 41 0.48 7.71 -4.66
CA GLU B 41 1.88 7.32 -4.51
C GLU B 41 1.98 6.44 -3.28
N GLY B 42 2.71 5.33 -3.39
CA GLY B 42 2.88 4.43 -2.27
C GLY B 42 1.63 3.65 -1.96
N CYS B 43 1.10 3.78 -0.74
CA CYS B 43 -0.15 3.18 -0.33
C CYS B 43 -1.24 4.21 -0.10
N TYR B 44 -1.18 5.34 -0.84
CA TYR B 44 -2.06 6.47 -0.60
C TYR B 44 -2.73 6.93 -1.90
N LEU B 45 -3.92 7.50 -1.74
CA LEU B 45 -4.76 7.97 -2.84
C LEU B 45 -5.22 9.39 -2.51
N TRP B 46 -5.56 10.18 -3.54
CA TRP B 46 -6.07 11.53 -3.35
C TRP B 46 -7.23 11.78 -4.31
N ASP B 47 -8.42 12.05 -3.80
CA ASP B 47 -9.52 12.40 -4.70
C ASP B 47 -9.42 13.88 -5.04
N SER B 48 -10.32 14.37 -5.90
CA SER B 48 -10.14 15.72 -6.43
C SER B 48 -10.11 16.75 -5.30
N ASP B 49 -10.94 16.58 -4.28
CA ASP B 49 -10.83 17.34 -3.05
C ASP B 49 -9.64 16.79 -2.28
N GLY B 50 -8.56 17.57 -2.17
CA GLY B 50 -7.27 17.10 -1.73
C GLY B 50 -7.09 16.02 -0.66
N ASN B 51 -8.15 15.26 -0.37
CA ASN B 51 -8.10 14.29 0.73
C ASN B 51 -7.06 13.20 0.50
N GLN B 52 -6.38 12.83 1.57
CA GLN B 52 -5.46 11.69 1.56
C GLN B 52 -6.16 10.45 2.13
N ILE B 53 -6.09 9.35 1.37
CA ILE B 53 -6.82 8.13 1.66
C ILE B 53 -5.82 6.97 1.65
N LEU B 54 -5.73 6.25 2.77
CA LEU B 54 -4.94 5.02 2.79
C LEU B 54 -5.70 3.93 2.03
N ASP B 55 -5.11 3.44 0.95
CA ASP B 55 -5.79 2.47 0.08
C ASP B 55 -5.42 1.06 0.55
N GLY B 56 -6.30 0.50 1.39
CA GLY B 56 -6.11 -0.87 1.84
C GLY B 56 -6.64 -1.92 0.91
N MET B 57 -7.04 -1.52 -0.30
CA MET B 57 -7.60 -2.44 -1.29
C MET B 57 -6.66 -2.64 -2.47
N ALA B 58 -5.45 -2.08 -2.41
CA ALA B 58 -4.54 -2.10 -3.55
C ALA B 58 -5.26 -1.71 -4.83
N GLY B 59 -6.15 -0.72 -4.72
CA GLY B 59 -6.96 -0.28 -5.84
C GLY B 59 -8.13 -1.20 -6.10
N LEU B 60 -7.84 -2.36 -6.68
CA LEU B 60 -8.82 -3.40 -6.90
C LEU B 60 -8.09 -4.73 -6.82
N TRP B 61 -7.49 -5.00 -5.66
CA TRP B 61 -6.76 -6.23 -5.35
C TRP B 61 -5.42 -6.37 -6.07
N CYS B 62 -5.02 -5.43 -6.92
CA CYS B 62 -3.89 -5.67 -7.82
C CYS B 62 -2.63 -4.87 -7.53
N VAL B 63 -2.74 -3.61 -7.12
CA VAL B 63 -1.55 -2.77 -7.02
C VAL B 63 -0.64 -3.29 -5.92
N ASN B 64 0.16 -4.31 -6.26
CA ASN B 64 0.87 -5.07 -5.23
C ASN B 64 2.13 -4.38 -4.75
N ILE B 65 2.86 -3.71 -5.65
CA ILE B 65 4.08 -3.01 -5.25
C ILE B 65 3.81 -1.55 -4.94
N GLY B 66 2.55 -1.17 -4.72
CA GLY B 66 2.21 0.20 -4.41
C GLY B 66 2.31 1.06 -5.65
N TYR B 67 1.79 2.29 -5.51
CA TYR B 67 1.73 3.23 -6.61
C TYR B 67 3.03 4.02 -6.72
N GLY B 68 3.13 4.85 -7.76
CA GLY B 68 4.23 5.79 -7.88
C GLY B 68 5.58 5.13 -8.03
N ARG B 69 5.64 4.03 -8.78
CA ARG B 69 6.90 3.35 -9.08
C ARG B 69 7.38 3.86 -10.44
N LYS B 70 8.30 4.82 -10.39
CA LYS B 70 8.79 5.45 -11.61
C LYS B 70 9.28 4.42 -12.62
N GLU B 71 9.92 3.36 -12.14
CA GLU B 71 10.58 2.43 -13.06
C GLU B 71 9.63 1.85 -14.09
N LEU B 72 8.36 1.66 -13.71
CA LEU B 72 7.42 0.99 -14.61
C LEU B 72 6.87 1.93 -15.67
N ALA B 73 7.00 3.24 -15.49
CA ALA B 73 6.69 4.17 -16.58
C ALA B 73 7.87 4.29 -17.54
N GLU B 74 9.10 4.23 -17.02
CA GLU B 74 10.25 4.20 -17.92
C GLU B 74 10.26 2.92 -18.74
N VAL B 75 9.95 1.78 -18.12
CA VAL B 75 9.91 0.53 -18.87
C VAL B 75 8.84 0.58 -19.96
N ALA B 76 7.76 1.33 -19.74
CA ALA B 76 6.75 1.50 -20.78
C ALA B 76 7.09 2.64 -21.72
N TYR B 77 7.68 3.72 -21.21
CA TYR B 77 8.08 4.82 -22.09
C TYR B 77 8.88 4.32 -23.28
N ARG B 78 9.75 3.34 -23.05
CA ARG B 78 10.63 2.86 -24.09
C ARG B 78 9.99 1.78 -24.96
N GLN B 79 9.19 0.89 -24.38
CA GLN B 79 8.61 -0.19 -25.16
C GLN B 79 7.60 0.32 -26.17
N MET B 80 7.03 1.51 -25.95
CA MET B 80 6.13 2.11 -26.92
C MET B 80 6.88 2.59 -28.15
N GLN B 81 8.16 2.90 -28.01
CA GLN B 81 9.00 3.32 -29.12
C GLN B 81 9.38 2.15 -30.02
N GLU B 82 8.93 0.95 -29.68
CA GLU B 82 9.09 -0.24 -30.53
C GLU B 82 7.76 -0.52 -31.23
N LEU B 83 7.52 -1.77 -31.58
CA LEU B 83 6.39 -2.15 -32.43
C LEU B 83 5.26 -2.70 -31.59
N PRO B 84 3.99 -2.28 -31.84
CA PRO B 84 2.94 -2.53 -30.85
C PRO B 84 2.25 -3.89 -30.94
N TYR B 85 2.33 -4.57 -32.09
CA TYR B 85 1.88 -5.95 -32.11
C TYR B 85 3.08 -6.85 -31.86
N TYR B 86 2.78 -8.04 -31.36
CA TYR B 86 3.71 -9.14 -31.43
C TYR B 86 3.07 -10.21 -32.30
N ASN B 87 3.88 -10.75 -33.21
CA ASN B 87 3.50 -11.76 -34.18
C ASN B 87 4.84 -12.25 -34.69
N ASN B 88 4.82 -13.28 -35.51
CA ASN B 88 6.10 -13.79 -35.98
C ASN B 88 6.48 -13.28 -37.36
N PHE B 89 5.56 -12.66 -38.11
CA PHE B 89 6.02 -11.92 -39.29
C PHE B 89 6.94 -10.78 -38.86
N PHE B 90 6.43 -9.89 -38.00
CA PHE B 90 7.15 -8.70 -37.56
C PHE B 90 7.16 -8.62 -36.05
N GLN B 91 8.21 -9.16 -35.46
CA GLN B 91 8.47 -9.06 -34.03
C GLN B 91 9.59 -8.05 -33.83
N CYS B 92 9.49 -7.27 -32.77
CA CYS B 92 10.57 -6.35 -32.41
C CYS B 92 11.75 -7.22 -31.98
N SER B 93 12.75 -6.59 -31.34
CA SER B 93 13.78 -7.32 -30.63
C SER B 93 13.49 -7.25 -29.14
N HIS B 94 14.00 -8.24 -28.40
CA HIS B 94 13.69 -8.39 -26.99
C HIS B 94 12.18 -8.28 -26.74
N PRO B 95 11.36 -8.96 -27.53
CA PRO B 95 9.91 -8.81 -27.32
C PRO B 95 9.56 -9.19 -25.90
N PRO B 96 8.81 -8.32 -25.20
CA PRO B 96 8.61 -8.54 -23.76
C PRO B 96 7.93 -9.86 -23.46
N ALA B 97 7.19 -10.40 -24.41
CA ALA B 97 6.38 -11.59 -24.17
C ALA B 97 7.25 -12.78 -23.79
N ILE B 98 8.35 -13.01 -24.52
CA ILE B 98 9.27 -14.08 -24.14
C ILE B 98 9.88 -13.80 -22.77
N GLU B 99 10.29 -12.55 -22.54
CA GLU B 99 10.84 -12.17 -21.24
C GLU B 99 9.87 -12.53 -20.13
N LEU B 100 8.63 -12.04 -20.26
CA LEU B 100 7.60 -12.36 -19.29
C LEU B 100 7.36 -13.86 -19.21
N SER B 101 7.27 -14.52 -20.37
CA SER B 101 7.00 -15.95 -20.38
C SER B 101 8.07 -16.72 -19.60
N ARG B 102 9.34 -16.33 -19.77
CA ARG B 102 10.41 -16.96 -18.99
C ARG B 102 10.25 -16.63 -17.51
N LEU B 103 10.22 -15.34 -17.20
CA LEU B 103 10.02 -14.87 -15.83
C LEU B 103 8.88 -15.60 -15.16
N LEU B 104 7.70 -15.51 -15.78
CA LEU B 104 6.52 -16.12 -15.22
C LEU B 104 6.72 -17.61 -15.04
N SER B 105 7.37 -18.27 -16.01
CA SER B 105 7.63 -19.70 -15.87
C SER B 105 8.56 -20.02 -14.72
N GLU B 106 9.38 -19.05 -14.28
CA GLU B 106 10.60 -19.38 -13.58
C GLU B 106 10.49 -19.32 -12.05
N VAL B 107 10.47 -18.14 -11.44
CA VAL B 107 10.50 -18.05 -9.98
C VAL B 107 9.07 -17.83 -9.48
N THR B 108 8.16 -18.67 -9.94
CA THR B 108 6.76 -18.35 -9.72
C THR B 108 5.87 -19.58 -9.86
N PRO B 109 6.09 -20.45 -10.86
CA PRO B 109 5.20 -21.61 -11.01
C PRO B 109 5.99 -22.91 -11.06
N LYS B 110 5.72 -23.79 -10.11
CA LYS B 110 6.62 -24.91 -9.82
C LYS B 110 6.79 -25.82 -11.04
N HIS B 111 5.70 -26.45 -11.47
CA HIS B 111 5.66 -27.35 -12.60
C HIS B 111 5.08 -26.69 -13.83
N MET B 112 4.59 -25.46 -13.71
CA MET B 112 4.02 -24.72 -14.82
C MET B 112 5.15 -23.97 -15.51
N ASN B 113 5.33 -24.23 -16.81
CA ASN B 113 6.39 -23.58 -17.56
C ASN B 113 5.94 -23.18 -18.96
N HIS B 114 4.63 -23.07 -19.21
CA HIS B 114 4.10 -22.47 -20.41
C HIS B 114 3.06 -21.42 -20.06
N VAL B 115 3.06 -20.33 -20.81
CA VAL B 115 2.18 -19.20 -20.52
C VAL B 115 1.56 -18.68 -21.81
N PHE B 116 0.29 -18.28 -21.71
CA PHE B 116 -0.47 -17.68 -22.80
C PHE B 116 -1.09 -16.41 -22.21
N PHE B 117 -0.96 -15.30 -22.91
CA PHE B 117 -1.32 -14.00 -22.35
C PHE B 117 -2.66 -13.55 -22.91
N THR B 118 -3.18 -12.47 -22.32
CA THR B 118 -4.50 -11.99 -22.69
C THR B 118 -4.77 -10.67 -21.97
N GLY B 119 -5.91 -10.06 -22.31
CA GLY B 119 -6.24 -8.71 -21.92
C GLY B 119 -6.95 -8.54 -20.61
N SER B 120 -7.29 -9.64 -19.94
CA SER B 120 -7.90 -9.58 -18.62
C SER B 120 -7.97 -11.01 -18.08
N GLY B 121 -8.13 -11.11 -16.76
CA GLY B 121 -8.18 -12.43 -16.14
C GLY B 121 -9.43 -13.20 -16.51
N SER B 122 -10.51 -12.49 -16.81
CA SER B 122 -11.72 -13.15 -17.31
C SER B 122 -11.44 -13.79 -18.66
N ASP B 123 -10.89 -13.00 -19.60
CA ASP B 123 -10.48 -13.57 -20.88
C ASP B 123 -9.60 -14.79 -20.68
N SER B 124 -8.72 -14.74 -19.68
CA SER B 124 -7.90 -15.91 -19.37
C SER B 124 -8.80 -17.12 -19.12
N ASN B 125 -9.80 -16.95 -18.25
CA ASN B 125 -10.72 -18.04 -17.92
C ASN B 125 -11.49 -18.55 -19.12
N ASP B 126 -11.81 -17.68 -20.09
CA ASP B 126 -12.38 -18.19 -21.33
C ASP B 126 -11.47 -19.22 -21.95
N THR B 127 -10.20 -18.85 -22.14
CA THR B 127 -9.21 -19.76 -22.70
C THR B 127 -9.14 -21.05 -21.91
N ILE B 128 -9.16 -20.98 -20.58
CA ILE B 128 -9.14 -22.22 -19.79
C ILE B 128 -10.34 -23.08 -20.14
N LEU B 129 -11.54 -22.49 -20.12
CA LEU B 129 -12.76 -23.23 -20.45
C LEU B 129 -12.63 -23.90 -21.82
N ARG B 130 -12.15 -23.16 -22.82
CA ARG B 130 -12.02 -23.74 -24.15
C ARG B 130 -11.06 -24.92 -24.15
N MET B 131 -9.85 -24.68 -23.65
CA MET B 131 -8.77 -25.66 -23.78
C MET B 131 -8.86 -26.79 -22.77
N VAL B 132 -9.63 -26.61 -21.69
CA VAL B 132 -9.87 -27.73 -20.79
C VAL B 132 -10.84 -28.72 -21.44
N ARG B 133 -11.82 -28.19 -22.19
CA ARG B 133 -12.63 -29.05 -23.05
C ARG B 133 -11.81 -29.54 -24.23
N TYR B 134 -11.00 -28.66 -24.84
CA TYR B 134 -10.10 -29.11 -25.89
C TYR B 134 -9.27 -30.30 -25.41
N TYR B 135 -8.58 -30.14 -24.27
CA TYR B 135 -7.69 -31.19 -23.76
C TYR B 135 -8.39 -32.56 -23.77
N TRP B 136 -9.59 -32.62 -23.19
CA TRP B 136 -10.24 -33.93 -23.05
C TRP B 136 -10.64 -34.50 -24.40
N LYS B 137 -11.03 -33.65 -25.35
CA LYS B 137 -11.28 -34.12 -26.71
C LYS B 137 -10.07 -34.87 -27.24
N LEU B 138 -8.89 -34.20 -27.27
CA LEU B 138 -7.72 -34.83 -27.86
C LEU B 138 -7.37 -36.16 -27.21
N LEU B 139 -7.80 -36.39 -25.96
CA LEU B 139 -7.59 -37.67 -25.31
C LEU B 139 -8.73 -38.66 -25.60
N GLY B 140 -9.63 -38.31 -26.51
CA GLY B 140 -10.68 -39.22 -26.91
C GLY B 140 -11.86 -39.30 -25.96
N LYS B 141 -12.23 -38.18 -25.35
CA LYS B 141 -13.24 -38.13 -24.32
C LYS B 141 -14.13 -36.88 -24.42
N PRO B 142 -14.57 -36.47 -25.62
CA PRO B 142 -15.16 -35.13 -25.73
C PRO B 142 -16.31 -34.88 -24.77
N TYR B 143 -16.92 -35.96 -24.24
CA TYR B 143 -18.02 -35.82 -23.30
C TYR B 143 -17.56 -35.21 -21.97
N LYS B 144 -16.30 -35.44 -21.58
CA LYS B 144 -15.75 -34.78 -20.39
C LYS B 144 -15.65 -33.29 -20.69
N LYS B 145 -16.78 -32.61 -20.58
CA LYS B 145 -16.88 -31.21 -20.95
C LYS B 145 -17.37 -30.34 -19.80
N VAL B 146 -17.74 -30.94 -18.69
CA VAL B 146 -18.43 -30.25 -17.61
C VAL B 146 -17.40 -29.64 -16.67
N VAL B 147 -17.51 -28.34 -16.44
CA VAL B 147 -16.70 -27.64 -15.45
C VAL B 147 -17.56 -27.36 -14.24
N ILE B 148 -16.95 -27.44 -13.06
CA ILE B 148 -17.64 -27.28 -11.79
C ILE B 148 -16.98 -26.14 -11.03
N SER B 149 -17.76 -25.11 -10.70
CA SER B 149 -17.32 -23.99 -9.88
C SER B 149 -18.08 -24.06 -8.56
N ARG B 150 -18.10 -22.96 -7.81
CA ARG B 150 -18.75 -22.90 -6.51
C ARG B 150 -19.61 -21.65 -6.40
N GLU B 151 -20.68 -21.77 -5.61
CA GLU B 151 -21.49 -20.61 -5.28
C GLU B 151 -20.62 -19.51 -4.69
N ASN B 152 -20.89 -18.28 -5.08
CA ASN B 152 -20.18 -17.09 -4.61
C ASN B 152 -18.68 -17.15 -4.92
N ALA B 153 -18.34 -17.72 -6.07
CA ALA B 153 -17.02 -17.53 -6.66
C ALA B 153 -17.12 -16.45 -7.72
N TYR B 154 -16.02 -15.73 -7.93
CA TYR B 154 -15.93 -14.76 -9.02
C TYR B 154 -14.80 -15.19 -9.93
N HIS B 155 -15.09 -15.28 -11.22
CA HIS B 155 -14.13 -15.73 -12.21
C HIS B 155 -14.14 -14.84 -13.45
N GLY B 156 -14.90 -13.76 -13.45
CA GLY B 156 -14.87 -12.81 -14.53
C GLY B 156 -16.23 -12.20 -14.79
N SER B 157 -16.27 -11.43 -15.88
CA SER B 157 -17.47 -10.71 -16.30
C SER B 157 -17.80 -10.93 -17.76
N THR B 158 -16.94 -11.58 -18.54
CA THR B 158 -17.31 -12.06 -19.87
C THR B 158 -18.51 -12.98 -19.73
N VAL B 159 -19.03 -13.48 -20.86
CA VAL B 159 -20.17 -14.40 -20.79
C VAL B 159 -19.75 -15.69 -20.09
N ALA B 160 -18.57 -16.22 -20.44
CA ALA B 160 -18.08 -17.42 -19.77
C ALA B 160 -17.77 -17.14 -18.30
N GLY B 161 -17.19 -15.98 -18.00
CA GLY B 161 -16.78 -15.69 -16.64
C GLY B 161 -17.95 -15.42 -15.72
N ALA B 162 -18.96 -14.70 -16.22
CA ALA B 162 -20.18 -14.52 -15.43
C ALA B 162 -20.88 -15.85 -15.23
N SER B 163 -20.84 -16.72 -16.24
CA SER B 163 -21.38 -18.06 -16.09
C SER B 163 -20.60 -18.86 -15.06
N LEU B 164 -19.28 -18.90 -15.22
CA LEU B 164 -18.43 -19.63 -14.28
C LEU B 164 -18.60 -19.16 -12.85
N SER B 165 -18.77 -17.85 -12.66
CA SER B 165 -18.80 -17.29 -11.31
C SER B 165 -20.17 -17.55 -10.67
N GLY B 166 -20.15 -18.02 -9.44
CA GLY B 166 -21.36 -18.37 -8.73
C GLY B 166 -22.01 -17.20 -8.04
N MET B 167 -21.68 -16.00 -8.48
CA MET B 167 -22.40 -14.80 -8.06
C MET B 167 -23.75 -14.84 -8.76
N LYS B 168 -24.79 -15.21 -8.01
CA LYS B 168 -26.11 -15.37 -8.61
C LYS B 168 -26.75 -14.03 -8.98
N ALA B 169 -26.11 -12.91 -8.64
CA ALA B 169 -26.54 -11.60 -9.10
C ALA B 169 -26.20 -11.35 -10.56
N MET B 170 -25.22 -12.07 -11.10
CA MET B 170 -24.86 -11.95 -12.51
C MET B 170 -25.59 -12.95 -13.40
N HIS B 171 -25.99 -14.10 -12.84
CA HIS B 171 -26.67 -15.11 -13.65
C HIS B 171 -28.09 -14.68 -13.98
N SER B 172 -28.87 -14.33 -12.95
CA SER B 172 -30.30 -14.14 -13.10
C SER B 172 -30.62 -13.13 -14.20
N HIS B 173 -29.91 -12.00 -14.25
CA HIS B 173 -30.12 -11.05 -15.34
C HIS B 173 -29.58 -11.67 -16.63
N GLY B 174 -30.46 -12.34 -17.38
CA GLY B 174 -30.04 -13.21 -18.47
C GLY B 174 -30.07 -14.67 -18.06
N ASP B 175 -29.69 -15.51 -19.01
CA ASP B 175 -29.67 -16.96 -18.83
C ASP B 175 -28.21 -17.41 -18.90
N LEU B 176 -27.45 -17.07 -17.84
CA LEU B 176 -26.00 -17.07 -17.95
C LEU B 176 -25.24 -18.29 -17.43
N PRO B 177 -25.85 -19.42 -17.12
CA PRO B 177 -25.03 -20.55 -16.66
C PRO B 177 -24.34 -21.29 -17.79
N ILE B 178 -24.76 -21.07 -19.03
CA ILE B 178 -24.40 -21.79 -20.25
C ILE B 178 -24.10 -23.27 -20.07
N PRO B 179 -24.11 -24.05 -21.15
CA PRO B 179 -23.85 -25.50 -21.02
C PRO B 179 -22.49 -25.80 -20.43
N GLY B 180 -22.44 -26.85 -19.61
CA GLY B 180 -21.21 -27.37 -19.08
C GLY B 180 -20.81 -26.84 -17.72
N ILE B 181 -21.57 -25.90 -17.16
CA ILE B 181 -21.23 -25.24 -15.91
C ILE B 181 -22.26 -25.64 -14.85
N GLU B 182 -21.79 -26.36 -13.83
CA GLU B 182 -22.55 -26.65 -12.62
C GLU B 182 -21.80 -26.02 -11.44
N HIS B 183 -22.52 -25.74 -10.36
CA HIS B 183 -21.94 -25.06 -9.20
C HIS B 183 -22.15 -25.91 -7.95
N ILE B 184 -21.32 -25.66 -6.93
CA ILE B 184 -21.40 -26.39 -5.66
C ILE B 184 -21.23 -25.44 -4.48
N GLU B 185 -21.37 -26.04 -3.29
CA GLU B 185 -21.26 -25.38 -2.00
C GLU B 185 -19.92 -24.66 -1.84
N GLN B 186 -19.97 -23.39 -1.20
CA GLN B 186 -18.76 -22.66 -0.89
C GLN B 186 -18.30 -22.99 0.53
N PRO B 187 -16.98 -23.04 0.78
CA PRO B 187 -16.49 -23.34 2.15
C PRO B 187 -16.42 -22.11 3.04
N TYR B 188 -17.56 -21.40 3.16
CA TYR B 188 -17.69 -20.21 3.99
C TYR B 188 -18.24 -20.66 5.34
N HIS B 189 -17.31 -21.07 6.21
CA HIS B 189 -17.69 -21.63 7.51
C HIS B 189 -18.53 -20.67 8.34
N PHE B 190 -18.27 -19.37 8.25
CA PHE B 190 -18.92 -18.46 9.18
C PHE B 190 -20.38 -18.22 8.81
N GLY B 191 -20.64 -17.92 7.54
CA GLY B 191 -21.98 -17.55 7.13
C GLY B 191 -22.93 -18.70 6.99
N ARG B 192 -22.41 -19.93 7.04
CA ARG B 192 -23.19 -21.12 6.79
C ARG B 192 -23.33 -21.98 8.05
N ALA B 193 -22.22 -22.41 8.65
CA ALA B 193 -22.22 -23.34 9.78
C ALA B 193 -21.33 -22.81 10.89
N PRO B 194 -21.75 -21.73 11.54
CA PRO B 194 -20.86 -21.07 12.52
C PRO B 194 -20.34 -21.97 13.64
N ASP B 195 -20.87 -23.17 13.81
CA ASP B 195 -20.57 -23.98 14.98
C ASP B 195 -19.91 -25.32 14.66
N MET B 196 -20.30 -25.99 13.58
CA MET B 196 -19.65 -27.21 13.12
C MET B 196 -18.15 -27.16 13.37
N ASP B 197 -17.57 -28.27 13.83
CA ASP B 197 -16.13 -28.33 14.02
C ASP B 197 -15.44 -27.89 12.72
N PRO B 198 -14.70 -26.78 12.73
CA PRO B 198 -14.20 -26.23 11.46
C PRO B 198 -13.52 -27.23 10.54
N ALA B 199 -12.80 -28.20 11.08
CA ALA B 199 -12.17 -29.21 10.23
C ALA B 199 -13.22 -30.01 9.46
N GLU B 200 -14.22 -30.55 10.17
CA GLU B 200 -15.22 -31.38 9.50
C GLU B 200 -16.02 -30.57 8.47
N PHE B 201 -16.31 -29.30 8.77
CA PHE B 201 -17.03 -28.48 7.80
C PHE B 201 -16.29 -28.40 6.47
N GLY B 202 -14.95 -28.24 6.52
CA GLY B 202 -14.20 -28.18 5.27
C GLY B 202 -14.30 -29.49 4.51
N ARG B 203 -14.04 -30.60 5.19
CA ARG B 203 -14.15 -31.95 4.67
C ARG B 203 -15.47 -32.18 3.96
N GLN B 204 -16.58 -31.67 4.51
CA GLN B 204 -17.89 -31.90 3.90
C GLN B 204 -18.12 -31.01 2.69
N ALA B 205 -17.76 -29.72 2.80
CA ALA B 205 -17.87 -28.83 1.66
C ALA B 205 -16.90 -29.18 0.55
N ALA B 206 -15.83 -29.90 0.87
CA ALA B 206 -14.97 -30.46 -0.17
C ALA B 206 -15.62 -31.67 -0.83
N GLN B 207 -16.20 -32.56 -0.04
CA GLN B 207 -16.94 -33.67 -0.64
C GLN B 207 -18.21 -33.19 -1.35
N ALA B 208 -18.60 -31.92 -1.18
CA ALA B 208 -19.68 -31.38 -2.01
C ALA B 208 -19.39 -31.63 -3.48
N LEU B 209 -18.12 -31.70 -3.84
CA LEU B 209 -17.72 -32.02 -5.20
C LEU B 209 -17.85 -33.51 -5.49
N GLU B 210 -17.35 -34.37 -4.60
CA GLU B 210 -17.55 -35.80 -4.78
C GLU B 210 -19.02 -36.15 -4.91
N ARG B 211 -19.90 -35.40 -4.23
CA ARG B 211 -21.33 -35.62 -4.40
C ARG B 211 -21.80 -35.14 -5.77
N LYS B 212 -21.48 -33.89 -6.13
CA LYS B 212 -21.88 -33.39 -7.45
C LYS B 212 -21.36 -34.29 -8.56
N ILE B 213 -20.13 -34.80 -8.41
CA ILE B 213 -19.57 -35.70 -9.42
C ILE B 213 -20.51 -36.88 -9.63
N ASP B 214 -20.79 -37.61 -8.55
CA ASP B 214 -21.53 -38.85 -8.66
C ASP B 214 -22.93 -38.66 -9.20
N GLU B 215 -23.42 -37.42 -9.21
CA GLU B 215 -24.75 -37.12 -9.74
C GLU B 215 -24.70 -36.68 -11.19
N ILE B 216 -23.58 -36.11 -11.63
CA ILE B 216 -23.40 -35.70 -13.01
C ILE B 216 -22.79 -36.81 -13.86
N GLY B 217 -21.91 -37.63 -13.27
CA GLY B 217 -21.12 -38.58 -14.03
C GLY B 217 -19.68 -38.12 -14.12
N GLU B 218 -18.78 -38.80 -13.41
CA GLU B 218 -17.37 -38.44 -13.44
C GLU B 218 -16.89 -38.21 -14.87
N CYS B 219 -17.33 -39.07 -15.80
CA CYS B 219 -16.90 -38.97 -17.18
C CYS B 219 -17.50 -37.78 -17.92
N ASN B 220 -18.56 -37.18 -17.41
CA ASN B 220 -19.03 -35.94 -18.01
C ASN B 220 -18.23 -34.74 -17.53
N VAL B 221 -17.54 -34.88 -16.40
CA VAL B 221 -16.87 -33.75 -15.78
C VAL B 221 -15.53 -33.51 -16.43
N ALA B 222 -15.29 -32.27 -16.86
CA ALA B 222 -13.99 -31.86 -17.37
C ALA B 222 -13.05 -31.51 -16.23
N ALA B 223 -13.43 -30.55 -15.39
CA ALA B 223 -12.48 -30.04 -14.41
C ALA B 223 -13.20 -29.25 -13.33
N PHE B 224 -12.46 -29.00 -12.24
CA PHE B 224 -12.87 -28.18 -11.11
C PHE B 224 -12.10 -26.86 -11.13
N ILE B 225 -12.74 -25.81 -10.65
CA ILE B 225 -12.16 -24.47 -10.69
C ILE B 225 -12.48 -23.77 -9.37
N ALA B 226 -11.47 -23.17 -8.76
CA ALA B 226 -11.64 -22.49 -7.50
C ALA B 226 -10.61 -21.38 -7.35
N GLU B 227 -11.01 -20.32 -6.65
CA GLU B 227 -10.03 -19.39 -6.10
C GLU B 227 -9.43 -20.00 -4.84
N PRO B 228 -8.11 -19.91 -4.64
CA PRO B 228 -7.56 -20.42 -3.37
C PRO B 228 -8.23 -19.82 -2.17
N ILE B 229 -8.65 -18.56 -2.26
CA ILE B 229 -9.55 -17.91 -1.33
C ILE B 229 -10.45 -17.00 -2.18
N GLN B 230 -11.65 -16.72 -1.68
CA GLN B 230 -12.62 -15.94 -2.44
C GLN B 230 -12.63 -14.49 -1.95
N GLY B 231 -12.08 -13.59 -2.76
CA GLY B 231 -12.34 -12.18 -2.64
C GLY B 231 -13.31 -11.76 -3.73
N ALA B 232 -14.04 -10.67 -3.46
CA ALA B 232 -15.22 -10.28 -4.23
C ALA B 232 -16.43 -10.98 -3.61
N GLY B 233 -16.18 -12.11 -2.96
CA GLY B 233 -17.16 -12.81 -2.16
C GLY B 233 -17.01 -12.62 -0.67
N GLY B 234 -15.97 -11.90 -0.24
CA GLY B 234 -15.77 -11.61 1.17
C GLY B 234 -14.63 -12.34 1.85
N VAL B 235 -13.51 -12.51 1.14
CA VAL B 235 -12.33 -13.19 1.68
C VAL B 235 -12.76 -14.46 2.39
N ILE B 236 -13.19 -15.46 1.62
CA ILE B 236 -13.83 -16.66 2.14
C ILE B 236 -12.74 -17.72 2.26
N ILE B 237 -12.24 -17.93 3.47
CA ILE B 237 -11.01 -18.70 3.68
C ILE B 237 -11.37 -20.13 4.05
N PRO B 238 -10.76 -21.12 3.42
CA PRO B 238 -11.17 -22.51 3.65
C PRO B 238 -10.56 -23.05 4.94
N PRO B 239 -11.32 -23.81 5.72
CA PRO B 239 -10.69 -24.65 6.75
C PRO B 239 -9.51 -25.38 6.13
N ASP B 240 -8.45 -25.54 6.91
CA ASP B 240 -7.21 -26.08 6.38
C ASP B 240 -7.39 -27.51 5.88
N SER B 241 -8.59 -28.08 6.08
CA SER B 241 -8.92 -29.42 5.62
C SER B 241 -9.48 -29.45 4.20
N TYR B 242 -10.16 -28.38 3.77
CA TYR B 242 -10.82 -28.35 2.47
C TYR B 242 -9.88 -28.69 1.33
N TRP B 243 -8.85 -27.86 1.11
CA TRP B 243 -7.95 -28.13 0.00
C TRP B 243 -7.31 -29.52 0.05
N PRO B 244 -7.02 -30.09 1.21
CA PRO B 244 -6.60 -31.51 1.23
C PRO B 244 -7.63 -32.46 0.61
N GLU B 245 -8.90 -32.39 1.01
CA GLU B 245 -9.90 -33.33 0.48
C GLU B 245 -10.01 -33.19 -1.02
N ILE B 246 -10.26 -31.97 -1.50
CA ILE B 246 -10.41 -31.72 -2.93
C ILE B 246 -9.31 -32.38 -3.73
N LYS B 247 -8.07 -32.29 -3.23
CA LYS B 247 -6.96 -32.89 -3.96
C LYS B 247 -7.15 -34.41 -4.08
N ARG B 248 -7.63 -35.07 -3.03
CA ARG B 248 -7.98 -36.48 -3.15
C ARG B 248 -8.86 -36.70 -4.36
N ILE B 249 -9.98 -35.96 -4.37
CA ILE B 249 -11.10 -36.26 -5.25
C ILE B 249 -10.67 -36.10 -6.71
N CYS B 250 -9.86 -35.08 -6.99
CA CYS B 250 -9.27 -34.94 -8.31
C CYS B 250 -8.29 -36.08 -8.61
N ALA B 251 -7.78 -36.76 -7.59
CA ALA B 251 -6.98 -37.97 -7.80
C ALA B 251 -7.90 -39.16 -8.08
N GLU B 252 -8.70 -39.55 -7.09
CA GLU B 252 -9.63 -40.66 -7.20
C GLU B 252 -10.44 -40.56 -8.49
N ARG B 253 -11.28 -39.54 -8.59
CA ARG B 253 -11.93 -39.23 -9.86
C ARG B 253 -10.92 -38.56 -10.78
N ASP B 254 -10.92 -38.95 -12.05
CA ASP B 254 -9.87 -38.52 -12.97
C ASP B 254 -10.30 -37.21 -13.65
N ILE B 255 -10.00 -36.08 -13.00
CA ILE B 255 -10.36 -34.77 -13.51
C ILE B 255 -9.19 -33.80 -13.36
N LEU B 256 -9.38 -32.60 -13.91
CA LEU B 256 -8.40 -31.52 -13.90
C LEU B 256 -8.72 -30.48 -12.83
N LEU B 257 -7.70 -29.68 -12.49
CA LEU B 257 -7.82 -28.62 -11.49
C LEU B 257 -7.52 -27.28 -12.13
N ILE B 258 -8.35 -26.28 -11.85
CA ILE B 258 -8.15 -24.91 -12.31
C ILE B 258 -8.14 -24.02 -11.08
N VAL B 259 -6.97 -23.58 -10.65
CA VAL B 259 -6.85 -22.63 -9.55
C VAL B 259 -6.79 -21.22 -10.12
N ASP B 260 -7.74 -20.37 -9.75
CA ASP B 260 -7.81 -19.01 -10.25
C ASP B 260 -6.99 -18.12 -9.33
N GLU B 261 -5.74 -17.86 -9.71
CA GLU B 261 -4.83 -17.02 -8.94
C GLU B 261 -4.83 -15.59 -9.44
N VAL B 262 -5.92 -15.13 -10.04
CA VAL B 262 -5.96 -13.75 -10.51
C VAL B 262 -5.74 -12.79 -9.36
N ILE B 263 -6.42 -13.04 -8.25
CA ILE B 263 -6.22 -12.23 -7.05
C ILE B 263 -5.08 -12.77 -6.19
N THR B 264 -5.14 -14.06 -5.84
CA THR B 264 -4.18 -14.60 -4.89
C THR B 264 -2.77 -14.64 -5.43
N GLY B 265 -2.59 -14.37 -6.73
CA GLY B 265 -1.28 -14.46 -7.32
C GLY B 265 -0.45 -13.23 -7.06
N PHE B 266 0.87 -13.45 -6.99
CA PHE B 266 1.84 -12.35 -6.92
C PHE B 266 1.88 -11.76 -5.51
N GLY B 267 1.90 -12.64 -4.51
CA GLY B 267 2.23 -12.27 -3.16
C GLY B 267 1.05 -11.97 -2.26
N ARG B 268 -0.16 -11.87 -2.83
CA ARG B 268 -1.33 -11.50 -2.03
C ARG B 268 -1.49 -12.36 -0.78
N LEU B 269 -0.99 -13.60 -0.82
CA LEU B 269 -1.09 -14.53 0.30
C LEU B 269 0.21 -14.68 1.08
N GLY B 270 1.16 -13.77 0.91
CA GLY B 270 2.46 -13.90 1.51
C GLY B 270 3.43 -14.72 0.68
N THR B 271 2.94 -15.70 -0.07
CA THR B 271 3.72 -16.45 -1.03
C THR B 271 3.51 -15.90 -2.43
N TRP B 272 4.38 -16.33 -3.35
CA TRP B 272 4.28 -15.89 -4.73
C TRP B 272 2.88 -16.14 -5.28
N PHE B 273 2.34 -17.32 -5.02
CA PHE B 273 0.98 -17.67 -5.40
C PHE B 273 0.31 -18.43 -4.26
N GLY B 274 -1.03 -18.41 -4.27
CA GLY B 274 -1.77 -19.13 -3.25
C GLY B 274 -1.54 -20.61 -3.25
N SER B 275 -1.32 -21.18 -4.45
CA SER B 275 -1.09 -22.63 -4.55
C SER B 275 0.04 -23.08 -3.62
N GLN B 276 1.17 -22.36 -3.63
CA GLN B 276 2.25 -22.70 -2.70
C GLN B 276 1.74 -22.66 -1.27
N TYR B 277 0.90 -21.69 -0.96
CA TYR B 277 0.35 -21.60 0.38
C TYR B 277 -0.46 -22.84 0.73
N TYR B 278 -1.26 -23.35 -0.21
CA TYR B 278 -2.10 -24.51 0.03
C TYR B 278 -1.53 -25.78 -0.61
N ASP B 279 -0.34 -25.71 -1.20
CA ASP B 279 0.35 -26.88 -1.74
C ASP B 279 -0.48 -27.52 -2.85
N LEU B 280 -1.08 -26.68 -3.70
CA LEU B 280 -1.90 -27.13 -4.81
C LEU B 280 -1.07 -27.18 -6.08
N GLN B 281 -1.45 -28.08 -7.00
CA GLN B 281 -0.72 -28.33 -8.23
C GLN B 281 -1.67 -28.11 -9.40
N PRO B 282 -1.99 -26.86 -9.72
CA PRO B 282 -2.98 -26.60 -10.78
C PRO B 282 -2.58 -27.26 -12.09
N ASP B 283 -3.58 -27.58 -12.90
CA ASP B 283 -3.35 -27.81 -14.31
C ASP B 283 -3.54 -26.54 -15.12
N LEU B 284 -4.23 -25.54 -14.57
CA LEU B 284 -4.41 -24.25 -15.24
C LEU B 284 -4.59 -23.15 -14.21
N MET B 285 -3.78 -22.11 -14.30
CA MET B 285 -3.88 -20.93 -13.45
C MET B 285 -4.18 -19.70 -14.28
N PRO B 286 -5.39 -19.13 -14.25
CA PRO B 286 -5.56 -17.77 -14.77
C PRO B 286 -4.90 -16.77 -13.84
N ILE B 287 -4.12 -15.85 -14.42
CA ILE B 287 -3.44 -14.83 -13.65
C ILE B 287 -3.73 -13.47 -14.27
N ALA B 288 -3.64 -12.43 -13.46
CA ALA B 288 -3.86 -11.06 -13.89
C ALA B 288 -3.61 -10.15 -12.70
N LYS B 289 -4.12 -8.92 -12.73
CA LYS B 289 -4.05 -8.03 -11.59
C LYS B 289 -2.59 -7.76 -11.23
N GLY B 290 -2.12 -8.33 -10.12
CA GLY B 290 -0.74 -8.14 -9.69
C GLY B 290 0.30 -8.52 -10.72
N LEU B 291 -0.10 -9.15 -11.83
CA LEU B 291 0.83 -9.40 -12.93
C LEU B 291 1.54 -8.12 -13.34
N SER B 292 0.77 -7.04 -13.51
CA SER B 292 1.31 -5.71 -13.78
C SER B 292 1.07 -4.76 -12.61
N SER B 293 0.75 -5.31 -11.43
CA SER B 293 0.27 -4.53 -10.29
C SER B 293 -0.73 -3.48 -10.73
N GLY B 294 -1.50 -3.78 -11.78
CA GLY B 294 -2.51 -2.90 -12.28
C GLY B 294 -2.01 -1.79 -13.17
N TYR B 295 -0.71 -1.72 -13.42
CA TYR B 295 -0.14 -0.64 -14.22
C TYR B 295 -0.51 -0.77 -15.69
N MET B 296 -0.80 -1.98 -16.17
CA MET B 296 -1.15 -2.20 -17.56
C MET B 296 -2.11 -3.37 -17.65
N PRO B 297 -3.14 -3.27 -18.49
CA PRO B 297 -4.03 -4.42 -18.69
C PRO B 297 -3.26 -5.64 -19.19
N ILE B 298 -3.43 -6.75 -18.50
CA ILE B 298 -2.87 -8.00 -18.97
C ILE B 298 -3.29 -9.15 -18.07
N GLY B 299 -3.58 -10.30 -18.68
CA GLY B 299 -3.77 -11.54 -17.96
C GLY B 299 -2.98 -12.64 -18.65
N GLY B 300 -3.17 -13.85 -18.15
CA GLY B 300 -2.51 -14.99 -18.75
C GLY B 300 -2.96 -16.26 -18.07
N VAL B 301 -2.55 -17.39 -18.64
CA VAL B 301 -2.84 -18.69 -18.06
C VAL B 301 -1.53 -19.46 -17.93
N MET B 302 -1.17 -19.80 -16.71
CA MET B 302 -0.14 -20.80 -16.47
C MET B 302 -0.74 -22.17 -16.72
N VAL B 303 0.02 -23.03 -17.40
CA VAL B 303 -0.46 -24.31 -17.88
C VAL B 303 0.47 -25.39 -17.36
N SER B 304 -0.10 -26.40 -16.71
CA SER B 304 0.72 -27.47 -16.17
C SER B 304 1.36 -28.27 -17.30
N ASP B 305 2.49 -28.90 -16.98
CA ASP B 305 3.17 -29.75 -17.97
C ASP B 305 2.26 -30.87 -18.44
N ARG B 306 1.36 -31.34 -17.57
CA ARG B 306 0.37 -32.37 -17.90
C ARG B 306 -0.42 -31.97 -19.14
N VAL B 307 -1.24 -30.93 -19.03
CA VAL B 307 -2.06 -30.51 -20.17
C VAL B 307 -1.23 -29.83 -21.26
N ALA B 308 0.05 -29.56 -21.00
CA ALA B 308 0.88 -28.94 -22.01
C ALA B 308 1.29 -29.94 -23.10
N LYS B 309 1.73 -31.14 -22.68
CA LYS B 309 2.16 -32.15 -23.63
C LYS B 309 1.02 -32.61 -24.53
N VAL B 310 -0.20 -32.16 -24.25
CA VAL B 310 -1.38 -32.58 -25.00
C VAL B 310 -1.85 -31.50 -25.96
N VAL B 311 -2.00 -30.26 -25.46
CA VAL B 311 -2.52 -29.19 -26.31
C VAL B 311 -1.42 -28.60 -27.19
N ILE B 312 -0.23 -28.42 -26.63
CA ILE B 312 0.88 -27.76 -27.33
C ILE B 312 1.59 -28.75 -28.24
N GLU B 313 2.31 -29.70 -27.63
CA GLU B 313 2.81 -30.82 -28.43
C GLU B 313 1.61 -31.60 -28.90
N GLU B 314 1.57 -31.93 -30.19
CA GLU B 314 0.49 -32.75 -30.74
C GLU B 314 -0.84 -31.97 -30.84
N GLY B 315 -0.77 -30.68 -31.19
CA GLY B 315 -2.00 -29.92 -31.32
C GLY B 315 -1.80 -28.54 -31.90
N GLY B 316 -2.95 -27.85 -32.11
CA GLY B 316 -3.00 -26.49 -32.61
C GLY B 316 -4.29 -25.75 -32.31
N GLU B 317 -4.18 -24.55 -31.72
CA GLU B 317 -5.34 -23.69 -31.48
C GLU B 317 -4.92 -22.24 -31.17
N TYR B 324 -1.82 -15.98 -27.32
CA TYR B 324 -0.48 -15.46 -27.06
C TYR B 324 -0.35 -14.08 -27.67
N SER B 325 0.85 -13.50 -27.53
CA SER B 325 1.22 -12.24 -28.17
C SER B 325 0.55 -11.04 -27.51
N GLY B 326 0.15 -11.18 -26.25
CA GLY B 326 -0.50 -10.12 -25.53
C GLY B 326 0.22 -8.81 -25.73
N HIS B 327 -0.49 -7.69 -25.56
CA HIS B 327 0.05 -6.40 -25.95
C HIS B 327 1.49 -6.27 -25.46
N PRO B 328 2.48 -6.16 -26.36
CA PRO B 328 3.88 -6.14 -25.91
C PRO B 328 4.15 -5.10 -24.84
N VAL B 329 3.46 -3.96 -24.85
CA VAL B 329 3.71 -2.94 -23.85
C VAL B 329 3.35 -3.44 -22.46
N ALA B 330 2.17 -4.07 -22.33
CA ALA B 330 1.74 -4.56 -21.02
C ALA B 330 2.65 -5.67 -20.53
N ALA B 331 3.13 -6.52 -21.44
CA ALA B 331 4.08 -7.56 -21.05
C ALA B 331 5.39 -6.95 -20.55
N ALA B 332 5.89 -5.92 -21.25
CA ALA B 332 7.07 -5.22 -20.78
C ALA B 332 6.88 -4.71 -19.35
N VAL B 333 5.80 -3.94 -19.14
CA VAL B 333 5.49 -3.46 -17.79
C VAL B 333 5.44 -4.63 -16.82
N ALA B 334 4.72 -5.69 -17.20
CA ALA B 334 4.48 -6.79 -16.28
C ALA B 334 5.76 -7.57 -15.97
N ALA B 335 6.61 -7.78 -16.97
CA ALA B 335 7.91 -8.39 -16.71
C ALA B 335 8.68 -7.58 -15.68
N GLU B 336 8.65 -6.25 -15.80
CA GLU B 336 9.35 -5.41 -14.85
C GLU B 336 8.69 -5.48 -13.47
N ASN B 337 7.35 -5.42 -13.42
CA ASN B 337 6.65 -5.55 -12.15
C ASN B 337 7.09 -6.81 -11.41
N ILE B 338 7.31 -7.89 -12.15
CA ILE B 338 7.76 -9.13 -11.51
C ILE B 338 9.21 -8.99 -11.05
N ARG B 339 10.09 -8.53 -11.95
CA ARG B 339 11.51 -8.40 -11.61
C ARG B 339 11.69 -7.63 -10.31
N ILE B 340 11.04 -6.47 -10.19
CA ILE B 340 11.08 -5.72 -8.94
C ILE B 340 10.70 -6.61 -7.77
N MET B 341 9.54 -7.29 -7.88
CA MET B 341 8.91 -7.89 -6.71
C MET B 341 9.75 -8.98 -6.07
N ARG B 342 10.62 -9.63 -6.85
CA ARG B 342 11.49 -10.64 -6.27
C ARG B 342 12.83 -10.03 -5.86
N ASP B 343 13.38 -9.15 -6.71
CA ASP B 343 14.71 -8.62 -6.49
C ASP B 343 14.75 -7.72 -5.27
N GLU B 344 13.71 -6.92 -5.06
CA GLU B 344 13.55 -6.22 -3.79
C GLU B 344 12.90 -7.10 -2.74
N GLY B 345 12.78 -8.39 -3.00
CA GLY B 345 12.19 -9.32 -2.03
C GLY B 345 10.91 -8.80 -1.42
N ILE B 346 10.08 -8.14 -2.23
CA ILE B 346 8.91 -7.45 -1.69
C ILE B 346 7.86 -8.45 -1.23
N ILE B 347 7.63 -9.51 -2.01
CA ILE B 347 6.72 -10.54 -1.54
C ILE B 347 7.42 -11.46 -0.54
N GLU B 348 8.73 -11.70 -0.67
CA GLU B 348 9.41 -12.52 0.33
C GLU B 348 9.31 -11.86 1.70
N ARG B 349 9.48 -10.54 1.75
CA ARG B 349 9.36 -9.79 3.00
C ARG B 349 7.90 -9.65 3.42
N ALA B 350 7.01 -9.37 2.47
CA ALA B 350 5.60 -9.26 2.79
C ALA B 350 5.10 -10.48 3.55
N GLY B 351 5.44 -11.67 3.05
CA GLY B 351 4.97 -12.90 3.65
C GLY B 351 5.77 -13.39 4.83
N ALA B 352 6.95 -12.82 5.05
CA ALA B 352 7.82 -13.17 6.16
C ALA B 352 7.81 -12.14 7.28
N GLU B 353 7.64 -10.86 6.94
CA GLU B 353 7.74 -9.77 7.91
C GLU B 353 6.41 -9.09 8.15
N ILE B 354 5.80 -8.48 7.14
CA ILE B 354 4.65 -7.63 7.42
C ILE B 354 3.32 -8.40 7.40
N ALA B 355 3.23 -9.48 6.62
CA ALA B 355 1.99 -10.28 6.64
C ALA B 355 1.71 -10.77 8.06
N PRO B 356 2.63 -11.49 8.72
CA PRO B 356 2.39 -11.83 10.13
C PRO B 356 1.94 -10.67 10.98
N TYR B 357 2.54 -9.49 10.79
CA TYR B 357 2.20 -8.33 11.59
C TYR B 357 0.79 -7.84 11.29
N LEU B 358 0.43 -7.77 10.00
CA LEU B 358 -0.89 -7.31 9.63
C LEU B 358 -1.96 -8.28 10.13
N GLN B 359 -1.78 -9.57 9.86
CA GLN B 359 -2.76 -10.55 10.31
C GLN B 359 -2.93 -10.48 11.82
N ALA B 360 -1.81 -10.33 12.54
CA ALA B 360 -1.86 -10.25 14.00
C ALA B 360 -2.74 -9.11 14.47
N ARG B 361 -2.52 -7.92 13.95
CA ARG B 361 -3.27 -6.76 14.43
C ARG B 361 -4.72 -6.83 14.02
N TRP B 362 -5.00 -7.40 12.86
CA TRP B 362 -6.39 -7.59 12.44
C TRP B 362 -7.19 -8.25 13.54
N ARG B 363 -6.63 -9.32 14.11
CA ARG B 363 -7.33 -10.09 15.13
C ARG B 363 -7.71 -9.24 16.34
N GLU B 364 -6.96 -8.14 16.58
CA GLU B 364 -7.36 -7.25 17.67
C GLU B 364 -8.78 -6.74 17.47
N LEU B 365 -9.14 -6.45 16.22
CA LEU B 365 -10.49 -5.98 15.93
C LEU B 365 -11.54 -7.03 16.25
N GLY B 366 -11.14 -8.28 16.45
CA GLY B 366 -12.09 -9.28 16.90
C GLY B 366 -12.81 -8.88 18.16
N GLU B 367 -12.10 -8.23 19.09
CA GLU B 367 -12.64 -7.96 20.40
C GLU B 367 -13.59 -6.76 20.43
N HIS B 368 -13.83 -6.15 19.27
CA HIS B 368 -14.80 -5.06 19.17
C HIS B 368 -16.21 -5.60 19.36
N PRO B 369 -17.10 -4.87 20.08
CA PRO B 369 -18.43 -5.40 20.30
C PRO B 369 -19.20 -5.76 19.03
N LEU B 370 -18.71 -5.31 17.87
CA LEU B 370 -19.47 -5.40 16.62
C LEU B 370 -18.93 -6.44 15.65
N VAL B 371 -17.95 -7.24 16.05
CA VAL B 371 -17.22 -8.10 15.12
C VAL B 371 -17.27 -9.52 15.63
N GLY B 372 -17.82 -10.42 14.79
CA GLY B 372 -18.01 -11.82 15.15
C GLY B 372 -16.86 -12.73 14.76
N GLU B 373 -16.31 -12.54 13.56
CA GLU B 373 -15.11 -13.24 13.13
C GLU B 373 -14.06 -12.20 12.74
N ALA B 374 -12.78 -12.56 12.86
CA ALA B 374 -11.69 -11.76 12.33
C ALA B 374 -10.88 -12.67 11.42
N ARG B 375 -10.97 -12.42 10.12
CA ARG B 375 -10.46 -13.33 9.10
C ARG B 375 -9.24 -12.73 8.42
N GLY B 376 -8.29 -13.60 8.07
CA GLY B 376 -7.24 -13.18 7.17
C GLY B 376 -6.11 -14.16 7.01
N VAL B 377 -5.55 -14.21 5.80
CA VAL B 377 -4.31 -14.92 5.52
C VAL B 377 -3.42 -13.97 4.72
N GLY B 378 -2.11 -14.11 4.91
CA GLY B 378 -1.17 -13.33 4.15
C GLY B 378 -1.45 -11.84 4.18
N MET B 379 -1.62 -11.24 3.01
CA MET B 379 -1.82 -9.80 2.89
C MET B 379 -3.28 -9.43 2.64
N VAL B 380 -4.21 -10.31 3.01
CA VAL B 380 -5.63 -10.07 2.80
C VAL B 380 -6.34 -10.31 4.13
N ALA B 381 -7.48 -9.67 4.31
CA ALA B 381 -8.17 -9.83 5.58
C ALA B 381 -9.59 -9.32 5.49
N ALA B 382 -10.42 -9.80 6.42
CA ALA B 382 -11.84 -9.51 6.39
C ALA B 382 -12.43 -9.52 7.80
N LEU B 383 -13.39 -8.63 8.03
CA LEU B 383 -14.16 -8.60 9.26
C LEU B 383 -15.64 -8.83 8.97
N GLU B 384 -16.30 -9.47 9.91
CA GLU B 384 -17.72 -9.78 9.82
C GLU B 384 -18.51 -8.87 10.75
N LEU B 385 -19.48 -8.17 10.19
CA LEU B 385 -20.31 -7.22 10.94
C LEU B 385 -21.58 -7.91 11.37
N VAL B 386 -21.90 -7.82 12.66
CA VAL B 386 -22.95 -8.64 13.26
C VAL B 386 -23.67 -7.83 14.33
N LYS B 387 -24.98 -8.10 14.46
CA LYS B 387 -25.81 -7.38 15.41
C LYS B 387 -25.43 -7.70 16.85
N SER B 388 -25.25 -8.99 17.16
CA SER B 388 -24.88 -9.40 18.51
C SER B 388 -23.93 -10.58 18.42
N LYS B 389 -22.95 -10.61 19.32
CA LYS B 389 -21.97 -11.68 19.40
C LYS B 389 -22.30 -12.71 20.47
N GLN B 390 -22.74 -12.26 21.64
CA GLN B 390 -23.07 -13.17 22.73
C GLN B 390 -24.06 -14.24 22.29
N PRO B 391 -25.01 -13.93 21.37
CA PRO B 391 -25.85 -14.99 20.79
C PRO B 391 -25.65 -15.12 19.28
N LEU B 392 -24.57 -14.51 18.77
CA LEU B 392 -24.25 -14.51 17.34
C LEU B 392 -25.51 -14.29 16.50
N GLU B 393 -25.78 -13.04 16.20
CA GLU B 393 -26.96 -12.63 15.43
C GLU B 393 -26.51 -11.93 14.17
N ARG B 394 -27.11 -12.30 13.04
CA ARG B 394 -26.90 -11.59 11.80
C ARG B 394 -27.82 -10.37 11.77
N PHE B 395 -27.65 -9.54 10.75
CA PHE B 395 -28.51 -8.37 10.59
C PHE B 395 -29.64 -8.67 9.62
N GLU B 396 -30.75 -7.99 9.82
CA GLU B 396 -31.74 -7.82 8.77
C GLU B 396 -31.10 -6.89 7.73
N GLU B 397 -30.65 -7.51 6.62
CA GLU B 397 -29.83 -6.88 5.58
C GLU B 397 -28.45 -6.53 6.10
N PRO B 398 -27.54 -7.49 6.30
CA PRO B 398 -26.17 -7.12 6.68
C PRO B 398 -25.49 -6.25 5.64
N GLY B 399 -25.97 -6.27 4.40
CA GLY B 399 -25.41 -5.39 3.38
C GLY B 399 -25.68 -3.92 3.68
N LYS B 400 -26.88 -3.60 4.18
CA LYS B 400 -27.17 -2.22 4.52
C LYS B 400 -26.17 -1.69 5.56
N VAL B 401 -25.79 -2.54 6.51
CA VAL B 401 -24.83 -2.14 7.54
C VAL B 401 -23.42 -2.06 6.95
N GLY B 402 -22.99 -3.13 6.27
CA GLY B 402 -21.66 -3.13 5.68
C GLY B 402 -21.45 -1.98 4.73
N SER B 403 -22.46 -1.67 3.92
CA SER B 403 -22.38 -0.54 3.00
C SER B 403 -21.95 0.73 3.73
N LEU B 404 -22.59 1.00 4.87
CA LEU B 404 -22.30 2.23 5.60
C LEU B 404 -20.88 2.20 6.18
N CYS B 405 -20.48 1.06 6.76
CA CYS B 405 -19.12 0.95 7.30
C CYS B 405 -18.08 1.23 6.22
N ARG B 406 -18.42 0.97 4.96
CA ARG B 406 -17.52 1.29 3.85
C ARG B 406 -17.52 2.79 3.59
N ASP B 407 -18.67 3.44 3.72
CA ASP B 407 -18.76 4.89 3.57
C ASP B 407 -17.97 5.61 4.68
N LEU B 408 -18.04 5.10 5.91
CA LEU B 408 -17.35 5.77 7.01
C LEU B 408 -15.84 5.60 6.87
N SER B 409 -15.40 4.44 6.40
CA SER B 409 -13.97 4.18 6.30
C SER B 409 -13.29 5.18 5.35
N VAL B 410 -13.84 5.34 4.14
CA VAL B 410 -13.24 6.25 3.18
C VAL B 410 -13.15 7.67 3.77
N LYS B 411 -14.23 8.12 4.40
CA LYS B 411 -14.21 9.45 5.02
C LYS B 411 -13.15 9.51 6.12
N ASN B 412 -12.99 8.43 6.89
CA ASN B 412 -11.99 8.40 7.93
C ASN B 412 -10.60 8.06 7.39
N GLY B 413 -10.44 8.03 6.07
CA GLY B 413 -9.14 7.90 5.45
C GLY B 413 -8.72 6.51 5.07
N LEU B 414 -9.66 5.62 4.80
CA LEU B 414 -9.32 4.23 4.50
C LEU B 414 -10.26 3.68 3.44
N VAL B 415 -9.67 3.09 2.40
CA VAL B 415 -10.43 2.32 1.42
C VAL B 415 -10.55 0.90 1.95
N MET B 416 -11.79 0.52 2.26
CA MET B 416 -12.12 -0.77 2.86
C MET B 416 -13.46 -1.15 2.26
N ARG B 417 -13.46 -2.17 1.42
CA ARG B 417 -14.71 -2.52 0.74
C ARG B 417 -15.57 -3.38 1.64
N ALA B 418 -16.88 -3.33 1.39
CA ALA B 418 -17.83 -4.19 2.06
C ALA B 418 -18.45 -5.15 1.06
N VAL B 419 -18.47 -6.42 1.41
CA VAL B 419 -19.25 -7.44 0.72
C VAL B 419 -20.31 -7.89 1.71
N GLY B 420 -21.57 -7.60 1.42
CA GLY B 420 -22.62 -7.78 2.41
C GLY B 420 -22.23 -7.16 3.74
N GLY B 421 -22.15 -7.99 4.78
CA GLY B 421 -21.70 -7.56 6.09
C GLY B 421 -20.25 -7.86 6.38
N THR B 422 -19.47 -8.25 5.39
CA THR B 422 -18.04 -8.52 5.57
C THR B 422 -17.24 -7.30 5.11
N MET B 423 -16.31 -6.86 5.96
CA MET B 423 -15.36 -5.83 5.62
C MET B 423 -14.05 -6.48 5.21
N ILE B 424 -13.41 -5.95 4.17
CA ILE B 424 -12.22 -6.56 3.60
C ILE B 424 -11.14 -5.53 3.34
N ILE B 425 -9.89 -6.02 3.32
CA ILE B 425 -8.72 -5.20 3.02
C ILE B 425 -7.72 -6.05 2.26
N SER B 426 -7.01 -5.43 1.32
CA SER B 426 -5.93 -6.08 0.59
C SER B 426 -4.91 -4.99 0.25
N PRO B 427 -4.20 -4.48 1.25
CA PRO B 427 -3.27 -3.37 0.99
C PRO B 427 -2.17 -3.84 0.07
N PRO B 428 -1.45 -2.92 -0.58
CA PRO B 428 -0.30 -3.34 -1.38
C PRO B 428 0.71 -4.07 -0.50
N LEU B 429 1.48 -4.96 -1.11
CA LEU B 429 2.38 -5.80 -0.33
C LEU B 429 3.49 -5.00 0.32
N VAL B 430 3.63 -3.73 -0.05
CA VAL B 430 4.71 -2.88 0.44
C VAL B 430 4.27 -2.13 1.69
N LEU B 431 3.19 -2.59 2.31
CA LEU B 431 2.76 -1.99 3.56
C LEU B 431 3.93 -1.99 4.56
N SER B 432 4.03 -0.93 5.32
CA SER B 432 4.96 -0.81 6.41
C SER B 432 4.22 -1.10 7.71
N ARG B 433 4.97 -1.52 8.72
CA ARG B 433 4.32 -1.80 10.00
C ARG B 433 3.54 -0.61 10.50
N GLU B 434 4.03 0.60 10.22
CA GLU B 434 3.36 1.80 10.70
C GLU B 434 2.14 2.13 9.87
N GLN B 435 2.12 1.73 8.60
CA GLN B 435 0.92 1.91 7.79
C GLN B 435 -0.18 0.93 8.17
N VAL B 436 0.16 -0.25 8.74
CA VAL B 436 -0.93 -1.08 9.24
C VAL B 436 -1.47 -0.49 10.52
N ASP B 437 -0.58 0.06 11.36
CA ASP B 437 -1.05 0.77 12.54
C ASP B 437 -1.99 1.89 12.14
N GLU B 438 -1.60 2.67 11.13
CA GLU B 438 -2.51 3.64 10.54
C GLU B 438 -3.86 3.00 10.23
N LEU B 439 -3.84 1.94 9.41
CA LEU B 439 -5.06 1.29 8.99
C LEU B 439 -5.84 0.70 10.17
N ILE B 440 -5.16 0.10 11.14
CA ILE B 440 -5.87 -0.49 12.28
C ILE B 440 -6.62 0.59 13.06
N ASP B 441 -5.96 1.72 13.33
CA ASP B 441 -6.61 2.79 14.07
C ASP B 441 -7.82 3.32 13.30
N LYS B 442 -7.65 3.57 12.00
CA LYS B 442 -8.77 4.06 11.20
C LYS B 442 -9.93 3.07 11.19
N ALA B 443 -9.63 1.78 11.24
CA ALA B 443 -10.69 0.77 11.26
C ALA B 443 -11.41 0.76 12.60
N ARG B 444 -10.66 0.56 13.69
CA ARG B 444 -11.27 0.59 15.02
C ARG B 444 -12.00 1.91 15.25
N ARG B 445 -11.53 2.98 14.61
CA ARG B 445 -12.33 4.22 14.55
C ARG B 445 -13.60 3.98 13.75
N THR B 446 -13.47 3.46 12.53
CA THR B 446 -14.63 3.26 11.66
C THR B 446 -15.62 2.26 12.26
N LEU B 447 -15.16 1.31 13.06
CA LEU B 447 -16.09 0.35 13.66
C LEU B 447 -16.87 0.99 14.81
N ASP B 448 -16.17 1.72 15.68
CA ASP B 448 -16.85 2.41 16.79
C ASP B 448 -17.91 3.37 16.26
N GLU B 449 -17.65 4.03 15.13
CA GLU B 449 -18.62 4.99 14.62
C GLU B 449 -19.88 4.28 14.13
N THR B 450 -19.72 3.22 13.34
CA THR B 450 -20.88 2.48 12.84
C THR B 450 -21.69 1.89 13.98
N HIS B 451 -21.01 1.28 14.94
CA HIS B 451 -21.67 0.75 16.13
C HIS B 451 -22.58 1.80 16.76
N LYS B 452 -22.11 3.05 16.82
CA LYS B 452 -22.88 4.12 17.44
C LYS B 452 -24.20 4.34 16.71
N ALA B 453 -24.17 4.40 15.38
CA ALA B 453 -25.33 4.82 14.62
C ALA B 453 -26.53 3.92 14.87
N ILE B 454 -26.45 2.64 14.47
CA ILE B 454 -27.56 1.73 14.73
C ILE B 454 -27.71 1.52 16.23
N GLY B 455 -26.60 1.38 16.95
CA GLY B 455 -26.65 1.20 18.39
C GLY B 455 -27.21 2.41 19.10
N ILE C 36 12.73 -9.59 -38.73
CA ILE C 36 12.82 -8.76 -37.54
C ILE C 36 12.76 -7.28 -37.88
N ILE C 37 11.92 -6.56 -37.16
CA ILE C 37 11.78 -5.12 -37.33
C ILE C 37 12.54 -4.42 -36.21
N THR C 38 13.33 -3.42 -36.59
CA THR C 38 14.08 -2.60 -35.65
C THR C 38 13.42 -1.25 -35.42
N ARG C 39 13.14 -0.51 -36.49
CA ARG C 39 12.69 0.88 -36.38
C ARG C 39 11.46 1.09 -37.24
N ALA C 40 10.67 2.11 -36.87
CA ALA C 40 9.38 2.32 -37.52
C ALA C 40 8.93 3.76 -37.33
N GLU C 41 8.52 4.39 -38.42
CA GLU C 41 8.00 5.76 -38.42
C GLU C 41 7.03 5.90 -39.57
N GLY C 42 5.93 6.61 -39.32
CA GLY C 42 4.95 6.81 -40.36
C GLY C 42 4.36 5.48 -40.80
N CYS C 43 4.37 5.25 -42.11
CA CYS C 43 3.82 4.03 -42.69
C CYS C 43 4.91 2.99 -42.99
N TYR C 44 6.09 3.14 -42.39
CA TYR C 44 7.26 2.38 -42.78
C TYR C 44 7.86 1.61 -41.60
N LEU C 45 8.45 0.46 -41.93
CA LEU C 45 9.21 -0.36 -41.00
C LEU C 45 10.58 -0.63 -41.61
N TRP C 46 11.58 -0.83 -40.76
CA TRP C 46 12.94 -1.13 -41.20
C TRP C 46 13.39 -2.45 -40.58
N ASP C 47 13.99 -3.30 -41.39
CA ASP C 47 14.37 -4.67 -41.02
C ASP C 47 15.81 -4.69 -40.51
N SER C 48 16.28 -5.88 -40.10
CA SER C 48 17.65 -6.03 -39.63
C SER C 48 18.68 -5.66 -40.70
N ASP C 49 18.33 -5.86 -41.97
CA ASP C 49 19.22 -5.51 -43.07
C ASP C 49 18.89 -4.16 -43.68
N GLY C 50 18.16 -3.31 -42.95
CA GLY C 50 17.84 -2.00 -43.44
C GLY C 50 16.81 -1.96 -44.55
N ASN C 51 16.12 -3.07 -44.83
CA ASN C 51 15.07 -3.05 -45.83
C ASN C 51 13.89 -2.20 -45.34
N GLN C 52 13.54 -1.19 -46.11
CA GLN C 52 12.35 -0.39 -45.85
C GLN C 52 11.10 -1.17 -46.27
N ILE C 53 10.09 -1.17 -45.40
CA ILE C 53 8.85 -1.88 -45.66
C ILE C 53 7.68 -0.91 -45.46
N LEU C 54 6.86 -0.74 -46.50
CA LEU C 54 5.58 -0.05 -46.35
C LEU C 54 4.61 -0.95 -45.60
N ASP C 55 4.19 -0.54 -44.41
CA ASP C 55 3.20 -1.33 -43.68
C ASP C 55 1.84 -0.94 -44.23
N GLY C 56 1.38 -1.65 -45.25
CA GLY C 56 0.09 -1.37 -45.85
C GLY C 56 -1.02 -2.09 -45.10
N MET C 57 -0.70 -2.53 -43.89
CA MET C 57 -1.62 -3.28 -43.06
C MET C 57 -1.89 -2.58 -41.74
N ALA C 58 -1.30 -1.40 -41.52
CA ALA C 58 -1.38 -0.75 -40.22
C ALA C 58 -1.14 -1.75 -39.10
N GLY C 59 -0.18 -2.64 -39.28
CA GLY C 59 0.15 -3.58 -38.22
C GLY C 59 -0.88 -4.67 -38.04
N LEU C 60 -2.05 -4.31 -37.52
CA LEU C 60 -3.22 -5.19 -37.46
C LEU C 60 -4.45 -4.31 -37.63
N TRP C 61 -4.56 -3.66 -38.78
CA TRP C 61 -5.65 -2.74 -39.10
C TRP C 61 -5.76 -1.56 -38.14
N CYS C 62 -4.76 -1.29 -37.31
CA CYS C 62 -4.98 -0.40 -36.17
C CYS C 62 -4.15 0.89 -36.18
N VAL C 63 -2.85 0.83 -36.49
CA VAL C 63 -2.00 2.00 -36.33
C VAL C 63 -2.49 3.10 -37.26
N ASN C 64 -3.53 3.82 -36.85
CA ASN C 64 -4.21 4.72 -37.77
C ASN C 64 -3.57 6.10 -37.86
N ILE C 65 -2.76 6.52 -36.88
CA ILE C 65 -1.95 7.71 -37.06
C ILE C 65 -0.53 7.39 -37.53
N GLY C 66 -0.23 6.13 -37.81
CA GLY C 66 1.11 5.74 -38.16
C GLY C 66 2.00 5.57 -36.94
N TYR C 67 3.16 4.97 -37.17
CA TYR C 67 4.09 4.61 -36.12
C TYR C 67 4.89 5.83 -35.63
N GLY C 68 5.65 5.61 -34.56
CA GLY C 68 6.67 6.56 -34.14
C GLY C 68 6.15 7.93 -33.78
N ARG C 69 5.03 7.98 -33.07
CA ARG C 69 4.46 9.23 -32.57
C ARG C 69 4.91 9.37 -31.12
N LYS C 70 6.01 10.08 -30.88
CA LYS C 70 6.47 10.13 -29.50
C LYS C 70 5.45 10.82 -28.61
N GLU C 71 4.57 11.66 -29.18
CA GLU C 71 3.54 12.28 -28.36
C GLU C 71 2.69 11.23 -27.66
N LEU C 72 2.55 10.04 -28.25
CA LEU C 72 1.77 8.99 -27.61
C LEU C 72 2.52 8.32 -26.47
N ALA C 73 3.84 8.34 -26.49
CA ALA C 73 4.61 7.84 -25.36
C ALA C 73 4.79 8.88 -24.27
N GLU C 74 4.85 10.17 -24.61
CA GLU C 74 4.93 11.18 -23.57
C GLU C 74 3.69 11.13 -22.68
N VAL C 75 2.51 11.13 -23.28
CA VAL C 75 1.28 11.27 -22.48
C VAL C 75 1.17 10.13 -21.47
N ALA C 76 1.61 8.92 -21.85
CA ALA C 76 1.45 7.77 -20.96
C ALA C 76 2.44 7.82 -19.81
N TYR C 77 3.71 8.13 -20.09
CA TYR C 77 4.65 8.35 -18.99
C TYR C 77 4.07 9.35 -18.00
N ARG C 78 3.29 10.33 -18.49
CA ARG C 78 2.76 11.34 -17.60
C ARG C 78 1.60 10.79 -16.77
N GLN C 79 0.72 9.99 -17.36
CA GLN C 79 -0.45 9.52 -16.62
C GLN C 79 -0.09 8.40 -15.64
N MET C 80 0.97 7.64 -15.93
CA MET C 80 1.37 6.56 -15.03
C MET C 80 1.97 7.09 -13.74
N GLN C 81 2.61 8.27 -13.78
CA GLN C 81 3.22 8.81 -12.56
C GLN C 81 2.14 9.33 -11.63
N GLU C 82 1.11 9.95 -12.21
CA GLU C 82 -0.08 10.40 -11.53
C GLU C 82 -0.73 9.27 -10.75
N LEU C 83 -1.25 8.31 -11.49
CA LEU C 83 -2.13 7.25 -11.01
C LEU C 83 -2.07 6.16 -12.08
N PRO C 84 -1.31 5.09 -11.86
CA PRO C 84 -1.26 4.03 -12.88
C PRO C 84 -2.53 3.21 -12.98
N TYR C 85 -3.21 2.99 -11.85
CA TYR C 85 -4.52 2.32 -11.87
C TYR C 85 -5.37 2.83 -10.71
N TYR C 86 -6.64 3.11 -11.02
CA TYR C 86 -7.71 2.98 -10.05
C TYR C 86 -8.93 2.40 -10.75
N ASN C 87 -9.86 1.91 -9.94
CA ASN C 87 -11.01 1.16 -10.42
C ASN C 87 -12.20 2.06 -10.72
N ASN C 88 -12.97 1.66 -11.73
CA ASN C 88 -14.19 2.37 -12.08
C ASN C 88 -15.42 1.82 -11.35
N PHE C 89 -15.23 0.95 -10.37
CA PHE C 89 -16.36 0.21 -9.79
C PHE C 89 -17.28 1.15 -9.01
N PHE C 90 -18.55 1.17 -9.44
CA PHE C 90 -19.61 2.10 -9.07
C PHE C 90 -19.17 3.49 -8.63
N GLN C 91 -18.97 3.77 -7.34
CA GLN C 91 -18.86 5.17 -6.95
C GLN C 91 -17.66 5.86 -7.58
N CYS C 92 -16.60 5.10 -7.82
CA CYS C 92 -15.28 5.61 -8.16
C CYS C 92 -15.16 5.85 -9.67
N SER C 93 -14.16 6.64 -10.03
CA SER C 93 -13.82 6.96 -11.41
C SER C 93 -12.57 7.82 -11.34
N HIS C 94 -11.88 7.96 -12.47
CA HIS C 94 -10.70 8.80 -12.56
C HIS C 94 -10.81 9.72 -13.77
N PRO C 95 -9.99 10.76 -13.83
CA PRO C 95 -10.21 11.83 -14.82
C PRO C 95 -9.92 11.39 -16.25
N PRO C 96 -8.85 10.62 -16.50
CA PRO C 96 -8.57 10.24 -17.90
C PRO C 96 -9.75 9.62 -18.59
N ALA C 97 -10.52 8.80 -17.86
CA ALA C 97 -11.65 8.13 -18.46
C ALA C 97 -12.80 9.09 -18.72
N ILE C 98 -13.05 10.02 -17.80
CA ILE C 98 -14.23 10.87 -17.97
C ILE C 98 -14.17 11.62 -19.29
N GLU C 99 -13.09 12.39 -19.54
CA GLU C 99 -13.21 13.06 -20.82
C GLU C 99 -12.74 12.23 -22.01
N LEU C 100 -12.15 11.04 -21.84
CA LEU C 100 -12.15 10.15 -23.01
C LEU C 100 -13.60 9.95 -23.47
N SER C 101 -14.48 9.65 -22.52
CA SER C 101 -15.88 9.42 -22.87
C SER C 101 -16.55 10.67 -23.42
N ARG C 102 -16.03 11.87 -23.10
CA ARG C 102 -16.56 13.07 -23.71
C ARG C 102 -16.18 13.15 -25.19
N LEU C 103 -14.90 12.93 -25.52
CA LEU C 103 -14.51 12.93 -26.93
C LEU C 103 -15.35 11.92 -27.71
N LEU C 104 -15.41 10.69 -27.21
CA LEU C 104 -16.15 9.65 -27.91
C LEU C 104 -17.60 10.06 -28.12
N SER C 105 -18.13 10.89 -27.22
CA SER C 105 -19.43 11.50 -27.47
C SER C 105 -19.36 12.69 -28.41
N GLU C 106 -18.18 13.21 -28.75
CA GLU C 106 -18.15 14.52 -29.36
C GLU C 106 -18.19 14.50 -30.88
N VAL C 107 -17.04 14.52 -31.57
CA VAL C 107 -17.01 14.63 -33.03
C VAL C 107 -17.09 13.22 -33.60
N THR C 108 -17.51 12.28 -32.78
CA THR C 108 -17.31 10.87 -33.11
C THR C 108 -18.59 10.05 -33.15
N PRO C 109 -19.57 10.27 -32.27
CA PRO C 109 -20.75 9.38 -32.29
C PRO C 109 -21.88 9.80 -33.23
N LYS C 110 -22.64 10.82 -32.81
CA LYS C 110 -23.87 11.33 -33.42
C LYS C 110 -24.97 11.25 -32.35
N HIS C 111 -25.67 10.11 -32.32
CA HIS C 111 -26.69 9.81 -31.34
C HIS C 111 -26.15 9.03 -30.14
N MET C 112 -24.88 8.63 -30.22
CA MET C 112 -24.21 7.99 -29.09
C MET C 112 -23.59 9.05 -28.17
N ASN C 113 -23.87 8.94 -26.89
CA ASN C 113 -23.35 9.90 -25.94
C ASN C 113 -23.11 9.25 -24.57
N HIS C 114 -22.98 7.92 -24.52
CA HIS C 114 -22.59 7.19 -23.33
C HIS C 114 -21.60 6.08 -23.72
N VAL C 115 -20.70 5.73 -22.81
CA VAL C 115 -19.74 4.65 -23.08
C VAL C 115 -19.45 3.79 -21.86
N PHE C 116 -19.40 2.48 -22.06
CA PHE C 116 -18.65 1.56 -21.20
C PHE C 116 -17.33 1.10 -21.80
N PHE C 117 -16.35 0.91 -20.93
CA PHE C 117 -14.99 0.65 -21.34
C PHE C 117 -14.68 -0.80 -21.05
N THR C 118 -13.62 -1.28 -21.70
CA THR C 118 -13.23 -2.67 -21.51
C THR C 118 -11.83 -2.85 -22.08
N GLY C 119 -11.25 -4.00 -21.78
CA GLY C 119 -9.85 -4.23 -22.02
C GLY C 119 -9.47 -4.67 -23.40
N SER C 120 -10.43 -4.79 -24.30
CA SER C 120 -10.18 -5.31 -25.63
C SER C 120 -11.47 -5.21 -26.42
N GLY C 121 -11.34 -5.37 -27.74
CA GLY C 121 -12.51 -5.39 -28.59
C GLY C 121 -13.34 -6.64 -28.41
N SER C 122 -12.69 -7.74 -28.03
CA SER C 122 -13.42 -8.99 -27.82
C SER C 122 -14.19 -8.95 -26.51
N ASP C 123 -13.54 -8.44 -25.46
CA ASP C 123 -14.28 -8.16 -24.23
C ASP C 123 -15.48 -7.29 -24.50
N SER C 124 -15.35 -6.32 -25.40
CA SER C 124 -16.46 -5.44 -25.69
C SER C 124 -17.69 -6.26 -26.09
N ASN C 125 -17.54 -7.03 -27.17
CA ASN C 125 -18.69 -7.73 -27.74
C ASN C 125 -19.41 -8.62 -26.73
N ASP C 126 -18.72 -9.08 -25.69
CA ASP C 126 -19.41 -9.81 -24.64
C ASP C 126 -20.29 -8.88 -23.80
N THR C 127 -19.81 -7.67 -23.52
CA THR C 127 -20.63 -6.70 -22.80
C THR C 127 -21.93 -6.43 -23.56
N ILE C 128 -21.83 -6.19 -24.87
CA ILE C 128 -23.03 -5.94 -25.66
C ILE C 128 -23.96 -7.15 -25.60
N LEU C 129 -23.40 -8.34 -25.81
CA LEU C 129 -24.20 -9.55 -25.76
C LEU C 129 -24.95 -9.66 -24.43
N ARG C 130 -24.28 -9.31 -23.32
CA ARG C 130 -24.95 -9.39 -22.02
C ARG C 130 -25.97 -8.27 -21.86
N MET C 131 -25.56 -7.02 -22.11
CA MET C 131 -26.43 -5.88 -21.84
C MET C 131 -27.58 -5.78 -22.83
N VAL C 132 -27.47 -6.39 -24.02
CA VAL C 132 -28.57 -6.37 -24.96
C VAL C 132 -29.67 -7.33 -24.50
N ARG C 133 -29.29 -8.45 -23.89
CA ARG C 133 -30.27 -9.32 -23.24
C ARG C 133 -30.84 -8.64 -21.99
N TYR C 134 -29.98 -7.90 -21.28
CA TYR C 134 -30.41 -7.10 -20.13
C TYR C 134 -31.32 -5.95 -20.56
N TYR C 135 -31.07 -5.37 -21.72
CA TYR C 135 -31.94 -4.30 -22.22
C TYR C 135 -33.38 -4.79 -22.34
N TRP C 136 -33.55 -5.94 -22.99
CA TRP C 136 -34.89 -6.47 -23.21
C TRP C 136 -35.57 -6.89 -21.90
N LYS C 137 -34.79 -7.36 -20.93
CA LYS C 137 -35.36 -7.73 -19.64
C LYS C 137 -36.11 -6.56 -19.00
N LEU C 138 -35.41 -5.41 -18.87
CA LEU C 138 -36.02 -4.25 -18.24
C LEU C 138 -37.26 -3.79 -19.00
N LEU C 139 -37.34 -4.09 -20.29
CA LEU C 139 -38.51 -3.82 -21.11
C LEU C 139 -39.55 -4.92 -21.07
N GLY C 140 -39.31 -5.96 -20.27
CA GLY C 140 -40.29 -7.04 -20.14
C GLY C 140 -40.35 -7.95 -21.35
N LYS C 141 -39.20 -8.32 -21.89
CA LYS C 141 -39.13 -9.28 -23.01
C LYS C 141 -37.89 -10.14 -22.81
N PRO C 142 -37.82 -10.85 -21.68
CA PRO C 142 -36.64 -11.69 -21.39
C PRO C 142 -36.43 -12.80 -22.39
N TYR C 143 -37.44 -13.09 -23.24
CA TYR C 143 -37.28 -14.05 -24.32
C TYR C 143 -36.58 -13.45 -25.52
N LYS C 144 -36.58 -12.12 -25.65
CA LYS C 144 -35.80 -11.45 -26.68
C LYS C 144 -34.33 -11.54 -26.31
N LYS C 145 -33.68 -12.61 -26.73
CA LYS C 145 -32.34 -12.90 -26.27
C LYS C 145 -31.45 -13.49 -27.35
N VAL C 146 -31.96 -13.64 -28.57
CA VAL C 146 -31.19 -14.25 -29.65
C VAL C 146 -30.48 -13.16 -30.43
N VAL C 147 -29.17 -13.30 -30.59
CA VAL C 147 -28.39 -12.42 -31.44
C VAL C 147 -27.97 -13.19 -32.69
N ILE C 148 -27.98 -12.51 -33.82
CA ILE C 148 -27.80 -13.12 -35.14
C ILE C 148 -26.53 -12.53 -35.74
N SER C 149 -25.59 -13.40 -36.10
CA SER C 149 -24.41 -12.98 -36.84
C SER C 149 -24.50 -13.53 -38.27
N ARG C 150 -23.35 -13.57 -38.95
CA ARG C 150 -23.27 -14.01 -40.33
C ARG C 150 -22.07 -14.92 -40.50
N GLU C 151 -22.20 -15.90 -41.39
CA GLU C 151 -21.06 -16.74 -41.72
C GLU C 151 -19.90 -15.87 -42.20
N ASN C 152 -18.70 -16.22 -41.73
CA ASN C 152 -17.46 -15.49 -42.03
C ASN C 152 -17.47 -14.05 -41.51
N ALA C 153 -18.25 -13.77 -40.48
CA ALA C 153 -18.05 -12.53 -39.72
C ALA C 153 -17.00 -12.77 -38.64
N TYR C 154 -16.40 -11.69 -38.15
CA TYR C 154 -15.46 -11.77 -37.04
C TYR C 154 -15.90 -10.81 -35.94
N HIS C 155 -16.05 -11.34 -34.72
CA HIS C 155 -16.66 -10.58 -33.64
C HIS C 155 -15.94 -10.76 -32.32
N GLY C 156 -14.72 -11.26 -32.34
CA GLY C 156 -13.90 -11.38 -31.14
C GLY C 156 -13.49 -12.81 -30.86
N SER C 157 -12.73 -12.96 -29.78
CA SER C 157 -12.15 -14.24 -29.42
C SER C 157 -12.54 -14.78 -28.05
N THR C 158 -13.27 -14.02 -27.24
CA THR C 158 -13.89 -14.63 -26.06
C THR C 158 -14.82 -15.75 -26.52
N VAL C 159 -15.32 -16.52 -25.56
CA VAL C 159 -16.27 -17.58 -25.91
C VAL C 159 -17.44 -17.00 -26.68
N ALA C 160 -17.87 -15.78 -26.31
CA ALA C 160 -18.90 -15.08 -27.06
C ALA C 160 -18.39 -14.64 -28.42
N GLY C 161 -17.24 -13.97 -28.45
CA GLY C 161 -16.71 -13.48 -29.71
C GLY C 161 -16.55 -14.58 -30.75
N ALA C 162 -16.13 -15.76 -30.33
CA ALA C 162 -15.97 -16.86 -31.27
C ALA C 162 -17.32 -17.44 -31.68
N SER C 163 -18.30 -17.46 -30.77
CA SER C 163 -19.63 -17.90 -31.14
C SER C 163 -20.32 -16.89 -32.03
N LEU C 164 -20.05 -15.61 -31.81
CA LEU C 164 -20.68 -14.57 -32.61
C LEU C 164 -20.10 -14.53 -34.02
N SER C 165 -18.83 -14.89 -34.17
CA SER C 165 -18.23 -14.94 -35.49
C SER C 165 -18.62 -16.25 -36.17
N GLY C 166 -19.11 -16.15 -37.40
CA GLY C 166 -19.43 -17.31 -38.19
C GLY C 166 -18.21 -17.86 -38.88
N MET C 167 -17.04 -17.60 -38.29
CA MET C 167 -15.80 -18.27 -38.64
C MET C 167 -15.93 -19.75 -38.31
N LYS C 168 -16.10 -20.61 -39.31
CA LYS C 168 -16.36 -22.00 -38.99
C LYS C 168 -15.14 -22.71 -38.41
N ALA C 169 -13.97 -22.05 -38.34
CA ALA C 169 -12.79 -22.68 -37.79
C ALA C 169 -12.72 -22.57 -36.28
N MET C 170 -13.26 -21.51 -35.69
CA MET C 170 -13.24 -21.35 -34.25
C MET C 170 -14.30 -22.21 -33.56
N HIS C 171 -15.35 -22.61 -34.27
CA HIS C 171 -16.39 -23.42 -33.67
C HIS C 171 -15.97 -24.86 -33.55
N SER C 172 -15.26 -25.38 -34.57
CA SER C 172 -15.22 -26.82 -34.80
C SER C 172 -14.72 -27.55 -33.56
N HIS C 173 -13.59 -27.11 -33.01
CA HIS C 173 -13.01 -27.74 -31.82
C HIS C 173 -13.87 -27.38 -30.62
N GLY C 174 -14.92 -28.19 -30.45
CA GLY C 174 -15.89 -28.04 -29.40
C GLY C 174 -17.22 -27.48 -29.86
N ASP C 175 -18.08 -27.21 -28.86
CA ASP C 175 -19.45 -26.76 -29.08
C ASP C 175 -19.56 -25.26 -28.78
N LEU C 176 -18.89 -24.47 -29.61
CA LEU C 176 -18.78 -23.05 -29.30
C LEU C 176 -20.14 -22.36 -29.41
N PRO C 177 -20.71 -22.17 -30.63
CA PRO C 177 -21.91 -21.33 -30.77
C PRO C 177 -22.85 -21.45 -29.59
N ILE C 178 -22.62 -20.60 -28.58
CA ILE C 178 -23.33 -20.71 -27.31
C ILE C 178 -24.82 -20.52 -27.62
N PRO C 179 -25.72 -20.98 -26.76
CA PRO C 179 -27.15 -20.81 -27.03
C PRO C 179 -27.53 -19.39 -27.39
N GLY C 180 -28.44 -19.26 -28.34
CA GLY C 180 -29.01 -17.98 -28.66
C GLY C 180 -28.30 -17.21 -29.75
N ILE C 181 -27.27 -17.79 -30.37
CA ILE C 181 -26.53 -17.16 -31.44
C ILE C 181 -26.80 -17.95 -32.72
N GLU C 182 -27.42 -17.29 -33.71
CA GLU C 182 -27.62 -17.88 -35.02
C GLU C 182 -26.87 -17.06 -36.06
N HIS C 183 -26.59 -17.68 -37.20
CA HIS C 183 -25.77 -17.06 -38.23
C HIS C 183 -26.49 -17.12 -39.58
N ILE C 184 -26.09 -16.22 -40.48
CA ILE C 184 -26.74 -16.13 -41.78
C ILE C 184 -25.75 -15.84 -42.91
N GLU C 185 -26.27 -15.58 -44.10
CA GLU C 185 -25.42 -15.34 -45.26
C GLU C 185 -24.55 -14.11 -45.06
N GLN C 186 -23.31 -14.19 -45.58
CA GLN C 186 -22.50 -12.97 -45.71
C GLN C 186 -22.65 -12.40 -47.12
N PRO C 187 -22.52 -11.07 -47.26
CA PRO C 187 -22.65 -10.40 -48.56
C PRO C 187 -21.39 -10.45 -49.41
N TYR C 188 -20.80 -11.64 -49.52
CA TYR C 188 -19.62 -11.85 -50.35
C TYR C 188 -20.09 -12.11 -51.78
N HIS C 189 -20.33 -11.01 -52.51
CA HIS C 189 -20.82 -11.18 -53.88
C HIS C 189 -19.89 -12.07 -54.69
N PHE C 190 -18.58 -11.87 -54.54
CA PHE C 190 -17.63 -12.63 -55.33
C PHE C 190 -17.71 -14.12 -55.00
N GLY C 191 -17.47 -14.46 -53.74
CA GLY C 191 -17.25 -15.84 -53.36
C GLY C 191 -18.48 -16.71 -53.31
N ARG C 192 -19.65 -16.13 -53.57
CA ARG C 192 -20.91 -16.85 -53.49
C ARG C 192 -21.66 -16.84 -54.81
N ALA C 193 -21.90 -15.67 -55.39
CA ALA C 193 -22.71 -15.53 -56.61
C ALA C 193 -21.98 -14.64 -57.60
N PRO C 194 -20.88 -15.13 -58.18
CA PRO C 194 -20.05 -14.27 -59.05
C PRO C 194 -20.80 -13.65 -60.21
N ASP C 195 -22.01 -14.13 -60.53
CA ASP C 195 -22.79 -13.66 -61.66
C ASP C 195 -23.92 -12.72 -61.26
N MET C 196 -24.67 -13.10 -60.22
CA MET C 196 -25.85 -12.36 -59.79
C MET C 196 -25.61 -10.85 -59.83
N ASP C 197 -26.64 -10.13 -60.28
CA ASP C 197 -26.72 -8.68 -60.26
C ASP C 197 -26.17 -8.16 -58.94
N PRO C 198 -25.10 -7.34 -58.95
CA PRO C 198 -24.51 -6.93 -57.66
C PRO C 198 -25.55 -6.38 -56.70
N ALA C 199 -26.49 -5.58 -57.20
CA ALA C 199 -27.53 -5.03 -56.34
C ALA C 199 -28.49 -6.11 -55.85
N GLU C 200 -28.90 -7.02 -56.74
CA GLU C 200 -29.92 -8.00 -56.35
C GLU C 200 -29.38 -9.06 -55.40
N PHE C 201 -28.10 -9.41 -55.51
CA PHE C 201 -27.52 -10.32 -54.53
C PHE C 201 -27.51 -9.69 -53.14
N GLY C 202 -27.18 -8.39 -53.07
CA GLY C 202 -27.17 -7.71 -51.79
C GLY C 202 -28.50 -7.78 -51.09
N ARG C 203 -29.60 -7.75 -51.84
CA ARG C 203 -30.93 -7.87 -51.24
C ARG C 203 -31.22 -9.31 -50.82
N GLN C 204 -30.73 -10.30 -51.57
CA GLN C 204 -31.00 -11.70 -51.18
C GLN C 204 -30.26 -12.08 -49.91
N ALA C 205 -29.00 -11.64 -49.78
CA ALA C 205 -28.25 -11.92 -48.57
C ALA C 205 -28.71 -11.05 -47.41
N ALA C 206 -29.09 -9.80 -47.70
CA ALA C 206 -29.63 -8.95 -46.64
C ALA C 206 -30.94 -9.52 -46.10
N GLN C 207 -31.84 -9.96 -46.99
CA GLN C 207 -33.05 -10.58 -46.46
C GLN C 207 -32.85 -12.03 -46.01
N ALA C 208 -31.63 -12.56 -46.04
CA ALA C 208 -31.39 -13.75 -45.23
C ALA C 208 -31.68 -13.45 -43.77
N LEU C 209 -31.71 -12.17 -43.40
CA LEU C 209 -31.99 -11.77 -42.03
C LEU C 209 -33.45 -12.05 -41.68
N GLU C 210 -34.39 -11.41 -42.39
CA GLU C 210 -35.81 -11.63 -42.09
C GLU C 210 -36.15 -13.11 -42.13
N ARG C 211 -35.47 -13.87 -42.99
CA ARG C 211 -35.66 -15.31 -43.07
C ARG C 211 -35.49 -15.97 -41.71
N LYS C 212 -34.33 -15.75 -41.06
CA LYS C 212 -34.08 -16.34 -39.75
C LYS C 212 -35.08 -15.84 -38.71
N ILE C 213 -35.31 -14.53 -38.65
CA ILE C 213 -36.22 -14.01 -37.63
C ILE C 213 -37.56 -14.74 -37.72
N ASP C 214 -38.07 -14.92 -38.94
CA ASP C 214 -39.36 -15.56 -39.14
C ASP C 214 -39.29 -17.08 -39.03
N GLU C 215 -38.11 -17.66 -38.91
CA GLU C 215 -37.95 -19.06 -38.52
C GLU C 215 -37.64 -19.20 -37.04
N ILE C 216 -37.04 -18.19 -36.44
CA ILE C 216 -36.79 -18.18 -34.99
C ILE C 216 -38.04 -17.74 -34.24
N GLY C 217 -38.78 -16.80 -34.80
CA GLY C 217 -39.82 -16.09 -34.08
C GLY C 217 -39.35 -14.70 -33.73
N GLU C 218 -39.95 -13.67 -34.33
CA GLU C 218 -39.55 -12.29 -34.07
C GLU C 218 -39.28 -12.04 -32.60
N CYS C 219 -40.22 -12.41 -31.73
CA CYS C 219 -40.09 -12.09 -30.33
C CYS C 219 -38.93 -12.81 -29.64
N ASN C 220 -38.24 -13.72 -30.32
CA ASN C 220 -37.06 -14.32 -29.71
C ASN C 220 -35.78 -13.58 -30.05
N VAL C 221 -35.77 -12.80 -31.12
CA VAL C 221 -34.55 -12.13 -31.57
C VAL C 221 -34.34 -10.88 -30.73
N ALA C 222 -33.18 -10.81 -30.07
CA ALA C 222 -32.78 -9.58 -29.41
C ALA C 222 -32.17 -8.58 -30.40
N ALA C 223 -31.30 -9.06 -31.30
CA ALA C 223 -30.56 -8.11 -32.12
C ALA C 223 -29.79 -8.83 -33.22
N PHE C 224 -29.43 -8.04 -34.23
CA PHE C 224 -28.61 -8.46 -35.38
C PHE C 224 -27.28 -7.74 -35.30
N ILE C 225 -26.20 -8.40 -35.69
CA ILE C 225 -24.88 -7.80 -35.57
C ILE C 225 -24.01 -8.18 -36.76
N ALA C 226 -23.36 -7.17 -37.34
CA ALA C 226 -22.48 -7.33 -38.49
C ALA C 226 -21.37 -6.29 -38.40
N GLU C 227 -20.21 -6.65 -38.92
CA GLU C 227 -19.20 -5.63 -39.19
C GLU C 227 -19.65 -4.82 -40.42
N PRO C 228 -19.49 -3.50 -40.41
CA PRO C 228 -19.83 -2.74 -41.63
C PRO C 228 -19.24 -3.40 -42.86
N ILE C 229 -17.96 -3.72 -42.76
CA ILE C 229 -17.25 -4.53 -43.74
C ILE C 229 -16.53 -5.61 -42.94
N GLN C 230 -16.56 -6.84 -43.43
CA GLN C 230 -15.99 -7.96 -42.66
C GLN C 230 -14.48 -7.92 -42.85
N GLY C 231 -13.77 -7.45 -41.83
CA GLY C 231 -12.35 -7.19 -41.92
C GLY C 231 -11.53 -8.45 -41.93
N ALA C 232 -11.44 -9.13 -40.78
CA ALA C 232 -10.68 -10.37 -40.71
C ALA C 232 -11.22 -11.40 -41.68
N GLY C 233 -12.50 -11.33 -42.00
CA GLY C 233 -13.12 -12.29 -42.90
C GLY C 233 -12.72 -12.17 -44.35
N GLY C 234 -11.92 -11.16 -44.69
CA GLY C 234 -11.44 -11.01 -46.07
C GLY C 234 -12.00 -9.80 -46.78
N VAL C 235 -12.03 -8.67 -46.09
CA VAL C 235 -12.56 -7.42 -46.61
C VAL C 235 -13.75 -7.67 -47.52
N ILE C 236 -14.80 -8.24 -46.96
CA ILE C 236 -15.96 -8.69 -47.72
C ILE C 236 -16.96 -7.53 -47.72
N ILE C 237 -16.97 -6.79 -48.83
CA ILE C 237 -17.71 -5.53 -48.93
C ILE C 237 -19.07 -5.81 -49.53
N PRO C 238 -20.16 -5.27 -48.95
CA PRO C 238 -21.50 -5.65 -49.43
C PRO C 238 -21.94 -4.80 -50.61
N PRO C 239 -22.76 -5.37 -51.50
CA PRO C 239 -23.51 -4.53 -52.44
C PRO C 239 -24.16 -3.36 -51.72
N ASP C 240 -24.23 -2.21 -52.42
CA ASP C 240 -24.91 -1.04 -51.89
C ASP C 240 -26.40 -1.29 -51.65
N SER C 241 -26.94 -2.41 -52.12
CA SER C 241 -28.33 -2.77 -51.83
C SER C 241 -28.48 -3.39 -50.45
N TYR C 242 -27.42 -3.97 -49.90
CA TYR C 242 -27.48 -4.75 -48.66
C TYR C 242 -28.02 -3.92 -47.51
N TRP C 243 -27.28 -2.92 -47.09
CA TRP C 243 -27.61 -2.21 -45.85
C TRP C 243 -28.91 -1.43 -45.92
N PRO C 244 -29.25 -0.79 -47.03
CA PRO C 244 -30.58 -0.18 -47.13
C PRO C 244 -31.68 -1.16 -46.72
N GLU C 245 -31.52 -2.43 -47.07
CA GLU C 245 -32.43 -3.50 -46.67
C GLU C 245 -32.34 -3.75 -45.16
N ILE C 246 -31.18 -4.23 -44.66
CA ILE C 246 -31.09 -4.69 -43.28
C ILE C 246 -31.70 -3.68 -42.32
N LYS C 247 -31.49 -2.39 -42.57
CA LYS C 247 -32.18 -1.38 -41.76
C LYS C 247 -33.69 -1.55 -41.85
N ARG C 248 -34.20 -1.78 -43.06
CA ARG C 248 -35.61 -2.08 -43.23
C ARG C 248 -36.05 -3.21 -42.31
N ILE C 249 -35.34 -4.33 -42.35
CA ILE C 249 -35.73 -5.49 -41.54
C ILE C 249 -35.67 -5.14 -40.06
N CYS C 250 -34.67 -4.36 -39.67
CA CYS C 250 -34.49 -4.01 -38.26
C CYS C 250 -35.53 -2.99 -37.78
N ALA C 251 -36.30 -2.40 -38.69
CA ALA C 251 -37.46 -1.58 -38.32
C ALA C 251 -38.68 -2.46 -38.11
N GLU C 252 -39.22 -3.00 -39.20
CA GLU C 252 -40.40 -3.87 -39.14
C GLU C 252 -40.32 -4.83 -37.96
N ARG C 253 -39.19 -5.50 -37.85
CA ARG C 253 -38.90 -6.40 -36.74
C ARG C 253 -38.31 -5.63 -35.57
N ASP C 254 -38.71 -6.02 -34.37
CA ASP C 254 -38.39 -5.27 -33.16
C ASP C 254 -37.09 -5.80 -32.57
N ILE C 255 -35.98 -5.46 -33.24
CA ILE C 255 -34.67 -5.95 -32.83
C ILE C 255 -33.66 -4.81 -32.88
N LEU C 256 -32.62 -4.93 -32.07
CA LEU C 256 -31.57 -3.94 -31.97
C LEU C 256 -30.50 -4.18 -33.05
N LEU C 257 -29.82 -3.09 -33.43
CA LEU C 257 -28.75 -3.14 -34.41
C LEU C 257 -27.43 -2.95 -33.69
N ILE C 258 -26.48 -3.84 -33.95
CA ILE C 258 -25.15 -3.80 -33.34
C ILE C 258 -24.13 -3.76 -34.46
N VAL C 259 -23.63 -2.58 -34.75
CA VAL C 259 -22.59 -2.40 -35.76
C VAL C 259 -21.23 -2.48 -35.07
N ASP C 260 -20.36 -3.33 -35.61
CA ASP C 260 -19.07 -3.66 -35.00
C ASP C 260 -17.99 -2.83 -35.67
N GLU C 261 -17.60 -1.72 -35.03
CA GLU C 261 -16.67 -0.75 -35.59
C GLU C 261 -15.30 -0.84 -34.93
N VAL C 262 -14.86 -2.07 -34.64
CA VAL C 262 -13.53 -2.29 -34.11
C VAL C 262 -12.48 -2.09 -35.19
N ILE C 263 -12.70 -2.71 -36.35
CA ILE C 263 -11.79 -2.63 -37.48
C ILE C 263 -12.08 -1.38 -38.30
N THR C 264 -13.35 -1.15 -38.59
CA THR C 264 -13.75 -0.08 -39.50
C THR C 264 -13.85 1.28 -38.82
N GLY C 265 -13.59 1.35 -37.51
CA GLY C 265 -13.77 2.59 -36.78
C GLY C 265 -12.50 3.42 -36.71
N PHE C 266 -12.69 4.73 -36.53
CA PHE C 266 -11.60 5.69 -36.35
C PHE C 266 -10.85 5.94 -37.67
N GLY C 267 -11.63 6.30 -38.69
CA GLY C 267 -11.09 6.75 -39.96
C GLY C 267 -10.83 5.66 -40.97
N ARG C 268 -10.87 4.39 -40.56
CA ARG C 268 -10.49 3.31 -41.46
C ARG C 268 -11.33 3.29 -42.72
N LEU C 269 -12.60 3.71 -42.63
CA LEU C 269 -13.49 3.77 -43.78
C LEU C 269 -13.59 5.19 -44.36
N GLY C 270 -12.51 5.99 -44.28
CA GLY C 270 -12.55 7.31 -44.81
C GLY C 270 -13.33 8.30 -43.96
N THR C 271 -14.50 7.89 -43.50
CA THR C 271 -15.29 8.69 -42.57
C THR C 271 -14.90 8.31 -41.13
N TRP C 272 -15.34 9.13 -40.17
CA TRP C 272 -14.96 8.90 -38.78
C TRP C 272 -15.26 7.48 -38.36
N PHE C 273 -16.46 7.02 -38.67
CA PHE C 273 -16.90 5.68 -38.33
C PHE C 273 -17.66 5.10 -39.51
N GLY C 274 -17.51 3.80 -39.71
CA GLY C 274 -18.13 3.16 -40.86
C GLY C 274 -19.63 3.39 -40.91
N SER C 275 -20.26 3.56 -39.75
CA SER C 275 -21.71 3.74 -39.72
C SER C 275 -22.17 4.84 -40.66
N GLN C 276 -21.53 6.01 -40.61
CA GLN C 276 -22.02 7.11 -41.42
C GLN C 276 -21.86 6.81 -42.91
N TYR C 277 -20.79 6.10 -43.28
CA TYR C 277 -20.61 5.75 -44.69
C TYR C 277 -21.81 4.95 -45.20
N TYR C 278 -22.36 4.06 -44.38
CA TYR C 278 -23.51 3.26 -44.76
C TYR C 278 -24.81 3.75 -44.10
N ASP C 279 -24.78 4.94 -43.50
CA ASP C 279 -25.96 5.53 -42.86
C ASP C 279 -26.63 4.53 -41.91
N LEU C 280 -25.86 4.11 -40.92
CA LEU C 280 -26.38 3.22 -39.89
C LEU C 280 -26.50 4.00 -38.59
N GLN C 281 -27.48 3.59 -37.77
CA GLN C 281 -27.72 4.17 -36.46
C GLN C 281 -27.66 3.02 -35.46
N PRO C 282 -26.47 2.46 -35.22
CA PRO C 282 -26.37 1.32 -34.32
C PRO C 282 -26.93 1.69 -32.96
N ASP C 283 -27.53 0.71 -32.31
CA ASP C 283 -27.81 0.88 -30.90
C ASP C 283 -26.58 0.51 -30.05
N LEU C 284 -25.65 -0.27 -30.60
CA LEU C 284 -24.38 -0.52 -29.91
C LEU C 284 -23.22 -0.59 -30.89
N MET C 285 -22.06 -0.06 -30.45
CA MET C 285 -20.86 0.00 -31.23
C MET C 285 -19.65 -0.42 -30.41
N PRO C 286 -19.09 -1.61 -30.61
CA PRO C 286 -17.76 -1.91 -30.08
C PRO C 286 -16.70 -1.21 -30.92
N ILE C 287 -15.76 -0.56 -30.23
CA ILE C 287 -14.68 0.20 -30.83
C ILE C 287 -13.42 -0.18 -30.05
N ALA C 288 -12.28 -0.26 -30.74
CA ALA C 288 -11.09 -0.64 -29.99
C ALA C 288 -9.76 -0.49 -30.70
N LYS C 289 -9.56 -1.21 -31.80
CA LYS C 289 -8.25 -1.21 -32.45
C LYS C 289 -7.79 0.22 -32.77
N GLY C 290 -8.42 0.86 -33.76
CA GLY C 290 -8.06 2.22 -34.09
C GLY C 290 -8.23 3.22 -32.95
N LEU C 291 -8.91 2.83 -31.87
CA LEU C 291 -9.19 3.76 -30.77
C LEU C 291 -7.92 4.34 -30.19
N SER C 292 -6.85 3.55 -30.10
CA SER C 292 -5.55 4.03 -29.65
C SER C 292 -4.48 3.75 -30.69
N SER C 293 -4.89 3.61 -31.96
CA SER C 293 -3.99 3.21 -33.04
C SER C 293 -3.19 1.97 -32.65
N GLY C 294 -3.77 1.13 -31.79
CA GLY C 294 -3.16 -0.15 -31.45
C GLY C 294 -2.00 -0.08 -30.50
N TYR C 295 -1.80 1.04 -29.82
CA TYR C 295 -0.67 1.18 -28.91
C TYR C 295 -1.04 0.80 -27.47
N MET C 296 -2.32 0.55 -27.15
CA MET C 296 -2.73 0.21 -25.80
C MET C 296 -3.91 -0.76 -25.77
N PRO C 297 -3.95 -1.68 -24.78
CA PRO C 297 -5.16 -2.50 -24.61
C PRO C 297 -6.35 -1.67 -24.16
N ILE C 298 -7.30 -1.42 -25.06
CA ILE C 298 -8.49 -0.69 -24.66
C ILE C 298 -9.52 -0.68 -25.79
N GLY C 299 -10.76 -0.89 -25.42
CA GLY C 299 -11.87 -0.75 -26.32
C GLY C 299 -13.04 -0.32 -25.49
N GLY C 300 -14.21 -0.25 -26.10
CA GLY C 300 -15.40 0.07 -25.33
C GLY C 300 -16.60 -0.18 -26.21
N VAL C 301 -17.76 -0.01 -25.61
CA VAL C 301 -19.02 -0.08 -26.32
C VAL C 301 -19.67 1.28 -26.18
N MET C 302 -19.92 1.92 -27.32
CA MET C 302 -20.79 3.07 -27.31
C MET C 302 -22.22 2.60 -27.08
N VAL C 303 -23.03 3.46 -26.48
CA VAL C 303 -24.39 3.09 -26.12
C VAL C 303 -25.35 4.20 -26.50
N SER C 304 -26.06 3.96 -27.58
CA SER C 304 -27.05 4.90 -28.10
C SER C 304 -28.01 5.34 -27.01
N ASP C 305 -28.50 6.58 -27.14
CA ASP C 305 -29.40 7.13 -26.13
C ASP C 305 -30.66 6.29 -26.00
N ARG C 306 -31.09 5.64 -27.08
CA ARG C 306 -32.17 4.67 -27.04
C ARG C 306 -31.93 3.62 -25.96
N VAL C 307 -30.99 2.71 -26.19
CA VAL C 307 -30.74 1.65 -25.21
C VAL C 307 -30.11 2.21 -23.95
N ALA C 308 -29.48 3.38 -24.03
CA ALA C 308 -28.92 4.00 -22.82
C ALA C 308 -30.04 4.25 -21.82
N LYS C 309 -30.98 5.12 -22.18
CA LYS C 309 -32.05 5.52 -21.27
C LYS C 309 -32.64 4.33 -20.51
N VAL C 310 -32.99 3.25 -21.21
CA VAL C 310 -33.65 2.14 -20.53
C VAL C 310 -32.75 1.54 -19.46
N VAL C 311 -31.44 1.63 -19.63
CA VAL C 311 -30.55 0.97 -18.68
C VAL C 311 -30.22 1.88 -17.48
N ILE C 312 -30.15 3.18 -17.68
CA ILE C 312 -29.85 4.08 -16.57
C ILE C 312 -31.02 4.09 -15.57
N GLU C 313 -32.17 4.60 -16.00
CA GLU C 313 -33.38 4.39 -15.21
C GLU C 313 -33.76 2.90 -15.32
N GLU C 314 -34.18 2.33 -14.19
CA GLU C 314 -34.65 0.95 -14.10
C GLU C 314 -33.57 -0.13 -14.04
N GLY C 315 -32.46 0.10 -13.31
CA GLY C 315 -31.65 -1.03 -12.89
C GLY C 315 -30.13 -0.92 -12.86
N GLY C 316 -29.48 -1.88 -12.20
CA GLY C 316 -28.02 -1.82 -12.00
C GLY C 316 -27.26 -3.00 -12.58
N GLU C 317 -26.10 -2.68 -13.17
CA GLU C 317 -25.38 -3.59 -14.06
C GLU C 317 -24.65 -4.70 -13.28
N PHE C 318 -23.74 -5.41 -13.98
CA PHE C 318 -23.21 -6.72 -13.61
C PHE C 318 -23.72 -7.25 -12.27
N TYR C 322 -15.20 -5.35 -15.41
CA TYR C 322 -13.81 -5.76 -15.53
C TYR C 322 -12.83 -4.96 -14.68
N THR C 323 -11.92 -5.69 -14.06
CA THR C 323 -10.71 -5.12 -13.51
C THR C 323 -10.13 -4.12 -14.50
N TYR C 324 -9.62 -3.01 -13.99
CA TYR C 324 -9.15 -1.92 -14.84
C TYR C 324 -9.92 -1.89 -16.17
N SER C 325 -11.20 -1.55 -16.10
CA SER C 325 -12.01 -1.50 -17.32
C SER C 325 -11.69 -0.23 -18.10
N GLY C 326 -11.80 0.92 -17.46
CA GLY C 326 -11.38 2.15 -18.09
C GLY C 326 -9.98 2.56 -17.67
N HIS C 327 -9.01 1.66 -17.82
CA HIS C 327 -7.67 1.90 -17.26
C HIS C 327 -7.22 3.32 -17.53
N PRO C 328 -6.87 4.09 -16.48
CA PRO C 328 -6.55 5.51 -16.70
C PRO C 328 -5.45 5.72 -17.73
N VAL C 329 -4.42 4.86 -17.70
CA VAL C 329 -3.32 4.97 -18.66
C VAL C 329 -3.85 4.87 -20.08
N ALA C 330 -4.51 3.74 -20.39
CA ALA C 330 -4.99 3.52 -21.76
C ALA C 330 -5.98 4.60 -22.18
N ALA C 331 -6.85 5.02 -21.27
CA ALA C 331 -7.78 6.09 -21.59
C ALA C 331 -7.04 7.38 -21.91
N ALA C 332 -5.94 7.65 -21.20
CA ALA C 332 -5.11 8.82 -21.51
C ALA C 332 -4.58 8.74 -22.93
N VAL C 333 -3.95 7.62 -23.29
CA VAL C 333 -3.38 7.47 -24.62
C VAL C 333 -4.46 7.64 -25.68
N ALA C 334 -5.57 6.90 -25.54
CA ALA C 334 -6.61 6.94 -26.56
C ALA C 334 -7.18 8.35 -26.71
N ALA C 335 -7.16 9.13 -25.63
CA ALA C 335 -7.66 10.50 -25.70
C ALA C 335 -6.79 11.38 -26.59
N GLU C 336 -5.47 11.32 -26.39
CA GLU C 336 -4.57 12.06 -27.27
C GLU C 336 -4.67 11.51 -28.69
N ASN C 337 -4.63 10.18 -28.83
CA ASN C 337 -4.76 9.56 -30.14
C ASN C 337 -5.98 10.09 -30.89
N ILE C 338 -7.07 10.36 -30.17
CA ILE C 338 -8.25 10.94 -30.81
C ILE C 338 -7.99 12.40 -31.16
N ARG C 339 -7.42 13.16 -30.21
CA ARG C 339 -7.15 14.58 -30.47
C ARG C 339 -6.25 14.76 -31.69
N ILE C 340 -5.15 13.97 -31.72
CA ILE C 340 -4.30 13.90 -32.92
C ILE C 340 -5.14 13.74 -34.18
N MET C 341 -6.14 12.85 -34.12
CA MET C 341 -6.88 12.49 -35.33
C MET C 341 -7.81 13.60 -35.78
N ARG C 342 -8.49 14.26 -34.84
CA ARG C 342 -9.38 15.36 -35.19
C ARG C 342 -8.59 16.64 -35.44
N ASP C 343 -7.68 16.98 -34.53
CA ASP C 343 -7.01 18.27 -34.58
C ASP C 343 -6.20 18.43 -35.87
N GLU C 344 -5.55 17.34 -36.30
CA GLU C 344 -4.77 17.34 -37.53
C GLU C 344 -5.56 16.78 -38.71
N GLY C 345 -6.89 16.79 -38.62
CA GLY C 345 -7.76 16.44 -39.74
C GLY C 345 -7.31 15.23 -40.53
N ILE C 346 -6.79 14.22 -39.83
CA ILE C 346 -6.25 13.05 -40.51
C ILE C 346 -7.37 12.25 -41.17
N ILE C 347 -8.47 12.03 -40.45
CA ILE C 347 -9.51 11.17 -41.02
C ILE C 347 -10.21 11.88 -42.16
N GLU C 348 -10.26 13.22 -42.11
CA GLU C 348 -10.87 13.97 -43.20
C GLU C 348 -9.99 13.90 -44.44
N ARG C 349 -8.67 13.99 -44.25
CA ARG C 349 -7.73 13.77 -45.34
C ARG C 349 -7.89 12.36 -45.90
N ALA C 350 -7.62 11.34 -45.07
CA ALA C 350 -7.76 9.96 -45.54
C ALA C 350 -8.97 9.81 -46.45
N GLY C 351 -10.12 10.35 -46.02
CA GLY C 351 -11.38 10.19 -46.73
C GLY C 351 -11.64 11.15 -47.87
N ALA C 352 -10.83 12.21 -47.99
CA ALA C 352 -10.98 13.23 -49.01
C ALA C 352 -9.82 13.27 -49.99
N GLU C 353 -8.70 12.68 -49.63
CA GLU C 353 -7.40 13.01 -50.17
C GLU C 353 -6.75 11.72 -50.72
N ILE C 354 -6.44 10.81 -49.80
CA ILE C 354 -5.78 9.56 -50.17
C ILE C 354 -6.79 8.47 -50.50
N ALA C 355 -7.77 8.24 -49.62
CA ALA C 355 -8.78 7.23 -49.91
C ALA C 355 -9.29 7.37 -51.34
N PRO C 356 -9.64 8.56 -51.82
CA PRO C 356 -9.95 8.71 -53.25
C PRO C 356 -8.88 8.19 -54.20
N TYR C 357 -7.61 8.55 -53.99
CA TYR C 357 -6.57 8.19 -54.95
C TYR C 357 -6.30 6.69 -54.93
N LEU C 358 -6.07 6.14 -53.75
CA LEU C 358 -5.79 4.72 -53.63
C LEU C 358 -6.96 3.87 -54.11
N GLN C 359 -8.17 4.26 -53.72
CA GLN C 359 -9.35 3.52 -54.19
C GLN C 359 -9.51 3.64 -55.70
N ALA C 360 -9.04 4.73 -56.29
CA ALA C 360 -9.09 4.88 -57.74
C ALA C 360 -7.99 4.06 -58.42
N ARG C 361 -6.75 4.18 -57.97
CA ARG C 361 -5.67 3.46 -58.66
C ARG C 361 -5.49 2.01 -58.17
N TRP C 362 -6.10 1.61 -57.04
CA TRP C 362 -6.03 0.20 -56.64
C TRP C 362 -6.67 -0.71 -57.69
N ARG C 363 -7.74 -0.26 -58.34
CA ARG C 363 -8.50 -1.13 -59.24
C ARG C 363 -7.93 -1.20 -60.63
N GLU C 364 -6.92 -0.38 -60.93
CA GLU C 364 -5.98 -0.70 -62.00
C GLU C 364 -5.63 -2.18 -61.98
N LEU C 365 -5.35 -2.73 -60.79
CA LEU C 365 -4.88 -4.10 -60.71
C LEU C 365 -5.96 -5.12 -61.06
N GLY C 366 -7.20 -4.65 -61.31
CA GLY C 366 -8.25 -5.52 -61.79
C GLY C 366 -7.98 -6.14 -63.15
N GLU C 367 -7.06 -5.57 -63.93
CA GLU C 367 -6.79 -6.03 -65.29
C GLU C 367 -5.51 -6.86 -65.40
N HIS C 368 -4.77 -7.05 -64.31
CA HIS C 368 -3.66 -8.00 -64.28
C HIS C 368 -4.21 -9.42 -64.38
N PRO C 369 -3.47 -10.35 -65.00
CA PRO C 369 -4.08 -11.65 -65.35
C PRO C 369 -4.61 -12.48 -64.19
N LEU C 370 -4.21 -12.21 -62.94
CA LEU C 370 -4.57 -13.08 -61.83
C LEU C 370 -5.53 -12.40 -60.85
N VAL C 371 -6.20 -11.34 -61.27
CA VAL C 371 -7.05 -10.55 -60.38
C VAL C 371 -8.48 -10.59 -60.91
N GLY C 372 -9.38 -11.17 -60.13
CA GLY C 372 -10.79 -11.21 -60.49
C GLY C 372 -11.54 -9.97 -60.04
N GLU C 373 -11.47 -9.65 -58.75
CA GLU C 373 -12.13 -8.48 -58.19
C GLU C 373 -11.11 -7.58 -57.51
N ALA C 374 -11.30 -6.28 -57.66
CA ALA C 374 -10.59 -5.25 -56.90
C ALA C 374 -11.63 -4.58 -56.01
N ARG C 375 -11.48 -4.74 -54.70
CA ARG C 375 -12.48 -4.33 -53.73
C ARG C 375 -11.96 -3.19 -52.88
N GLY C 376 -12.86 -2.38 -52.37
CA GLY C 376 -12.43 -1.39 -51.41
C GLY C 376 -13.31 -0.18 -51.15
N VAL C 377 -13.18 0.32 -49.93
CA VAL C 377 -13.74 1.60 -49.52
C VAL C 377 -12.67 2.29 -48.68
N GLY C 378 -12.70 3.61 -48.69
CA GLY C 378 -11.81 4.39 -47.84
C GLY C 378 -10.38 3.92 -47.87
N MET C 379 -9.87 3.51 -46.70
CA MET C 379 -8.47 3.11 -46.54
C MET C 379 -8.35 1.59 -46.39
N VAL C 380 -9.26 0.84 -46.98
CA VAL C 380 -9.20 -0.61 -46.98
C VAL C 380 -9.47 -1.07 -48.40
N ALA C 381 -8.93 -2.24 -48.74
CA ALA C 381 -9.11 -2.78 -50.08
C ALA C 381 -8.66 -4.23 -50.08
N ALA C 382 -9.10 -4.95 -51.12
CA ALA C 382 -8.82 -6.37 -51.27
C ALA C 382 -8.71 -6.68 -52.76
N LEU C 383 -7.87 -7.66 -53.11
CA LEU C 383 -7.95 -8.24 -54.41
C LEU C 383 -8.68 -9.58 -54.35
N GLU C 384 -8.51 -10.41 -55.38
CA GLU C 384 -8.91 -11.80 -55.44
C GLU C 384 -7.88 -12.47 -56.36
N LEU C 385 -7.62 -13.75 -56.12
CA LEU C 385 -6.66 -14.50 -56.93
C LEU C 385 -7.40 -15.58 -57.72
N VAL C 386 -7.23 -15.56 -59.04
CA VAL C 386 -8.02 -16.38 -59.95
C VAL C 386 -7.16 -16.82 -61.12
N LYS C 387 -7.29 -18.10 -61.49
CA LYS C 387 -6.43 -18.73 -62.47
C LYS C 387 -6.41 -17.97 -63.80
N SER C 388 -7.55 -17.99 -64.47
CA SER C 388 -7.80 -17.22 -65.68
C SER C 388 -8.99 -16.32 -65.38
N LYS C 389 -9.00 -15.11 -65.95
CA LYS C 389 -10.04 -14.17 -65.54
C LYS C 389 -11.39 -14.51 -66.18
N GLN C 390 -11.45 -14.53 -67.52
CA GLN C 390 -12.76 -14.57 -68.16
C GLN C 390 -13.53 -15.83 -67.83
N PRO C 391 -12.97 -17.04 -67.92
CA PRO C 391 -13.70 -18.22 -67.44
C PRO C 391 -13.86 -18.28 -65.94
N LEU C 392 -13.11 -17.47 -65.17
CA LEU C 392 -13.28 -17.42 -63.72
C LEU C 392 -13.17 -18.82 -63.14
N GLU C 393 -11.99 -19.21 -62.65
CA GLU C 393 -11.76 -20.60 -62.35
C GLU C 393 -11.25 -20.88 -60.94
N ARG C 394 -11.18 -19.88 -60.07
CA ARG C 394 -10.80 -20.08 -58.68
C ARG C 394 -9.50 -20.87 -58.62
N PHE C 395 -9.02 -21.16 -57.42
CA PHE C 395 -7.95 -22.13 -57.23
C PHE C 395 -8.48 -23.23 -56.32
N GLU C 396 -8.34 -24.49 -56.76
CA GLU C 396 -8.45 -25.56 -55.77
C GLU C 396 -7.46 -25.14 -54.69
N GLU C 397 -7.96 -24.72 -53.53
CA GLU C 397 -7.07 -24.37 -52.42
C GLU C 397 -6.32 -23.09 -52.77
N PRO C 398 -7.03 -21.95 -52.79
CA PRO C 398 -6.39 -20.67 -53.11
C PRO C 398 -5.56 -20.12 -51.98
N GLY C 399 -5.70 -20.67 -50.78
CA GLY C 399 -5.01 -20.11 -49.64
C GLY C 399 -3.51 -20.12 -49.80
N LYS C 400 -2.97 -21.13 -50.46
CA LYS C 400 -1.53 -21.25 -50.61
C LYS C 400 -1.02 -20.44 -51.79
N VAL C 401 -1.92 -19.99 -52.66
CA VAL C 401 -1.58 -19.00 -53.66
C VAL C 401 -1.37 -17.64 -52.99
N GLY C 402 -2.36 -17.20 -52.20
CA GLY C 402 -2.19 -15.98 -51.44
C GLY C 402 -1.20 -16.14 -50.30
N SER C 403 -1.25 -17.28 -49.60
CA SER C 403 -0.24 -17.57 -48.58
C SER C 403 1.15 -17.26 -49.10
N LEU C 404 1.39 -17.56 -50.36
CA LEU C 404 2.64 -17.17 -51.01
C LEU C 404 2.74 -15.65 -51.11
N CYS C 405 1.77 -15.03 -51.80
CA CYS C 405 1.95 -13.63 -52.22
C CYS C 405 2.18 -12.70 -51.04
N ARG C 406 1.62 -13.01 -49.87
CA ARG C 406 1.93 -12.21 -48.68
C ARG C 406 3.44 -12.21 -48.44
N ASP C 407 4.05 -13.39 -48.42
CA ASP C 407 5.49 -13.49 -48.29
C ASP C 407 6.22 -12.84 -49.46
N LEU C 408 5.56 -12.64 -50.60
CA LEU C 408 6.25 -11.99 -51.72
C LEU C 408 6.24 -10.47 -51.59
N SER C 409 5.23 -9.90 -50.94
CA SER C 409 5.21 -8.47 -50.73
C SER C 409 6.32 -8.05 -49.76
N VAL C 410 6.51 -8.81 -48.67
CA VAL C 410 7.51 -8.43 -47.68
C VAL C 410 8.89 -8.36 -48.32
N LYS C 411 9.23 -9.29 -49.22
CA LYS C 411 10.46 -9.12 -50.01
C LYS C 411 10.36 -7.87 -50.87
N ASN C 412 9.25 -7.74 -51.60
CA ASN C 412 9.07 -6.64 -52.54
C ASN C 412 8.83 -5.33 -51.81
N GLY C 413 8.89 -5.33 -50.48
CA GLY C 413 8.93 -4.12 -49.70
C GLY C 413 7.60 -3.65 -49.15
N LEU C 414 6.60 -4.54 -49.04
CA LEU C 414 5.26 -4.13 -48.64
C LEU C 414 4.64 -5.19 -47.76
N VAL C 415 3.78 -4.75 -46.84
CA VAL C 415 3.04 -5.65 -45.95
C VAL C 415 1.60 -5.74 -46.44
N MET C 416 1.08 -6.96 -46.47
CA MET C 416 -0.24 -7.23 -47.02
C MET C 416 -0.76 -8.52 -46.42
N ARG C 417 -1.94 -8.50 -45.81
CA ARG C 417 -2.51 -9.75 -45.34
C ARG C 417 -3.09 -10.52 -46.51
N ALA C 418 -3.15 -11.84 -46.37
CA ALA C 418 -3.82 -12.71 -47.32
C ALA C 418 -4.88 -13.48 -46.56
N VAL C 419 -6.13 -13.38 -47.02
CA VAL C 419 -7.22 -14.21 -46.53
C VAL C 419 -7.66 -15.07 -47.70
N GLY C 420 -7.36 -16.37 -47.63
CA GLY C 420 -7.57 -17.22 -48.79
C GLY C 420 -6.83 -16.66 -49.99
N GLY C 421 -7.53 -16.49 -51.09
CA GLY C 421 -6.95 -15.86 -52.27
C GLY C 421 -7.05 -14.35 -52.28
N THR C 422 -7.61 -13.77 -51.23
CA THR C 422 -7.89 -12.34 -51.15
C THR C 422 -6.71 -11.64 -50.46
N MET C 423 -6.00 -10.79 -51.21
CA MET C 423 -4.91 -9.99 -50.67
C MET C 423 -5.45 -8.61 -50.31
N ILE C 424 -5.12 -8.14 -49.12
CA ILE C 424 -5.79 -7.00 -48.53
C ILE C 424 -4.78 -6.01 -47.97
N ILE C 425 -5.24 -4.76 -47.86
CA ILE C 425 -4.43 -3.68 -47.32
C ILE C 425 -5.31 -2.86 -46.39
N SER C 426 -4.72 -2.41 -45.30
CA SER C 426 -5.32 -1.41 -44.41
C SER C 426 -4.18 -0.47 -44.02
N PRO C 427 -3.84 0.47 -44.89
CA PRO C 427 -2.67 1.31 -44.64
C PRO C 427 -2.98 2.35 -43.59
N PRO C 428 -2.00 2.77 -42.79
CA PRO C 428 -2.25 3.83 -41.81
C PRO C 428 -2.92 5.00 -42.50
N LEU C 429 -3.63 5.82 -41.74
CA LEU C 429 -4.24 7.02 -42.33
C LEU C 429 -3.21 8.09 -42.64
N VAL C 430 -1.94 7.81 -42.38
CA VAL C 430 -0.85 8.77 -42.56
C VAL C 430 -0.14 8.57 -43.90
N LEU C 431 -0.65 7.67 -44.75
CA LEU C 431 -0.14 7.60 -46.11
C LEU C 431 -0.07 9.02 -46.68
N SER C 432 0.83 9.21 -47.64
CA SER C 432 0.85 10.42 -48.46
C SER C 432 0.45 10.03 -49.87
N ARG C 433 -0.15 10.96 -50.61
CA ARG C 433 -0.44 10.66 -52.01
C ARG C 433 0.82 10.23 -52.74
N GLU C 434 1.98 10.69 -52.27
CA GLU C 434 3.24 10.16 -52.77
C GLU C 434 3.36 8.67 -52.48
N GLN C 435 2.93 8.23 -51.29
CA GLN C 435 3.14 6.86 -50.82
C GLN C 435 2.18 5.83 -51.42
N VAL C 436 1.09 6.25 -52.06
CA VAL C 436 0.20 5.27 -52.70
C VAL C 436 0.81 4.77 -54.00
N ASP C 437 1.33 5.69 -54.82
CA ASP C 437 2.02 5.28 -56.04
C ASP C 437 3.10 4.26 -55.69
N GLU C 438 3.76 4.46 -54.56
CA GLU C 438 4.63 3.44 -53.98
C GLU C 438 3.87 2.13 -53.79
N LEU C 439 2.75 2.18 -53.06
CA LEU C 439 2.00 0.97 -52.74
C LEU C 439 1.46 0.28 -53.99
N ILE C 440 1.07 1.07 -55.01
CA ILE C 440 0.48 0.48 -56.20
C ILE C 440 1.55 -0.26 -57.02
N ASP C 441 2.72 0.36 -57.17
CA ASP C 441 3.75 -0.27 -58.00
C ASP C 441 4.36 -1.48 -57.31
N LYS C 442 4.63 -1.39 -56.00
CA LYS C 442 5.11 -2.56 -55.28
C LYS C 442 4.10 -3.69 -55.34
N ALA C 443 2.82 -3.36 -55.55
CA ALA C 443 1.82 -4.36 -55.87
C ALA C 443 2.14 -4.94 -57.24
N ARG C 444 1.72 -4.23 -58.29
CA ARG C 444 1.86 -4.63 -59.69
C ARG C 444 3.06 -5.53 -59.93
N ARG C 445 4.21 -5.16 -59.35
CA ARG C 445 5.43 -5.95 -59.50
C ARG C 445 5.29 -7.30 -58.79
N THR C 446 4.79 -7.30 -57.56
CA THR C 446 4.60 -8.57 -56.87
C THR C 446 3.72 -9.51 -57.68
N LEU C 447 2.81 -8.96 -58.50
CA LEU C 447 1.89 -9.80 -59.26
C LEU C 447 2.52 -10.35 -60.54
N ASP C 448 3.28 -9.53 -61.27
CA ASP C 448 4.10 -10.07 -62.35
C ASP C 448 4.84 -11.30 -61.86
N GLU C 449 5.33 -11.22 -60.62
CA GLU C 449 6.11 -12.31 -60.02
C GLU C 449 5.28 -13.56 -59.80
N THR C 450 3.98 -13.42 -59.53
CA THR C 450 3.20 -14.57 -59.08
C THR C 450 2.70 -15.43 -60.24
N HIS C 451 2.04 -14.83 -61.24
CA HIS C 451 1.57 -15.66 -62.36
C HIS C 451 2.70 -16.55 -62.86
N LYS C 452 3.94 -16.06 -62.78
CA LYS C 452 5.09 -16.83 -63.21
C LYS C 452 5.12 -18.20 -62.54
N ALA C 453 5.13 -18.22 -61.21
CA ALA C 453 5.35 -19.47 -60.47
C ALA C 453 4.28 -20.53 -60.80
N SER D 7 31.13 1.48 20.20
CA SER D 7 32.57 1.51 20.41
C SER D 7 32.99 2.85 21.02
N THR D 8 32.05 3.79 21.03
CA THR D 8 32.26 5.18 21.45
C THR D 8 33.68 5.56 21.83
N ALA D 9 34.16 5.07 22.98
CA ALA D 9 35.52 5.34 23.42
C ALA D 9 36.46 5.31 22.23
N ASP D 10 36.21 4.40 21.29
CA ASP D 10 37.02 4.26 20.10
C ASP D 10 36.60 5.22 19.00
N TRP D 11 35.29 5.31 18.71
CA TRP D 11 34.84 6.29 17.72
C TRP D 11 35.38 7.68 18.07
N GLN D 12 35.17 8.12 19.31
CA GLN D 12 35.64 9.44 19.72
C GLN D 12 37.16 9.56 19.53
N ARG D 13 37.90 8.48 19.74
CA ARG D 13 39.34 8.50 19.51
C ARG D 13 39.65 8.86 18.05
N LEU D 14 39.03 8.14 17.11
CA LEU D 14 39.31 8.35 15.71
C LEU D 14 38.92 9.75 15.26
N ASP D 15 37.82 10.27 15.81
CA ASP D 15 37.29 11.55 15.36
C ASP D 15 38.30 12.67 15.58
N ALA D 16 38.96 12.70 16.74
CA ALA D 16 40.06 13.63 16.94
C ALA D 16 41.30 13.20 16.18
N ALA D 17 41.50 11.90 16.01
CA ALA D 17 42.75 11.39 15.46
C ALA D 17 42.99 11.89 14.05
N HIS D 18 41.99 11.78 13.18
CA HIS D 18 42.16 12.25 11.81
C HIS D 18 40.98 13.09 11.33
N HIS D 19 39.78 12.79 11.78
CA HIS D 19 38.62 13.50 11.24
C HIS D 19 38.65 14.96 11.67
N LEU D 20 38.35 15.86 10.73
CA LEU D 20 38.26 17.29 10.97
C LEU D 20 36.81 17.75 10.84
N HIS D 21 36.58 19.00 11.27
CA HIS D 21 35.48 19.29 12.18
C HIS D 21 34.93 20.70 12.04
N PRO D 22 34.26 21.00 10.92
CA PRO D 22 33.82 22.38 10.68
C PRO D 22 33.31 23.14 11.91
N PHE D 23 33.77 24.38 12.04
CA PHE D 23 33.26 25.36 13.01
C PHE D 23 33.54 24.92 14.45
N THR D 24 34.80 24.84 14.84
CA THR D 24 35.15 24.26 16.13
C THR D 24 36.62 24.50 16.41
N ASP D 25 36.95 24.69 17.70
CA ASP D 25 38.32 25.06 18.06
C ASP D 25 39.36 24.09 17.52
N TYR D 26 39.00 22.81 17.38
CA TYR D 26 40.00 21.80 17.06
C TYR D 26 41.07 21.84 18.14
N GLY D 27 40.82 21.17 19.27
CA GLY D 27 41.81 21.17 20.34
C GLY D 27 41.18 21.25 21.71
N GLU D 28 40.26 22.20 21.89
CA GLU D 28 39.45 22.19 23.11
C GLU D 28 38.39 21.08 23.07
N LEU D 29 38.19 20.42 21.91
CA LEU D 29 37.26 19.30 21.79
C LEU D 29 37.94 17.96 21.51
N ASN D 30 39.26 17.92 21.32
CA ASN D 30 39.95 16.64 21.20
C ASN D 30 40.17 15.97 22.56
N THR D 31 40.19 16.77 23.62
CA THR D 31 40.22 16.21 24.97
C THR D 31 38.83 15.76 25.41
N LYS D 32 37.83 16.61 25.19
CA LYS D 32 36.49 16.38 25.74
C LYS D 32 35.70 15.34 24.98
N GLY D 33 36.15 14.94 23.79
CA GLY D 33 35.47 13.91 23.03
C GLY D 33 34.28 14.46 22.28
N SER D 34 33.93 13.81 21.16
CA SER D 34 32.82 14.24 20.33
C SER D 34 31.56 13.46 20.68
N ARG D 35 30.41 14.10 20.49
CA ARG D 35 29.12 13.44 20.61
C ARG D 35 28.85 12.73 19.29
N ILE D 36 28.82 11.41 19.31
CA ILE D 36 28.70 10.62 18.09
C ILE D 36 27.26 10.12 17.97
N ILE D 37 26.59 10.58 16.93
CA ILE D 37 25.18 10.30 16.69
C ILE D 37 25.10 9.17 15.67
N THR D 38 24.51 8.04 16.05
CA THR D 38 24.36 6.92 15.10
C THR D 38 23.04 6.97 14.34
N ARG D 39 21.92 7.14 15.04
CA ARG D 39 20.64 6.97 14.39
C ARG D 39 19.70 8.14 14.60
N ALA D 40 18.58 8.08 13.89
CA ALA D 40 17.61 9.16 13.97
C ALA D 40 16.34 8.74 13.27
N GLU D 41 15.21 9.02 13.90
CA GLU D 41 13.91 8.82 13.28
C GLU D 41 12.91 9.79 13.91
N GLY D 42 12.02 10.32 13.07
CA GLY D 42 11.13 11.36 13.48
C GLY D 42 11.84 12.66 13.80
N CYS D 43 11.67 13.13 15.03
CA CYS D 43 12.31 14.34 15.50
C CYS D 43 13.33 14.03 16.60
N TYR D 44 13.90 12.83 16.54
CA TYR D 44 14.76 12.32 17.60
C TYR D 44 16.03 11.76 17.01
N LEU D 45 17.11 11.86 17.78
CA LEU D 45 18.39 11.26 17.44
C LEU D 45 18.82 10.40 18.61
N TRP D 46 19.79 9.53 18.31
CA TRP D 46 20.36 8.64 19.31
C TRP D 46 21.86 8.62 19.14
N ASP D 47 22.58 8.92 20.23
CA ASP D 47 24.03 8.93 20.19
C ASP D 47 24.56 7.56 20.63
N SER D 48 25.89 7.46 20.72
CA SER D 48 26.51 6.16 20.93
C SER D 48 26.08 5.52 22.25
N ASP D 49 25.74 6.33 23.25
CA ASP D 49 25.25 5.82 24.53
C ASP D 49 23.73 5.60 24.50
N GLY D 50 23.12 5.66 23.32
CA GLY D 50 21.71 5.39 23.16
C GLY D 50 20.77 6.44 23.69
N ASN D 51 21.26 7.60 24.10
CA ASN D 51 20.37 8.64 24.62
C ASN D 51 19.47 9.15 23.50
N GLN D 52 18.19 9.26 23.79
CA GLN D 52 17.26 9.91 22.86
C GLN D 52 17.36 11.41 23.04
N ILE D 53 17.42 12.13 21.93
CA ILE D 53 17.57 13.58 21.91
C ILE D 53 16.47 14.15 21.02
N LEU D 54 15.65 15.04 21.57
CA LEU D 54 14.68 15.76 20.77
C LEU D 54 15.39 16.91 20.07
N ASP D 55 15.33 16.95 18.75
CA ASP D 55 16.03 17.97 17.98
C ASP D 55 15.03 19.03 17.53
N GLY D 56 15.07 20.17 18.20
CA GLY D 56 14.32 21.32 17.74
C GLY D 56 15.18 22.23 16.89
N MET D 57 16.25 21.69 16.33
CA MET D 57 17.12 22.46 15.45
C MET D 57 17.11 21.95 14.01
N ALA D 58 16.21 21.02 13.69
CA ALA D 58 16.22 20.34 12.38
C ALA D 58 17.66 19.97 12.05
N GLY D 59 18.37 19.42 13.02
CA GLY D 59 19.78 19.18 12.89
C GLY D 59 20.51 20.50 12.69
N LEU D 60 20.49 21.00 11.46
CA LEU D 60 21.03 22.32 11.13
C LEU D 60 20.02 23.05 10.24
N TRP D 61 18.81 23.19 10.75
CA TRP D 61 17.72 23.91 10.10
C TRP D 61 17.16 23.22 8.87
N CYS D 62 17.57 22.00 8.56
CA CYS D 62 17.25 21.40 7.27
C CYS D 62 16.16 20.34 7.33
N VAL D 63 16.18 19.46 8.33
CA VAL D 63 15.32 18.28 8.34
C VAL D 63 13.88 18.71 8.47
N ASN D 64 13.34 19.33 7.43
CA ASN D 64 11.96 19.76 7.43
C ASN D 64 11.01 18.57 7.26
N ILE D 65 11.47 17.46 6.67
CA ILE D 65 10.63 16.29 6.59
C ILE D 65 10.50 15.61 7.96
N GLY D 66 11.41 15.86 8.91
CA GLY D 66 11.65 14.93 9.97
C GLY D 66 12.47 13.76 9.43
N TYR D 67 13.18 13.09 10.36
CA TYR D 67 14.13 12.06 9.93
C TYR D 67 13.41 10.80 9.44
N GLY D 68 14.20 9.89 8.87
CA GLY D 68 13.76 8.54 8.62
C GLY D 68 12.52 8.49 7.76
N ARG D 69 12.55 9.18 6.63
CA ARG D 69 11.46 9.12 5.65
C ARG D 69 11.90 8.19 4.53
N LYS D 70 11.24 7.03 4.44
CA LYS D 70 11.72 5.96 3.57
C LYS D 70 11.69 6.36 2.11
N GLU D 71 10.66 7.09 1.69
CA GLU D 71 10.50 7.37 0.27
C GLU D 71 11.77 7.95 -0.32
N LEU D 72 12.52 8.71 0.48
CA LEU D 72 13.70 9.39 -0.05
C LEU D 72 14.83 8.42 -0.36
N ALA D 73 15.01 7.40 0.48
CA ALA D 73 16.09 6.43 0.22
C ALA D 73 15.74 5.54 -0.97
N GLU D 74 14.44 5.27 -1.13
CA GLU D 74 13.96 4.46 -2.24
C GLU D 74 14.22 5.15 -3.58
N VAL D 75 13.98 6.46 -3.65
CA VAL D 75 14.26 7.17 -4.90
C VAL D 75 15.76 7.35 -5.10
N ALA D 76 16.52 7.47 -4.00
CA ALA D 76 17.97 7.63 -4.13
C ALA D 76 18.63 6.32 -4.55
N TYR D 77 18.22 5.21 -3.93
CA TYR D 77 18.65 3.90 -4.41
C TYR D 77 18.34 3.73 -5.89
N ARG D 78 17.22 4.28 -6.34
CA ARG D 78 16.76 4.04 -7.71
C ARG D 78 17.45 4.94 -8.72
N GLN D 79 17.81 6.17 -8.32
CA GLN D 79 18.47 7.09 -9.25
C GLN D 79 19.96 6.81 -9.36
N MET D 80 20.58 6.25 -8.31
CA MET D 80 21.93 5.74 -8.44
C MET D 80 22.02 4.61 -9.45
N GLN D 81 20.88 3.97 -9.73
CA GLN D 81 20.87 2.91 -10.74
C GLN D 81 21.04 3.48 -12.13
N GLU D 82 20.54 4.68 -12.36
CA GLU D 82 20.77 5.37 -13.62
C GLU D 82 22.11 6.10 -13.53
N LEU D 83 22.33 7.00 -14.45
CA LEU D 83 23.67 7.58 -14.55
C LEU D 83 23.80 8.74 -13.58
N PRO D 84 24.92 8.86 -12.88
CA PRO D 84 25.19 10.14 -12.19
C PRO D 84 25.35 11.17 -13.29
N TYR D 85 25.80 12.37 -12.97
CA TYR D 85 25.81 13.50 -13.89
C TYR D 85 24.81 13.53 -15.05
N TYR D 86 24.50 14.74 -15.48
CA TYR D 86 23.55 14.98 -16.57
C TYR D 86 24.09 16.17 -17.36
N ASN D 87 24.91 15.88 -18.38
CA ASN D 87 25.51 16.91 -19.23
C ASN D 87 24.68 17.06 -20.50
N ASN D 88 25.29 17.48 -21.60
CA ASN D 88 24.50 17.80 -22.80
C ASN D 88 24.54 16.71 -23.87
N PHE D 89 25.61 15.93 -23.96
CA PHE D 89 25.73 14.99 -25.07
C PHE D 89 24.92 13.73 -24.84
N PHE D 90 24.88 13.25 -23.59
CA PHE D 90 24.07 12.12 -23.18
C PHE D 90 23.50 12.44 -21.81
N GLN D 91 22.38 11.79 -21.49
CA GLN D 91 21.69 12.09 -20.25
C GLN D 91 20.76 10.93 -19.91
N CYS D 92 20.23 10.96 -18.70
CA CYS D 92 19.34 9.93 -18.20
C CYS D 92 17.91 10.31 -18.59
N SER D 93 17.28 9.51 -19.44
CA SER D 93 15.90 9.78 -19.85
C SER D 93 15.08 10.18 -18.63
N HIS D 94 14.30 11.25 -18.78
CA HIS D 94 13.53 11.75 -17.65
C HIS D 94 14.49 12.00 -16.50
N PRO D 95 15.38 12.97 -16.67
CA PRO D 95 16.40 13.22 -15.65
C PRO D 95 15.81 13.98 -14.49
N PRO D 96 16.30 13.73 -13.26
CA PRO D 96 15.69 14.36 -12.10
C PRO D 96 15.79 15.88 -12.11
N ALA D 97 16.85 16.43 -12.73
CA ALA D 97 17.03 17.87 -12.74
C ALA D 97 15.87 18.58 -13.43
N ILE D 98 15.26 17.96 -14.44
CA ILE D 98 14.19 18.62 -15.19
C ILE D 98 12.95 18.79 -14.31
N GLU D 99 12.48 17.69 -13.71
CA GLU D 99 11.37 17.78 -12.78
C GLU D 99 11.49 19.03 -11.93
N LEU D 100 12.60 19.02 -11.17
CA LEU D 100 12.72 19.78 -9.95
C LEU D 100 12.51 21.24 -10.23
N SER D 101 12.95 21.65 -11.41
CA SER D 101 12.78 23.01 -11.87
C SER D 101 11.32 23.34 -12.15
N ARG D 102 10.54 22.36 -12.64
CA ARG D 102 9.10 22.54 -12.76
C ARG D 102 8.47 22.66 -11.38
N LEU D 103 8.79 21.72 -10.49
CA LEU D 103 8.29 21.78 -9.12
C LEU D 103 8.77 23.05 -8.42
N LEU D 104 10.08 23.31 -8.48
CA LEU D 104 10.63 24.47 -7.79
C LEU D 104 10.03 25.76 -8.31
N SER D 105 9.61 25.77 -9.58
CA SER D 105 8.93 26.95 -10.13
C SER D 105 7.52 27.07 -9.58
N GLU D 106 6.86 25.95 -9.30
CA GLU D 106 5.45 25.97 -8.91
C GLU D 106 5.28 26.54 -7.50
N VAL D 107 6.22 26.23 -6.60
CA VAL D 107 6.11 26.58 -5.18
C VAL D 107 6.81 27.90 -4.88
N THR D 108 7.14 28.67 -5.90
CA THR D 108 7.98 29.84 -5.74
C THR D 108 7.22 31.09 -6.14
N PRO D 109 7.30 32.19 -5.34
CA PRO D 109 6.57 33.43 -5.68
C PRO D 109 6.63 33.66 -7.18
N LYS D 110 5.47 33.83 -7.83
CA LYS D 110 5.32 33.44 -9.23
C LYS D 110 6.57 33.75 -10.05
N HIS D 111 6.96 35.03 -10.07
CA HIS D 111 7.92 35.55 -11.03
C HIS D 111 9.22 34.76 -11.12
N MET D 112 9.40 33.80 -10.23
CA MET D 112 10.57 32.91 -10.27
C MET D 112 10.19 31.65 -11.02
N ASN D 113 10.64 31.56 -12.28
CA ASN D 113 10.34 30.45 -13.16
C ASN D 113 11.59 29.90 -13.83
N HIS D 114 12.77 30.27 -13.36
CA HIS D 114 14.03 29.69 -13.80
C HIS D 114 14.84 29.33 -12.56
N VAL D 115 15.67 28.29 -12.68
CA VAL D 115 16.46 27.86 -11.53
C VAL D 115 17.76 27.25 -12.00
N PHE D 116 18.84 27.60 -11.31
CA PHE D 116 20.19 27.10 -11.56
C PHE D 116 20.61 26.32 -10.31
N PHE D 117 21.06 25.08 -10.50
CA PHE D 117 21.44 24.24 -9.38
C PHE D 117 22.95 24.28 -9.14
N THR D 118 23.33 24.02 -7.88
CA THR D 118 24.71 24.07 -7.43
C THR D 118 24.83 23.20 -6.19
N GLY D 119 26.08 23.00 -5.76
CA GLY D 119 26.38 21.98 -4.77
C GLY D 119 26.18 22.36 -3.33
N SER D 120 25.71 23.56 -3.04
CA SER D 120 25.57 24.00 -1.66
C SER D 120 24.86 25.35 -1.66
N GLY D 121 24.61 25.87 -0.45
CA GLY D 121 24.00 27.18 -0.33
C GLY D 121 25.00 28.30 -0.43
N SER D 122 26.24 28.05 0.00
CA SER D 122 27.32 29.03 -0.20
C SER D 122 27.65 29.15 -1.68
N ASP D 123 27.94 28.03 -2.34
CA ASP D 123 28.11 28.02 -3.79
C ASP D 123 27.01 28.82 -4.48
N SER D 124 25.79 28.76 -3.94
CA SER D 124 24.69 29.50 -4.56
C SER D 124 24.92 31.01 -4.44
N ASN D 125 25.33 31.47 -3.26
CA ASN D 125 25.52 32.90 -3.05
C ASN D 125 26.72 33.42 -3.83
N ASP D 126 27.69 32.57 -4.18
CA ASP D 126 28.76 32.99 -5.08
C ASP D 126 28.20 33.28 -6.47
N THR D 127 27.54 32.29 -7.06
CA THR D 127 26.87 32.49 -8.34
C THR D 127 26.06 33.77 -8.34
N ILE D 128 25.23 33.96 -7.32
CA ILE D 128 24.40 35.15 -7.27
C ILE D 128 25.28 36.39 -7.28
N LEU D 129 26.38 36.38 -6.52
CA LEU D 129 27.34 37.47 -6.61
C LEU D 129 27.87 37.62 -8.04
N ARG D 130 28.28 36.51 -8.66
CA ARG D 130 28.77 36.60 -10.03
C ARG D 130 27.70 37.20 -10.95
N MET D 131 26.50 36.62 -10.98
CA MET D 131 25.56 37.03 -12.00
C MET D 131 24.87 38.35 -11.69
N VAL D 132 24.89 38.82 -10.45
CA VAL D 132 24.28 40.12 -10.17
C VAL D 132 25.11 41.23 -10.82
N ARG D 133 26.44 41.11 -10.76
CA ARG D 133 27.30 42.00 -11.51
C ARG D 133 27.17 41.75 -13.00
N TYR D 134 26.91 40.51 -13.40
CA TYR D 134 26.81 40.15 -14.80
C TYR D 134 25.52 40.65 -15.43
N TYR D 135 24.45 40.79 -14.64
CA TYR D 135 23.20 41.36 -15.15
C TYR D 135 23.35 42.86 -15.35
N TRP D 136 24.13 43.53 -14.49
CA TRP D 136 24.36 44.95 -14.65
C TRP D 136 25.32 45.24 -15.79
N LYS D 137 26.34 44.41 -15.96
CA LYS D 137 27.21 44.53 -17.13
C LYS D 137 26.37 44.55 -18.40
N LEU D 138 25.49 43.56 -18.57
CA LEU D 138 24.68 43.45 -19.78
C LEU D 138 23.67 44.58 -19.91
N LEU D 139 23.30 45.25 -18.82
CA LEU D 139 22.50 46.47 -18.92
C LEU D 139 23.36 47.70 -19.11
N GLY D 140 24.66 47.52 -19.35
CA GLY D 140 25.53 48.64 -19.64
C GLY D 140 25.85 49.50 -18.45
N LYS D 141 25.87 48.91 -17.25
CA LYS D 141 26.25 49.62 -16.04
C LYS D 141 27.33 48.83 -15.30
N PRO D 142 28.40 48.45 -15.99
CA PRO D 142 29.43 47.61 -15.36
C PRO D 142 30.06 48.21 -14.13
N TYR D 143 29.85 49.51 -13.87
CA TYR D 143 30.31 50.11 -12.61
C TYR D 143 29.41 49.73 -11.44
N LYS D 144 28.26 49.11 -11.71
CA LYS D 144 27.32 48.64 -10.69
C LYS D 144 27.79 47.28 -10.20
N LYS D 145 28.58 47.27 -9.12
CA LYS D 145 29.17 46.02 -8.66
C LYS D 145 29.13 45.83 -7.16
N VAL D 146 28.54 46.75 -6.40
CA VAL D 146 28.57 46.65 -4.94
C VAL D 146 27.36 45.89 -4.45
N VAL D 147 27.61 44.83 -3.68
CA VAL D 147 26.60 44.09 -2.96
C VAL D 147 26.68 44.49 -1.50
N ILE D 148 25.53 44.55 -0.83
CA ILE D 148 25.45 45.08 0.52
C ILE D 148 24.74 44.06 1.41
N SER D 149 25.43 43.56 2.44
CA SER D 149 24.80 42.73 3.45
C SER D 149 24.59 43.55 4.74
N ARG D 150 24.37 42.83 5.85
CA ARG D 150 24.10 43.40 7.17
C ARG D 150 25.09 42.79 8.14
N GLU D 151 25.44 43.53 9.20
CA GLU D 151 26.29 42.96 10.23
C GLU D 151 25.62 41.70 10.81
N ASN D 152 26.44 40.72 11.16
CA ASN D 152 25.96 39.48 11.77
C ASN D 152 24.98 38.76 10.88
N ALA D 153 25.04 38.98 9.58
CA ALA D 153 24.27 38.14 8.67
C ALA D 153 25.13 36.96 8.25
N TYR D 154 24.47 35.90 7.82
CA TYR D 154 25.16 34.70 7.36
C TYR D 154 24.61 34.32 5.99
N HIS D 155 25.49 34.28 5.00
CA HIS D 155 25.11 34.06 3.61
C HIS D 155 25.96 33.00 2.94
N GLY D 156 26.73 32.23 3.72
CA GLY D 156 27.54 31.15 3.18
C GLY D 156 28.92 31.11 3.80
N SER D 157 29.74 30.13 3.40
CA SER D 157 31.08 29.99 3.97
C SER D 157 32.16 29.80 2.91
N THR D 158 31.81 29.89 1.62
CA THR D 158 32.79 30.10 0.57
C THR D 158 33.46 31.46 0.79
N VAL D 159 34.58 31.69 0.09
CA VAL D 159 35.27 32.97 0.30
C VAL D 159 34.34 34.13 -0.07
N ALA D 160 33.44 33.91 -1.03
CA ALA D 160 32.41 34.91 -1.29
C ALA D 160 31.44 35.00 -0.12
N GLY D 161 30.87 33.86 0.30
CA GLY D 161 29.87 33.89 1.34
C GLY D 161 30.37 34.51 2.62
N ALA D 162 31.62 34.22 2.99
CA ALA D 162 32.17 34.78 4.22
C ALA D 162 32.43 36.28 4.09
N SER D 163 32.71 36.75 2.88
CA SER D 163 32.83 38.19 2.67
C SER D 163 31.45 38.84 2.73
N LEU D 164 30.42 38.16 2.24
CA LEU D 164 29.06 38.69 2.24
C LEU D 164 28.41 38.64 3.62
N SER D 165 28.83 37.76 4.50
CA SER D 165 28.19 37.61 5.80
C SER D 165 28.87 38.52 6.84
N GLY D 166 28.06 39.16 7.66
CA GLY D 166 28.54 40.12 8.64
C GLY D 166 28.99 39.53 9.94
N MET D 167 29.15 38.23 10.02
CA MET D 167 29.97 37.62 11.04
C MET D 167 31.35 38.28 11.00
N LYS D 168 31.62 39.22 11.90
CA LYS D 168 32.91 39.87 11.90
C LYS D 168 34.04 38.93 12.34
N ALA D 169 33.71 37.71 12.78
CA ALA D 169 34.72 36.77 13.23
C ALA D 169 35.47 36.09 12.08
N MET D 170 34.96 36.17 10.85
CA MET D 170 35.59 35.54 9.70
C MET D 170 36.44 36.50 8.89
N HIS D 171 36.14 37.80 8.96
CA HIS D 171 36.91 38.79 8.22
C HIS D 171 38.23 39.13 8.90
N SER D 172 38.20 39.42 10.21
CA SER D 172 39.36 40.02 10.85
C SER D 172 40.60 39.15 10.72
N HIS D 173 40.43 37.84 10.57
CA HIS D 173 41.54 36.94 10.29
C HIS D 173 42.00 37.19 8.86
N GLY D 174 42.74 38.29 8.70
CA GLY D 174 43.20 38.72 7.40
C GLY D 174 42.36 39.88 6.87
N ASP D 175 42.52 40.11 5.57
CA ASP D 175 41.83 41.20 4.86
C ASP D 175 40.92 40.56 3.83
N LEU D 176 39.95 39.79 4.32
CA LEU D 176 39.19 38.86 3.49
C LEU D 176 38.04 39.57 2.77
N PRO D 177 37.15 40.32 3.49
CA PRO D 177 35.99 40.91 2.80
C PRO D 177 36.45 41.53 1.48
N ILE D 178 36.23 40.76 0.41
CA ILE D 178 36.87 40.98 -0.88
C ILE D 178 36.28 42.22 -1.53
N PRO D 179 36.87 42.71 -2.63
CA PRO D 179 36.33 43.92 -3.26
C PRO D 179 34.84 43.80 -3.56
N GLY D 180 34.13 44.91 -3.38
CA GLY D 180 32.74 45.02 -3.78
C GLY D 180 31.72 44.75 -2.71
N ILE D 181 32.15 44.49 -1.47
CA ILE D 181 31.25 44.11 -0.39
C ILE D 181 31.28 45.18 0.70
N GLU D 182 30.09 45.69 1.06
CA GLU D 182 29.90 46.52 2.25
C GLU D 182 28.80 45.92 3.12
N HIS D 183 28.80 46.26 4.42
CA HIS D 183 27.80 45.77 5.37
C HIS D 183 27.18 46.95 6.13
N ILE D 184 26.04 46.70 6.77
CA ILE D 184 25.27 47.75 7.45
C ILE D 184 24.59 47.24 8.72
N GLU D 185 23.79 48.11 9.36
CA GLU D 185 23.10 47.77 10.59
C GLU D 185 22.19 46.56 10.41
N GLN D 186 22.17 45.63 11.47
CA GLN D 186 21.12 44.62 11.49
C GLN D 186 19.92 45.10 12.30
N PRO D 187 18.70 44.69 11.96
CA PRO D 187 17.50 45.04 12.74
C PRO D 187 17.34 44.22 14.02
N TYR D 188 18.40 44.15 14.82
CA TYR D 188 18.34 43.46 16.11
C TYR D 188 17.82 44.44 17.17
N HIS D 189 16.49 44.58 17.20
CA HIS D 189 15.90 45.58 18.09
C HIS D 189 16.30 45.33 19.55
N PHE D 190 16.43 44.06 19.94
CA PHE D 190 16.70 43.76 21.34
C PHE D 190 18.15 44.07 21.71
N GLY D 191 19.08 43.70 20.83
CA GLY D 191 20.50 43.84 21.14
C GLY D 191 21.09 45.19 20.82
N ARG D 192 20.36 46.05 20.12
CA ARG D 192 20.85 47.38 19.76
C ARG D 192 20.05 48.49 20.41
N ALA D 193 18.73 48.44 20.33
CA ALA D 193 17.87 49.47 20.90
C ALA D 193 16.72 48.80 21.65
N PRO D 194 17.01 48.17 22.78
CA PRO D 194 15.96 47.47 23.54
C PRO D 194 14.87 48.37 24.06
N ASP D 195 15.07 49.69 24.06
CA ASP D 195 14.09 50.66 24.51
C ASP D 195 13.35 51.33 23.35
N MET D 196 14.10 51.77 22.33
CA MET D 196 13.50 52.43 21.18
C MET D 196 12.24 51.69 20.73
N ASP D 197 11.26 52.46 20.26
CA ASP D 197 10.02 51.87 19.78
C ASP D 197 10.34 50.79 18.75
N PRO D 198 9.79 49.57 18.90
CA PRO D 198 10.17 48.51 17.95
C PRO D 198 10.00 48.94 16.50
N ALA D 199 8.97 49.72 16.19
CA ALA D 199 8.74 50.13 14.81
C ALA D 199 9.81 51.13 14.35
N GLU D 200 10.13 52.11 15.19
CA GLU D 200 11.06 53.17 14.76
C GLU D 200 12.43 52.59 14.43
N PHE D 201 12.90 51.65 15.25
CA PHE D 201 14.17 50.97 14.98
C PHE D 201 14.15 50.27 13.64
N GLY D 202 13.02 49.63 13.29
CA GLY D 202 12.90 48.98 12.00
C GLY D 202 13.06 49.95 10.85
N ARG D 203 12.35 51.08 10.90
CA ARG D 203 12.51 52.10 9.87
C ARG D 203 13.93 52.66 9.88
N GLN D 204 14.51 52.82 11.08
CA GLN D 204 15.83 53.44 11.15
C GLN D 204 16.91 52.50 10.66
N ALA D 205 16.85 51.22 11.06
CA ALA D 205 17.80 50.25 10.57
C ALA D 205 17.56 49.89 9.11
N ALA D 206 16.37 50.18 8.58
CA ALA D 206 16.12 49.97 7.16
C ALA D 206 16.56 51.19 6.34
N GLN D 207 16.16 52.40 6.76
CA GLN D 207 16.60 53.60 6.06
C GLN D 207 18.11 53.75 6.15
N ALA D 208 18.78 52.96 7.01
CA ALA D 208 20.24 52.88 6.98
C ALA D 208 20.76 52.26 5.68
N LEU D 209 19.89 51.70 4.84
CA LEU D 209 20.30 51.30 3.51
C LEU D 209 20.36 52.50 2.56
N GLU D 210 19.29 53.30 2.50
CA GLU D 210 19.36 54.54 1.74
C GLU D 210 20.50 55.40 2.24
N ARG D 211 20.97 55.14 3.46
CA ARG D 211 22.12 55.85 4.01
C ARG D 211 23.42 55.44 3.31
N LYS D 212 23.68 54.13 3.21
CA LYS D 212 24.93 53.68 2.60
C LYS D 212 25.03 54.12 1.16
N ILE D 213 23.96 53.91 0.38
CA ILE D 213 24.00 54.20 -1.05
C ILE D 213 24.29 55.67 -1.29
N ASP D 214 23.83 56.55 -0.41
CA ASP D 214 24.16 57.96 -0.51
C ASP D 214 25.64 58.25 -0.24
N GLU D 215 26.40 57.31 0.31
CA GLU D 215 27.85 57.49 0.40
C GLU D 215 28.58 56.86 -0.77
N ILE D 216 28.17 55.65 -1.15
CA ILE D 216 28.90 54.87 -2.13
C ILE D 216 28.66 55.39 -3.55
N GLY D 217 27.45 55.88 -3.82
CA GLY D 217 27.02 56.17 -5.16
C GLY D 217 26.04 55.13 -5.65
N GLU D 218 24.79 55.54 -5.89
CA GLU D 218 23.80 54.62 -6.44
C GLU D 218 24.42 53.82 -7.59
N CYS D 219 25.26 54.47 -8.40
CA CYS D 219 25.82 53.79 -9.56
C CYS D 219 26.76 52.65 -9.20
N ASN D 220 27.09 52.47 -7.93
CA ASN D 220 27.98 51.38 -7.54
C ASN D 220 27.24 50.17 -6.98
N VAL D 221 26.08 50.36 -6.34
CA VAL D 221 25.39 49.23 -5.74
C VAL D 221 24.73 48.39 -6.84
N ALA D 222 25.04 47.10 -6.84
CA ALA D 222 24.41 46.15 -7.73
C ALA D 222 23.11 45.59 -7.14
N ALA D 223 23.08 45.36 -5.84
CA ALA D 223 21.93 44.72 -5.21
C ALA D 223 22.04 44.80 -3.70
N PHE D 224 20.94 44.44 -3.06
CA PHE D 224 20.88 44.30 -1.61
C PHE D 224 20.55 42.86 -1.28
N ILE D 225 21.03 42.38 -0.13
CA ILE D 225 20.77 41.00 0.26
C ILE D 225 20.55 40.91 1.76
N ALA D 226 19.49 40.20 2.13
CA ALA D 226 19.22 39.83 3.51
C ALA D 226 18.57 38.46 3.51
N GLU D 227 18.82 37.71 4.57
CA GLU D 227 17.87 36.65 4.91
C GLU D 227 16.59 37.30 5.39
N PRO D 228 15.42 36.81 5.00
CA PRO D 228 14.18 37.38 5.57
C PRO D 228 14.31 37.52 7.07
N ILE D 229 14.94 36.54 7.70
CA ILE D 229 15.36 36.58 9.10
C ILE D 229 16.73 35.91 9.16
N GLN D 230 17.62 36.42 10.01
CA GLN D 230 18.99 35.90 10.05
C GLN D 230 19.04 34.66 10.93
N GLY D 231 19.15 33.49 10.30
CA GLY D 231 19.40 32.25 11.01
C GLY D 231 20.89 32.08 11.18
N ALA D 232 21.32 31.85 12.42
CA ALA D 232 22.68 32.13 12.87
C ALA D 232 22.64 33.56 13.39
N GLY D 233 23.69 34.02 14.06
CA GLY D 233 23.68 35.35 14.62
C GLY D 233 22.55 35.60 15.60
N GLY D 234 21.76 34.56 15.89
CA GLY D 234 20.50 34.67 16.60
C GLY D 234 19.34 34.31 15.68
N VAL D 235 18.14 34.58 16.17
CA VAL D 235 16.94 34.57 15.33
C VAL D 235 16.46 36.01 15.29
N ILE D 236 17.17 36.84 14.54
CA ILE D 236 17.04 38.28 14.62
C ILE D 236 15.88 38.69 13.71
N ILE D 237 14.71 38.84 14.31
CA ILE D 237 13.45 39.05 13.59
C ILE D 237 13.25 40.55 13.45
N PRO D 238 12.89 41.04 12.27
CA PRO D 238 12.83 42.49 12.07
C PRO D 238 11.55 43.06 12.66
N PRO D 239 11.62 44.24 13.28
CA PRO D 239 10.40 45.02 13.48
C PRO D 239 9.54 44.91 12.23
N ASP D 240 8.22 44.70 12.38
CA ASP D 240 7.38 44.51 11.19
C ASP D 240 7.47 45.68 10.23
N SER D 241 8.13 46.77 10.62
CA SER D 241 8.29 47.95 9.80
C SER D 241 9.38 47.80 8.75
N TYR D 242 10.39 47.00 9.05
CA TYR D 242 11.65 46.94 8.32
C TYR D 242 11.47 46.64 6.84
N TRP D 243 10.99 45.45 6.53
CA TRP D 243 10.95 45.02 5.14
C TRP D 243 10.13 45.93 4.24
N PRO D 244 9.01 46.50 4.68
CA PRO D 244 8.34 47.49 3.80
C PRO D 244 9.22 48.66 3.44
N GLU D 245 10.13 49.06 4.33
CA GLU D 245 11.10 50.10 3.99
C GLU D 245 12.04 49.62 2.89
N ILE D 246 12.73 48.50 3.13
CA ILE D 246 13.77 48.05 2.20
C ILE D 246 13.23 47.85 0.80
N LYS D 247 11.95 47.54 0.66
CA LYS D 247 11.38 47.43 -0.68
C LYS D 247 11.29 48.82 -1.32
N ARG D 248 10.90 49.83 -0.55
CA ARG D 248 10.92 51.19 -1.05
C ARG D 248 12.34 51.58 -1.47
N ILE D 249 13.28 51.52 -0.52
CA ILE D 249 14.64 51.96 -0.80
C ILE D 249 15.17 51.27 -2.05
N CYS D 250 14.77 50.02 -2.28
CA CYS D 250 15.29 49.23 -3.38
C CYS D 250 14.70 49.58 -4.73
N ALA D 251 13.67 50.43 -4.79
CA ALA D 251 13.03 50.78 -6.07
C ALA D 251 13.67 52.04 -6.64
N GLU D 252 13.46 53.18 -5.97
CA GLU D 252 13.96 54.46 -6.46
C GLU D 252 15.45 54.37 -6.74
N ARG D 253 16.16 53.62 -5.91
CA ARG D 253 17.50 53.15 -6.24
C ARG D 253 17.38 51.93 -7.14
N ASP D 254 18.14 51.92 -8.23
CA ASP D 254 17.95 50.90 -9.27
C ASP D 254 18.84 49.70 -8.94
N ILE D 255 18.39 48.88 -7.99
CA ILE D 255 19.17 47.71 -7.57
C ILE D 255 18.28 46.49 -7.40
N LEU D 256 18.93 45.33 -7.46
CA LEU D 256 18.28 44.04 -7.40
C LEU D 256 18.16 43.58 -5.95
N LEU D 257 17.16 42.77 -5.68
CA LEU D 257 16.95 42.22 -4.34
C LEU D 257 17.38 40.77 -4.33
N ILE D 258 18.14 40.39 -3.32
CA ILE D 258 18.59 39.01 -3.12
C ILE D 258 18.12 38.59 -1.73
N VAL D 259 16.96 37.94 -1.68
CA VAL D 259 16.47 37.39 -0.41
C VAL D 259 17.09 36.02 -0.24
N ASP D 260 17.68 35.77 0.93
CA ASP D 260 18.37 34.51 1.17
C ASP D 260 17.45 33.59 1.94
N GLU D 261 16.86 32.64 1.21
CA GLU D 261 15.86 31.72 1.74
C GLU D 261 16.43 30.35 2.07
N VAL D 262 17.73 30.26 2.34
CA VAL D 262 18.31 28.94 2.60
C VAL D 262 17.81 28.38 3.93
N ILE D 263 17.97 29.13 5.02
CA ILE D 263 17.35 28.72 6.27
C ILE D 263 15.85 29.00 6.22
N THR D 264 15.48 30.24 5.93
CA THR D 264 14.10 30.68 6.03
C THR D 264 13.21 30.07 4.96
N GLY D 265 13.76 29.22 4.09
CA GLY D 265 13.03 28.68 2.97
C GLY D 265 12.47 27.30 3.25
N PHE D 266 11.38 26.99 2.54
CA PHE D 266 10.75 25.67 2.55
C PHE D 266 10.01 25.41 3.86
N GLY D 267 9.14 26.35 4.21
CA GLY D 267 8.18 26.19 5.28
C GLY D 267 8.62 26.72 6.62
N ARG D 268 9.93 26.96 6.80
CA ARG D 268 10.46 27.29 8.11
C ARG D 268 9.70 28.43 8.76
N LEU D 269 9.23 29.39 7.96
CA LEU D 269 8.51 30.56 8.48
C LEU D 269 7.01 30.41 8.33
N GLY D 270 6.47 29.22 8.58
CA GLY D 270 5.06 29.01 8.41
C GLY D 270 4.67 28.94 6.95
N THR D 271 5.05 29.96 6.17
CA THR D 271 4.82 29.94 4.74
C THR D 271 5.95 29.20 4.03
N TRP D 272 5.70 28.84 2.76
CA TRP D 272 6.70 28.11 1.99
C TRP D 272 8.06 28.80 2.06
N PHE D 273 8.07 30.13 1.97
CA PHE D 273 9.30 30.91 1.98
C PHE D 273 9.10 32.18 2.81
N GLY D 274 10.23 32.82 3.16
CA GLY D 274 10.14 34.11 3.81
C GLY D 274 9.63 35.20 2.89
N SER D 275 10.02 35.16 1.61
CA SER D 275 9.54 36.16 0.66
C SER D 275 8.02 36.25 0.72
N GLN D 276 7.38 35.08 0.81
CA GLN D 276 5.93 35.02 0.93
C GLN D 276 5.43 35.79 2.14
N TYR D 277 6.00 35.49 3.29
CA TYR D 277 5.56 36.08 4.55
C TYR D 277 5.76 37.58 4.58
N TYR D 278 6.81 38.08 3.93
CA TYR D 278 7.16 39.49 3.97
C TYR D 278 6.81 40.23 2.68
N ASP D 279 6.00 39.62 1.83
CA ASP D 279 5.66 40.18 0.53
C ASP D 279 6.90 40.81 -0.11
N LEU D 280 7.96 40.01 -0.19
CA LEU D 280 9.15 40.35 -0.94
C LEU D 280 9.10 39.67 -2.30
N GLN D 281 9.69 40.31 -3.30
CA GLN D 281 9.78 39.77 -4.64
C GLN D 281 11.26 39.75 -5.00
N PRO D 282 12.01 38.82 -4.40
CA PRO D 282 13.45 38.77 -4.66
C PRO D 282 13.72 38.75 -6.15
N ASP D 283 14.85 39.32 -6.54
CA ASP D 283 15.35 39.07 -7.88
C ASP D 283 16.15 37.78 -7.92
N LEU D 284 16.84 37.45 -6.83
CA LEU D 284 17.60 36.22 -6.72
C LEU D 284 17.39 35.58 -5.35
N MET D 285 17.16 34.27 -5.34
CA MET D 285 16.87 33.52 -4.12
C MET D 285 17.78 32.31 -4.00
N PRO D 286 18.77 32.31 -3.10
CA PRO D 286 19.49 31.07 -2.80
C PRO D 286 18.71 30.21 -1.81
N ILE D 287 18.52 28.94 -2.17
CA ILE D 287 17.84 27.95 -1.34
C ILE D 287 18.73 26.72 -1.26
N ALA D 288 18.72 26.03 -0.12
CA ALA D 288 19.54 24.84 0.00
C ALA D 288 19.53 24.13 1.35
N LYS D 289 18.57 24.40 2.21
CA LYS D 289 18.47 23.72 3.49
C LYS D 289 17.01 23.34 3.68
N GLY D 290 16.67 22.11 3.36
CA GLY D 290 15.28 21.74 3.24
C GLY D 290 14.81 21.65 1.81
N LEU D 291 15.61 22.14 0.85
CA LEU D 291 15.39 21.74 -0.54
C LEU D 291 15.44 20.23 -0.68
N SER D 292 16.27 19.57 0.13
CA SER D 292 16.28 18.12 0.28
C SER D 292 16.10 17.70 1.73
N SER D 293 15.58 18.60 2.58
CA SER D 293 15.46 18.37 4.02
C SER D 293 16.73 17.74 4.57
N GLY D 294 17.86 18.10 3.97
CA GLY D 294 19.15 17.62 4.40
C GLY D 294 19.46 16.19 4.01
N TYR D 295 18.52 15.49 3.38
CA TYR D 295 18.81 14.11 3.02
C TYR D 295 19.97 14.02 2.05
N MET D 296 20.25 15.08 1.29
CA MET D 296 21.30 15.00 0.28
C MET D 296 21.88 16.35 -0.07
N PRO D 297 23.20 16.46 -0.28
CA PRO D 297 23.79 17.77 -0.57
C PRO D 297 23.31 18.33 -1.90
N ILE D 298 22.70 19.53 -1.85
CA ILE D 298 22.31 20.25 -3.05
C ILE D 298 21.75 21.63 -2.68
N GLY D 299 21.94 22.60 -3.58
CA GLY D 299 21.34 23.92 -3.45
C GLY D 299 21.18 24.55 -4.82
N GLY D 300 20.60 25.75 -4.85
CA GLY D 300 20.40 26.43 -6.12
C GLY D 300 19.96 27.87 -5.91
N VAL D 301 19.61 28.52 -7.03
CA VAL D 301 19.10 29.89 -7.01
C VAL D 301 17.86 29.98 -7.88
N MET D 302 16.81 30.58 -7.33
CA MET D 302 15.69 31.05 -8.13
C MET D 302 16.07 32.37 -8.80
N VAL D 303 15.51 32.60 -9.98
CA VAL D 303 15.84 33.78 -10.78
C VAL D 303 14.53 34.46 -11.17
N SER D 304 14.34 35.70 -10.69
CA SER D 304 13.14 36.43 -11.04
C SER D 304 13.06 36.60 -12.56
N ASP D 305 11.83 36.73 -13.07
CA ASP D 305 11.66 36.84 -14.52
C ASP D 305 12.44 38.03 -15.06
N ARG D 306 12.55 39.09 -14.27
CA ARG D 306 13.30 40.30 -14.62
C ARG D 306 14.73 39.98 -15.02
N VAL D 307 15.57 39.55 -14.06
CA VAL D 307 16.97 39.27 -14.36
C VAL D 307 17.13 38.03 -15.22
N ALA D 308 16.13 37.15 -15.26
CA ALA D 308 16.26 35.94 -16.06
C ALA D 308 16.20 36.22 -17.56
N LYS D 309 15.62 37.35 -17.96
CA LYS D 309 15.58 37.72 -19.36
C LYS D 309 16.90 38.31 -19.82
N VAL D 310 17.61 39.00 -18.94
CA VAL D 310 18.87 39.63 -19.32
C VAL D 310 20.01 38.63 -19.28
N VAL D 311 20.04 37.74 -18.29
CA VAL D 311 21.17 36.82 -18.12
C VAL D 311 21.00 35.57 -18.97
N ILE D 312 19.79 35.04 -19.12
CA ILE D 312 19.62 33.87 -19.99
C ILE D 312 19.56 34.30 -21.46
N GLU D 313 18.83 35.37 -21.77
CA GLU D 313 18.54 35.77 -23.14
C GLU D 313 19.47 36.88 -23.63
N GLU D 314 19.71 36.88 -24.95
CA GLU D 314 20.93 37.46 -25.56
C GLU D 314 21.92 37.79 -24.45
N GLY D 315 22.42 36.72 -23.85
CA GLY D 315 23.55 36.66 -22.95
C GLY D 315 23.62 35.20 -22.52
N GLY D 316 23.38 34.30 -23.48
CA GLY D 316 23.13 32.89 -23.22
C GLY D 316 24.14 32.16 -22.37
N GLU D 317 25.22 32.83 -22.01
CA GLU D 317 26.29 32.22 -21.24
C GLU D 317 26.08 32.42 -19.75
N PHE D 318 26.70 31.53 -18.96
CA PHE D 318 26.81 31.67 -17.52
C PHE D 318 25.61 32.36 -16.87
N GLY D 326 24.39 20.40 -11.12
CA GLY D 326 23.41 19.92 -10.15
C GLY D 326 23.35 18.41 -10.11
N HIS D 327 24.01 17.80 -9.12
CA HIS D 327 24.13 16.35 -9.09
C HIS D 327 22.76 15.70 -9.29
N PRO D 328 22.63 14.78 -10.25
CA PRO D 328 21.28 14.28 -10.56
C PRO D 328 20.68 13.48 -9.41
N VAL D 329 21.48 12.69 -8.71
CA VAL D 329 20.96 11.90 -7.59
C VAL D 329 20.37 12.82 -6.52
N ALA D 330 21.06 13.93 -6.21
CA ALA D 330 20.53 14.84 -5.21
C ALA D 330 19.31 15.60 -5.73
N ALA D 331 19.22 15.81 -7.04
CA ALA D 331 18.04 16.46 -7.59
C ALA D 331 16.79 15.62 -7.35
N ALA D 332 16.88 14.32 -7.60
CA ALA D 332 15.75 13.43 -7.35
C ALA D 332 15.31 13.52 -5.90
N VAL D 333 16.23 13.30 -4.96
CA VAL D 333 15.87 13.36 -3.54
C VAL D 333 15.16 14.67 -3.23
N ALA D 334 15.73 15.78 -3.70
CA ALA D 334 15.14 17.09 -3.41
C ALA D 334 13.78 17.23 -4.06
N ALA D 335 13.62 16.72 -5.29
CA ALA D 335 12.32 16.79 -5.95
C ALA D 335 11.25 16.07 -5.12
N GLU D 336 11.55 14.84 -4.69
CA GLU D 336 10.58 14.07 -3.92
C GLU D 336 10.32 14.71 -2.56
N ASN D 337 11.32 15.36 -1.97
CA ASN D 337 11.10 16.03 -0.68
C ASN D 337 10.09 17.15 -0.81
N ILE D 338 10.19 17.95 -1.88
CA ILE D 338 9.19 18.98 -2.15
C ILE D 338 7.84 18.34 -2.42
N ARG D 339 7.82 17.27 -3.21
CA ARG D 339 6.59 16.55 -3.47
C ARG D 339 5.85 16.24 -2.17
N ILE D 340 6.48 15.40 -1.35
CA ILE D 340 5.94 15.01 -0.05
C ILE D 340 5.39 16.23 0.69
N MET D 341 6.13 17.33 0.69
CA MET D 341 5.75 18.49 1.49
C MET D 341 4.49 19.17 0.97
N ARG D 342 4.23 19.10 -0.33
CA ARG D 342 3.03 19.71 -0.90
C ARG D 342 1.85 18.75 -0.88
N ASP D 343 2.07 17.50 -1.26
CA ASP D 343 1.00 16.51 -1.25
C ASP D 343 0.45 16.31 0.16
N GLU D 344 1.34 16.16 1.14
CA GLU D 344 0.96 15.85 2.51
C GLU D 344 0.75 17.10 3.36
N GLY D 345 0.69 18.29 2.74
CA GLY D 345 0.39 19.51 3.44
C GLY D 345 1.28 19.79 4.64
N ILE D 346 2.54 19.39 4.57
CA ILE D 346 3.41 19.49 5.73
C ILE D 346 3.60 20.95 6.12
N ILE D 347 3.82 21.81 5.13
CA ILE D 347 4.10 23.21 5.42
C ILE D 347 2.82 23.98 5.71
N GLU D 348 1.70 23.59 5.11
CA GLU D 348 0.43 24.28 5.39
C GLU D 348 0.01 24.07 6.84
N ARG D 349 0.14 22.84 7.33
CA ARG D 349 -0.23 22.54 8.72
C ARG D 349 0.76 23.18 9.68
N ALA D 350 2.06 22.99 9.43
CA ALA D 350 3.08 23.59 10.28
C ALA D 350 2.81 25.06 10.54
N GLY D 351 2.21 25.75 9.58
CA GLY D 351 1.98 27.18 9.70
C GLY D 351 0.63 27.57 10.26
N ALA D 352 -0.36 26.68 10.14
CA ALA D 352 -1.72 26.96 10.58
C ALA D 352 -2.13 26.21 11.83
N GLU D 353 -1.56 25.03 12.06
CA GLU D 353 -1.93 24.16 13.16
C GLU D 353 -0.93 24.20 14.31
N ILE D 354 0.36 24.10 13.99
CA ILE D 354 1.40 23.96 15.00
C ILE D 354 2.20 25.24 15.19
N ALA D 355 2.38 26.05 14.14
CA ALA D 355 3.09 27.32 14.30
C ALA D 355 2.39 28.25 15.26
N PRO D 356 1.12 28.61 15.08
CA PRO D 356 0.45 29.44 16.09
C PRO D 356 0.59 28.84 17.48
N TYR D 357 0.52 27.52 17.54
CA TYR D 357 0.58 26.78 18.80
C TYR D 357 1.96 26.91 19.44
N LEU D 358 3.03 26.61 18.71
CA LEU D 358 4.38 26.79 19.26
C LEU D 358 4.69 28.26 19.52
N GLN D 359 4.18 29.17 18.67
CA GLN D 359 4.45 30.59 18.88
C GLN D 359 3.82 31.11 20.16
N ALA D 360 2.79 30.44 20.66
CA ALA D 360 2.20 30.83 21.94
C ALA D 360 3.06 30.36 23.12
N ARG D 361 3.40 29.08 23.15
CA ARG D 361 4.04 28.50 24.32
C ARG D 361 5.54 28.79 24.41
N TRP D 362 6.22 29.12 23.31
CA TRP D 362 7.57 29.67 23.46
C TRP D 362 7.51 30.97 24.26
N ARG D 363 6.56 31.85 23.93
CA ARG D 363 6.39 33.09 24.69
C ARG D 363 6.14 32.80 26.18
N GLU D 364 5.62 31.62 26.52
CA GLU D 364 5.50 31.24 27.93
C GLU D 364 6.86 31.26 28.62
N LEU D 365 7.82 30.48 28.07
CA LEU D 365 9.18 30.53 28.62
C LEU D 365 9.71 31.94 28.64
N GLY D 366 9.04 32.84 27.94
CA GLY D 366 9.34 34.24 27.94
C GLY D 366 9.47 34.88 29.30
N GLU D 367 8.95 34.26 30.38
CA GLU D 367 8.98 34.94 31.67
C GLU D 367 9.42 34.05 32.83
N HIS D 368 10.17 32.98 32.54
CA HIS D 368 11.13 32.39 33.47
C HIS D 368 12.02 33.50 33.99
N PRO D 369 12.64 33.37 35.18
CA PRO D 369 13.43 34.48 35.72
C PRO D 369 14.53 35.03 34.81
N LEU D 370 14.86 34.37 33.69
CA LEU D 370 16.06 34.73 32.94
C LEU D 370 15.81 35.07 31.46
N VAL D 371 14.59 35.44 31.08
CA VAL D 371 14.26 35.62 29.66
C VAL D 371 13.74 37.03 29.43
N GLY D 372 14.47 37.79 28.61
CA GLY D 372 14.09 39.15 28.28
C GLY D 372 13.17 39.28 27.08
N GLU D 373 13.50 38.60 25.98
CA GLU D 373 12.65 38.56 24.80
C GLU D 373 12.40 37.12 24.40
N ALA D 374 11.20 36.85 23.90
CA ALA D 374 10.86 35.60 23.25
C ALA D 374 10.36 35.95 21.85
N ARG D 375 11.16 35.63 20.84
CA ARG D 375 10.85 35.98 19.46
C ARG D 375 10.52 34.73 18.69
N GLY D 376 9.59 34.84 17.75
CA GLY D 376 9.34 33.72 16.88
C GLY D 376 8.40 33.97 15.72
N VAL D 377 8.76 33.37 14.58
CA VAL D 377 7.87 33.23 13.44
C VAL D 377 7.87 31.76 13.06
N GLY D 378 6.71 31.26 12.63
CA GLY D 378 6.62 29.89 12.15
C GLY D 378 7.30 28.90 13.07
N MET D 379 8.08 28.00 12.47
CA MET D 379 8.74 26.92 13.18
C MET D 379 10.16 27.29 13.59
N VAL D 380 10.43 28.58 13.72
CA VAL D 380 11.70 29.10 14.18
C VAL D 380 11.38 30.05 15.32
N ALA D 381 12.32 30.19 16.26
CA ALA D 381 12.11 31.13 17.36
C ALA D 381 13.32 31.10 18.28
N ALA D 382 13.45 32.16 19.06
CA ALA D 382 14.56 32.29 19.98
C ALA D 382 14.12 33.09 21.19
N LEU D 383 14.87 32.94 22.28
CA LEU D 383 14.74 33.75 23.47
C LEU D 383 16.11 34.32 23.80
N GLU D 384 16.12 35.37 24.63
CA GLU D 384 17.36 36.02 25.03
C GLU D 384 17.64 35.75 26.51
N LEU D 385 18.89 35.42 26.82
CA LEU D 385 19.32 35.14 28.19
C LEU D 385 19.93 36.40 28.80
N VAL D 386 19.48 36.76 30.01
CA VAL D 386 19.79 38.06 30.60
C VAL D 386 19.99 37.92 32.11
N LYS D 387 20.72 38.91 32.67
CA LYS D 387 21.15 38.85 34.07
C LYS D 387 20.00 39.17 35.02
N SER D 388 19.26 40.26 34.76
CA SER D 388 18.03 40.58 35.47
C SER D 388 17.02 41.09 34.45
N LYS D 389 15.74 40.82 34.70
CA LYS D 389 14.73 41.08 33.69
C LYS D 389 14.32 42.56 33.69
N GLN D 390 13.52 42.97 34.67
CA GLN D 390 12.98 44.33 34.67
C GLN D 390 14.04 45.39 35.01
N PRO D 391 15.03 45.08 35.85
CA PRO D 391 16.19 46.00 35.94
C PRO D 391 16.97 46.07 34.65
N LEU D 392 16.81 45.07 33.76
CA LEU D 392 17.44 45.02 32.44
C LEU D 392 18.95 45.01 32.55
N GLU D 393 19.55 43.83 32.34
CA GLU D 393 21.00 43.69 32.40
C GLU D 393 21.42 42.54 31.47
N ARG D 394 22.58 42.71 30.85
CA ARG D 394 23.17 41.70 29.98
C ARG D 394 24.36 41.07 30.70
N PHE D 395 24.79 39.92 30.19
CA PHE D 395 25.85 39.16 30.85
C PHE D 395 27.21 39.68 30.43
N GLU D 396 28.17 39.65 31.37
CA GLU D 396 29.57 39.81 31.01
C GLU D 396 30.04 38.48 30.42
N GLU D 397 30.35 38.47 29.12
CA GLU D 397 30.65 37.23 28.42
C GLU D 397 29.39 36.36 28.43
N PRO D 398 28.31 36.78 27.76
CA PRO D 398 27.11 35.93 27.70
C PRO D 398 27.32 34.63 26.96
N GLY D 399 28.36 34.53 26.13
CA GLY D 399 28.62 33.27 25.44
C GLY D 399 28.87 32.13 26.40
N LYS D 400 29.68 32.38 27.44
CA LYS D 400 29.90 31.39 28.48
C LYS D 400 28.57 30.84 29.01
N VAL D 401 27.53 31.67 29.02
CA VAL D 401 26.26 31.26 29.61
C VAL D 401 25.57 30.23 28.72
N GLY D 402 25.22 30.62 27.49
CA GLY D 402 24.57 29.69 26.58
C GLY D 402 25.36 28.41 26.42
N SER D 403 26.70 28.53 26.38
CA SER D 403 27.56 27.34 26.36
C SER D 403 27.10 26.32 27.38
N LEU D 404 26.71 26.80 28.56
CA LEU D 404 26.16 25.92 29.58
C LEU D 404 24.77 25.44 29.18
N CYS D 405 23.87 26.38 28.87
CA CYS D 405 22.48 26.00 28.62
C CYS D 405 22.35 25.02 27.48
N ARG D 406 23.30 25.02 26.54
CA ARG D 406 23.30 24.00 25.51
C ARG D 406 23.56 22.63 26.11
N ASP D 407 24.69 22.46 26.79
CA ASP D 407 25.02 21.16 27.37
C ASP D 407 23.94 20.65 28.30
N LEU D 408 23.18 21.55 28.92
CA LEU D 408 22.09 21.10 29.77
C LEU D 408 20.86 20.77 28.94
N SER D 409 20.67 21.44 27.80
CA SER D 409 19.57 21.07 26.93
C SER D 409 19.83 19.72 26.28
N VAL D 410 21.09 19.44 25.93
CA VAL D 410 21.41 18.17 25.29
C VAL D 410 21.28 17.03 26.30
N LYS D 411 21.75 17.24 27.53
CA LYS D 411 21.64 16.19 28.55
C LYS D 411 20.21 16.02 29.02
N ASN D 412 19.42 17.10 28.99
CA ASN D 412 17.98 16.99 29.19
C ASN D 412 17.24 16.57 27.93
N GLY D 413 18.00 16.11 26.91
CA GLY D 413 17.40 15.45 25.77
C GLY D 413 16.90 16.36 24.67
N LEU D 414 17.47 17.55 24.54
CA LEU D 414 16.99 18.54 23.58
C LEU D 414 18.18 19.17 22.90
N VAL D 415 18.13 19.28 21.57
CA VAL D 415 19.11 20.07 20.84
C VAL D 415 18.54 21.49 20.76
N MET D 416 19.16 22.41 21.49
CA MET D 416 18.68 23.78 21.57
C MET D 416 19.89 24.69 21.49
N ARG D 417 19.88 25.58 20.53
CA ARG D 417 21.14 26.14 20.05
C ARG D 417 21.43 27.52 20.62
N ALA D 418 22.70 27.73 20.94
CA ALA D 418 23.16 28.95 21.56
C ALA D 418 23.99 29.74 20.57
N VAL D 419 23.52 30.93 20.21
CA VAL D 419 24.31 31.93 19.51
C VAL D 419 24.63 33.01 20.54
N GLY D 420 25.87 33.03 21.02
CA GLY D 420 26.20 33.89 22.14
C GLY D 420 25.25 33.64 23.29
N GLY D 421 24.45 34.64 23.64
CA GLY D 421 23.45 34.53 24.67
C GLY D 421 22.03 34.29 24.18
N THR D 422 21.84 34.13 22.88
CA THR D 422 20.53 33.83 22.32
C THR D 422 20.36 32.33 22.16
N MET D 423 19.31 31.79 22.75
CA MET D 423 18.94 30.39 22.60
C MET D 423 17.90 30.29 21.49
N ILE D 424 18.07 29.30 20.61
CA ILE D 424 17.24 29.19 19.41
C ILE D 424 16.77 27.75 19.24
N ILE D 425 15.62 27.61 18.57
CA ILE D 425 15.12 26.32 18.13
C ILE D 425 14.58 26.48 16.71
N SER D 426 14.73 25.43 15.91
CA SER D 426 14.14 25.36 14.57
C SER D 426 13.78 23.91 14.31
N PRO D 427 12.76 23.38 14.97
CA PRO D 427 12.46 21.96 14.89
C PRO D 427 11.95 21.59 13.50
N PRO D 428 11.94 20.30 13.16
CA PRO D 428 11.34 19.89 11.89
C PRO D 428 9.91 20.41 11.75
N LEU D 429 9.43 20.55 10.52
CA LEU D 429 8.05 20.97 10.33
C LEU D 429 7.06 19.89 10.78
N VAL D 430 7.58 18.70 11.11
CA VAL D 430 6.74 17.56 11.46
C VAL D 430 6.50 17.45 12.94
N LEU D 431 7.06 18.37 13.74
CA LEU D 431 6.78 18.38 15.15
C LEU D 431 5.27 18.27 15.34
N SER D 432 4.85 17.53 16.35
CA SER D 432 3.44 17.41 16.69
C SER D 432 3.11 18.25 17.91
N ARG D 433 1.83 18.59 18.04
CA ARG D 433 1.42 19.41 19.18
C ARG D 433 1.80 18.77 20.50
N GLU D 434 1.90 17.44 20.56
CA GLU D 434 2.36 16.82 21.80
C GLU D 434 3.87 16.94 21.96
N GLN D 435 4.58 17.02 20.83
CA GLN D 435 6.04 17.11 20.86
C GLN D 435 6.54 18.50 21.26
N VAL D 436 5.71 19.54 21.11
CA VAL D 436 6.14 20.85 21.59
C VAL D 436 6.12 20.87 23.11
N ASP D 437 5.12 20.23 23.71
CA ASP D 437 5.09 20.10 25.16
C ASP D 437 6.38 19.49 25.67
N GLU D 438 6.86 18.45 24.97
CA GLU D 438 8.17 17.88 25.28
C GLU D 438 9.26 18.95 25.17
N LEU D 439 9.26 19.69 24.06
CA LEU D 439 10.31 20.67 23.83
C LEU D 439 10.20 21.84 24.79
N ILE D 440 8.97 22.28 25.10
CA ILE D 440 8.78 23.36 26.04
C ILE D 440 9.24 22.94 27.44
N ASP D 441 8.76 21.80 27.90
CA ASP D 441 9.14 21.33 29.23
C ASP D 441 10.62 21.00 29.30
N LYS D 442 11.16 20.35 28.27
CA LYS D 442 12.59 20.06 28.25
C LYS D 442 13.40 21.34 28.34
N ALA D 443 12.97 22.37 27.59
CA ALA D 443 13.63 23.67 27.67
C ALA D 443 13.40 24.31 29.02
N ARG D 444 12.16 24.28 29.51
CA ARG D 444 11.85 24.89 30.79
C ARG D 444 12.67 24.27 31.91
N ARG D 445 12.81 22.94 31.92
CA ARG D 445 13.71 22.32 32.88
C ARG D 445 15.14 22.81 32.67
N THR D 446 15.61 22.76 31.42
CA THR D 446 16.97 23.21 31.12
C THR D 446 17.21 24.63 31.60
N LEU D 447 16.18 25.47 31.58
CA LEU D 447 16.37 26.87 31.96
C LEU D 447 16.56 27.01 33.46
N ASP D 448 15.66 26.41 34.25
CA ASP D 448 15.82 26.42 35.69
C ASP D 448 17.12 25.75 36.12
N GLU D 449 17.63 24.80 35.33
CA GLU D 449 18.93 24.21 35.64
C GLU D 449 20.05 25.24 35.47
N THR D 450 20.01 26.05 34.40
CA THR D 450 21.08 27.01 34.19
C THR D 450 21.00 28.16 35.18
N HIS D 451 19.77 28.60 35.50
CA HIS D 451 19.58 29.65 36.48
C HIS D 451 20.33 29.34 37.78
N LYS D 452 20.24 28.09 38.25
CA LYS D 452 20.88 27.75 39.51
C LYS D 452 22.40 27.77 39.39
N ALA D 453 22.94 27.27 38.28
CA ALA D 453 24.39 27.14 38.14
C ALA D 453 25.09 28.49 38.18
N ILE D 454 24.33 29.57 38.32
CA ILE D 454 24.90 30.90 38.49
C ILE D 454 24.29 31.54 39.74
N GLY D 455 22.98 31.72 39.75
CA GLY D 455 22.30 32.23 40.94
C GLY D 455 22.33 31.26 42.10
#